data_6QQ6
#
_entry.id   6QQ6
#
_cell.length_a   1.00
_cell.length_b   1.00
_cell.length_c   1.00
_cell.angle_alpha   90.00
_cell.angle_beta   90.00
_cell.angle_gamma   90.00
#
_symmetry.space_group_name_H-M   'P 1'
#
loop_
_entity.id
_entity.type
_entity.pdbx_description
1 polymer 'Nitric oxide reductase subunit B'
2 non-polymer 'PROTOPORPHYRIN IX CONTAINING FE'
3 non-polymer 'FE (III) ION'
4 non-polymer 'CALCIUM ION'
5 non-polymer '(1R)-2-{[(R)-(2-AMINOETHOXY)(HYDROXY)PHOSPHORYL]OXY}-1-[(DODECANOYLOXY)METHYL]ETHYL (9Z)-OCTADEC-9-ENOATE'
6 non-polymer DODECYL-BETA-D-MALTOSIDE
7 water water
#
_entity_poly.entity_id   1
_entity_poly.type   'polypeptide(L)'
_entity_poly.pdbx_seq_one_letter_code
;MGPYRRLWFTLIAVLAVTFALLGFYGGEVYRQAPPIPEEVASADGTRLFGRDDILDGQTAWQSIGGMQLGSIWGHGAYQA
PDWTADWLHRELMAWLDLAARDAHGRDYGQLDAPAQAALREQLKAEYRANRADAAGGKLTLSPRRAQAVAQTEAYYDQLF
SDAPALHRSRENYAMKENTLPDANRRRQMTHFFFWTAWAAGTEREGTSVTYTNNWPHEPLIGNHPSSENVMWSIISVVVL
LAGIGLLIWAWAFLRGKEEDEPPAPARDPLTTFALTPSQRALGKYLFLVVALFGFQVLLGGFTAHYTVEGQKFYGIDLSQ
WFPYSLVRTWHIQSALFWIATGFLAAGLFLAPLINGGRDPKYQKAGVDILFWALVLVVVGSFAGNYLAIAQIMPPDLNFW
LGHQGYEYVDLGRLWQIGKFAGICFWLVLMLRGIVPALRTPGGDKNLLALLTASVGAIGLFYGAGFFYGERTHLTVMEYW
RWWIVHLWVEGFFEAFATTALAFIFSTLGLVSRRMATTASLASASLFMLGGIPGTFHHLYFAGTTTPVMAVGASFSALEV
VPLIVLGHEAWENWRLKTRAPWMENLKWPLMCFVAVAFWNMLGAGVFGFMINPPVSLYYIQGLNTTPVHAHAALFGVYGF
LALGFTLLVLRYIRPQYALSPGLMKLAFWGLNLGLALMIFTSLLPIGLIQFHASVSEGMWYARSEAFMQQDILKTLRWGR
TFGDVVFLLGALAMVVQVILGLLSGK
;
_entity_poly.pdbx_strand_id   A,B
#
loop_
_chem_comp.id
_chem_comp.type
_chem_comp.name
_chem_comp.formula
CA non-polymer 'CALCIUM ION' 'Ca 2'
FE non-polymer 'FE (III) ION' 'Fe 3'
HEM non-polymer 'PROTOPORPHYRIN IX CONTAINING FE' 'C34 H32 Fe N4 O4'
LMT D-saccharide DODECYL-BETA-D-MALTOSIDE 'C24 H46 O11'
LOP non-polymer '(1R)-2-{[(R)-(2-AMINOETHOXY)(HYDROXY)PHOSPHORYL]OXY}-1-[(DODECANOYLOXY)METHYL]ETHYL (9Z)-OCTADEC-9-ENOATE' 'C35 H68 N O8 P'
#
# COMPACT_ATOMS: atom_id res chain seq x y z
N MET A 1 -3.42 -32.41 20.91
CA MET A 1 -3.41 -32.93 22.27
C MET A 1 -4.15 -31.97 23.21
N GLY A 2 -4.82 -32.54 24.21
CA GLY A 2 -5.59 -31.75 25.16
C GLY A 2 -6.81 -31.13 24.53
N PRO A 3 -7.33 -30.07 25.14
CA PRO A 3 -8.43 -29.32 24.51
C PRO A 3 -7.95 -28.24 23.55
N TYR A 4 -6.98 -28.58 22.70
CA TYR A 4 -6.44 -27.68 21.67
C TYR A 4 -6.31 -28.42 20.34
N ARG A 5 -7.31 -29.26 20.02
CA ARG A 5 -7.25 -30.00 18.76
C ARG A 5 -7.49 -29.11 17.55
N ARG A 6 -8.14 -27.96 17.73
CA ARG A 6 -8.31 -27.03 16.62
C ARG A 6 -7.04 -26.26 16.34
N LEU A 7 -6.45 -25.65 17.38
CA LEU A 7 -5.31 -24.75 17.20
C LEU A 7 -4.06 -25.50 16.79
N TRP A 8 -3.84 -26.69 17.36
CA TRP A 8 -2.65 -27.48 17.01
C TRP A 8 -2.74 -28.00 15.58
N PHE A 9 -3.93 -28.41 15.15
CA PHE A 9 -4.07 -28.89 13.78
C PHE A 9 -4.01 -27.73 12.78
N THR A 10 -4.48 -26.55 13.19
CA THR A 10 -4.32 -25.35 12.36
C THR A 10 -2.84 -25.01 12.20
N LEU A 11 -2.07 -25.11 13.29
CA LEU A 11 -0.63 -24.83 13.24
C LEU A 11 0.12 -25.84 12.39
N ILE A 12 -0.21 -27.12 12.51
CA ILE A 12 0.44 -28.16 11.72
C ILE A 12 0.07 -28.03 10.24
N ALA A 13 -1.19 -27.67 9.94
CA ALA A 13 -1.59 -27.50 8.55
C ALA A 13 -0.94 -26.28 7.92
N VAL A 14 -0.79 -25.19 8.70
CA VAL A 14 -0.09 -24.01 8.21
C VAL A 14 1.39 -24.31 7.95
N LEU A 15 2.02 -25.05 8.87
CA LEU A 15 3.41 -25.47 8.70
C LEU A 15 3.59 -26.32 7.46
N ALA A 16 2.71 -27.29 7.23
CA ALA A 16 2.83 -28.19 6.09
C ALA A 16 2.57 -27.47 4.78
N VAL A 17 1.56 -26.59 4.74
CA VAL A 17 1.24 -25.86 3.51
C VAL A 17 2.35 -24.90 3.14
N THR A 18 2.85 -24.12 4.10
CA THR A 18 3.90 -23.16 3.79
C THR A 18 5.24 -23.83 3.53
N PHE A 19 5.50 -25.00 4.11
CA PHE A 19 6.77 -25.65 3.79
C PHE A 19 6.71 -26.41 2.47
N ALA A 20 5.54 -26.89 2.06
CA ALA A 20 5.39 -27.36 0.69
C ALA A 20 5.51 -26.21 -0.30
N LEU A 21 5.03 -25.03 0.08
CA LEU A 21 5.18 -23.84 -0.76
C LEU A 21 6.64 -23.40 -0.84
N LEU A 22 7.43 -23.65 0.19
CA LEU A 22 8.86 -23.37 0.09
C LEU A 22 9.57 -24.42 -0.75
N GLY A 23 9.22 -25.70 -0.59
CA GLY A 23 9.95 -26.76 -1.27
C GLY A 23 9.69 -26.79 -2.77
N PHE A 24 8.42 -26.69 -3.17
CA PHE A 24 8.06 -26.78 -4.57
C PHE A 24 8.58 -25.59 -5.37
N TYR A 25 8.71 -24.43 -4.73
CA TYR A 25 9.29 -23.29 -5.41
C TYR A 25 10.81 -23.19 -5.24
N GLY A 26 11.38 -23.85 -4.23
CA GLY A 26 12.82 -23.97 -4.16
C GLY A 26 13.37 -24.89 -5.23
N GLY A 27 12.60 -25.89 -5.62
CA GLY A 27 12.94 -26.66 -6.82
C GLY A 27 13.00 -25.80 -8.07
N GLU A 28 12.08 -24.83 -8.18
CA GLU A 28 12.08 -23.94 -9.33
C GLU A 28 13.24 -22.94 -9.27
N VAL A 29 13.57 -22.47 -8.08
CA VAL A 29 14.68 -21.54 -7.96
C VAL A 29 15.90 -22.28 -8.43
N TYR A 30 15.99 -23.55 -8.08
CA TYR A 30 17.08 -24.41 -8.50
C TYR A 30 17.15 -24.68 -10.01
N ARG A 31 16.01 -24.88 -10.65
CA ARG A 31 16.03 -25.22 -12.07
C ARG A 31 15.77 -24.05 -13.02
N GLN A 32 15.23 -22.93 -12.54
CA GLN A 32 15.03 -21.75 -13.37
C GLN A 32 16.07 -20.68 -13.10
N ALA A 33 17.22 -21.06 -12.58
CA ALA A 33 18.32 -20.17 -12.30
C ALA A 33 19.02 -19.76 -13.60
N PRO A 34 19.65 -18.59 -13.66
CA PRO A 34 20.37 -18.19 -14.87
C PRO A 34 21.62 -19.02 -15.06
N PRO A 35 21.89 -19.46 -16.28
CA PRO A 35 23.03 -20.38 -16.50
C PRO A 35 24.34 -19.62 -16.49
N ILE A 36 25.32 -20.16 -15.76
CA ILE A 36 26.69 -19.67 -15.88
C ILE A 36 27.24 -20.30 -17.15
N PRO A 37 27.58 -19.50 -18.16
CA PRO A 37 27.95 -20.07 -19.46
C PRO A 37 29.31 -20.73 -19.42
N GLU A 38 29.41 -21.88 -20.09
CA GLU A 38 30.62 -22.70 -20.04
C GLU A 38 31.78 -22.02 -20.74
N GLU A 39 31.52 -21.39 -21.88
CA GLU A 39 32.57 -20.73 -22.65
C GLU A 39 32.01 -19.43 -23.23
N VAL A 40 32.42 -18.30 -22.67
CA VAL A 40 32.12 -17.00 -23.27
C VAL A 40 33.14 -16.75 -24.37
N ALA A 41 32.66 -16.30 -25.52
CA ALA A 41 33.53 -16.03 -26.65
C ALA A 41 32.98 -14.85 -27.44
N SER A 42 33.85 -14.20 -28.21
CA SER A 42 33.39 -13.15 -29.10
C SER A 42 32.83 -13.78 -30.38
N ALA A 43 32.34 -12.92 -31.28
CA ALA A 43 31.69 -13.43 -32.48
C ALA A 43 32.70 -13.98 -33.49
N ASP A 44 33.92 -13.46 -33.45
CA ASP A 44 34.97 -13.92 -34.35
C ASP A 44 35.38 -15.35 -33.98
N GLY A 45 35.58 -15.58 -32.69
CA GLY A 45 35.96 -16.90 -32.21
C GLY A 45 37.10 -16.92 -31.23
N THR A 46 37.51 -15.75 -30.74
CA THR A 46 38.55 -15.72 -29.72
C THR A 46 37.98 -16.21 -28.39
N ARG A 47 38.86 -16.77 -27.57
CA ARG A 47 38.43 -17.46 -26.35
C ARG A 47 38.49 -16.47 -25.19
N LEU A 48 37.33 -16.02 -24.74
CA LEU A 48 37.21 -15.23 -23.52
C LEU A 48 37.07 -16.18 -22.33
N PHE A 49 36.65 -15.66 -21.19
CA PHE A 49 36.55 -16.39 -19.94
C PHE A 49 35.50 -17.50 -20.03
N GLY A 50 35.52 -18.38 -19.03
CA GLY A 50 34.55 -19.45 -18.94
C GLY A 50 33.86 -19.45 -17.60
N ARG A 51 33.08 -20.50 -17.30
CA ARG A 51 32.42 -20.56 -15.99
C ARG A 51 33.41 -20.83 -14.87
N ASP A 52 34.56 -21.43 -15.17
CA ASP A 52 35.56 -21.64 -14.14
C ASP A 52 36.21 -20.33 -13.73
N ASP A 53 36.47 -19.45 -14.69
CA ASP A 53 36.98 -18.12 -14.37
C ASP A 53 35.93 -17.26 -13.68
N ILE A 54 34.65 -17.44 -14.04
CA ILE A 54 33.57 -16.70 -13.38
C ILE A 54 33.44 -17.13 -11.92
N LEU A 55 33.53 -18.42 -11.66
CA LEU A 55 33.42 -18.89 -10.28
C LEU A 55 34.68 -18.61 -9.47
N ASP A 56 35.86 -18.59 -10.12
CA ASP A 56 37.06 -18.16 -9.42
C ASP A 56 37.02 -16.67 -9.11
N GLY A 57 36.40 -15.88 -9.98
CA GLY A 57 36.17 -14.49 -9.66
C GLY A 57 35.11 -14.28 -8.59
N GLN A 58 34.15 -15.19 -8.52
CA GLN A 58 33.19 -15.17 -7.41
C GLN A 58 33.89 -15.44 -6.09
N THR A 59 34.83 -16.39 -6.07
CA THR A 59 35.62 -16.65 -4.87
C THR A 59 36.53 -15.47 -4.53
N ALA A 60 37.11 -14.83 -5.54
CA ALA A 60 37.91 -13.64 -5.32
C ALA A 60 37.07 -12.49 -4.78
N TRP A 61 35.83 -12.37 -5.24
CA TRP A 61 34.91 -11.37 -4.70
C TRP A 61 34.52 -11.68 -3.27
N GLN A 62 34.38 -12.97 -2.93
CA GLN A 62 34.15 -13.35 -1.54
C GLN A 62 35.36 -13.03 -0.67
N SER A 63 36.57 -13.04 -1.25
CA SER A 63 37.77 -12.78 -0.44
C SER A 63 37.86 -11.33 0.01
N ILE A 64 37.39 -10.39 -0.80
CA ILE A 64 37.57 -8.97 -0.49
C ILE A 64 36.57 -8.43 0.52
N GLY A 65 35.58 -9.23 0.91
CA GLY A 65 34.54 -8.73 1.78
C GLY A 65 33.18 -9.15 1.28
N GLY A 66 33.05 -9.31 -0.03
CA GLY A 66 31.81 -9.79 -0.61
C GLY A 66 30.71 -8.77 -0.58
N MET A 67 29.62 -9.08 0.12
CA MET A 67 28.48 -8.19 0.22
C MET A 67 28.65 -7.12 1.29
N GLN A 68 29.83 -7.01 1.90
CA GLN A 68 30.07 -5.93 2.84
C GLN A 68 30.79 -4.75 2.23
N LEU A 69 31.36 -4.91 1.04
CA LEU A 69 31.90 -3.77 0.32
C LEU A 69 30.81 -3.04 -0.45
N GLY A 70 30.21 -3.73 -1.42
CA GLY A 70 29.08 -3.18 -2.16
C GLY A 70 28.02 -4.22 -2.40
N SER A 71 27.02 -3.91 -3.20
CA SER A 71 25.92 -4.84 -3.44
C SER A 71 26.19 -5.69 -4.67
N ILE A 72 25.60 -6.88 -4.67
CA ILE A 72 25.42 -7.71 -5.87
C ILE A 72 23.97 -8.14 -5.91
N TRP A 73 23.28 -7.76 -6.99
CA TRP A 73 21.85 -8.00 -7.22
C TRP A 73 21.00 -7.37 -6.11
N GLY A 74 21.43 -6.20 -5.63
CA GLY A 74 20.71 -5.46 -4.63
C GLY A 74 21.08 -5.79 -3.19
N HIS A 75 21.60 -6.99 -2.93
CA HIS A 75 21.89 -7.45 -1.58
C HIS A 75 23.33 -7.13 -1.25
N GLY A 76 23.55 -6.18 -0.34
CA GLY A 76 24.90 -5.87 0.07
C GLY A 76 24.96 -4.68 0.98
N ALA A 77 26.12 -4.01 0.98
CA ALA A 77 26.30 -2.74 1.65
C ALA A 77 25.87 -1.60 0.72
N TYR A 78 25.88 -0.37 1.22
CA TYR A 78 25.23 0.71 0.51
C TYR A 78 26.10 1.93 0.26
N GLN A 79 27.37 1.89 0.63
CA GLN A 79 28.26 3.01 0.32
C GLN A 79 28.89 2.87 -1.05
N ALA A 80 29.56 1.74 -1.29
CA ALA A 80 30.06 1.45 -2.62
C ALA A 80 28.88 1.12 -3.54
N PRO A 81 29.02 1.33 -4.85
CA PRO A 81 27.89 1.08 -5.74
C PRO A 81 27.56 -0.40 -5.85
N ASP A 82 26.35 -0.66 -6.30
CA ASP A 82 25.96 -2.01 -6.65
C ASP A 82 26.68 -2.39 -7.94
N TRP A 83 27.48 -3.45 -7.88
CA TRP A 83 28.40 -3.71 -8.98
C TRP A 83 27.68 -4.28 -10.20
N THR A 84 26.56 -4.97 -10.01
CA THR A 84 25.81 -5.46 -11.16
C THR A 84 24.98 -4.38 -11.84
N ALA A 85 24.84 -3.21 -11.23
CA ALA A 85 24.23 -2.06 -11.90
C ALA A 85 25.28 -1.09 -12.42
N ASP A 86 26.38 -0.93 -11.70
CA ASP A 86 27.44 -0.04 -12.15
C ASP A 86 28.19 -0.63 -13.34
N TRP A 87 28.45 -1.95 -13.31
CA TRP A 87 29.01 -2.62 -14.49
C TRP A 87 28.05 -2.56 -15.66
N LEU A 88 26.75 -2.70 -15.40
CA LEU A 88 25.76 -2.66 -16.47
C LEU A 88 25.73 -1.28 -17.12
N HIS A 89 25.72 -0.21 -16.31
CA HIS A 89 25.66 1.13 -16.88
C HIS A 89 26.96 1.50 -17.58
N ARG A 90 28.11 1.08 -17.04
CA ARG A 90 29.37 1.38 -17.71
C ARG A 90 29.52 0.61 -19.01
N GLU A 91 29.06 -0.65 -19.04
CA GLU A 91 29.10 -1.44 -20.27
C GLU A 91 28.14 -0.88 -21.31
N LEU A 92 26.97 -0.40 -20.88
CA LEU A 92 26.02 0.18 -21.83
C LEU A 92 26.52 1.50 -22.39
N MET A 93 27.16 2.33 -21.55
CA MET A 93 27.70 3.58 -22.07
C MET A 93 28.92 3.35 -22.95
N ALA A 94 29.72 2.31 -22.66
CA ALA A 94 30.81 1.96 -23.57
C ALA A 94 30.30 1.44 -24.91
N TRP A 95 29.22 0.65 -24.88
CA TRP A 95 28.59 0.20 -26.11
C TRP A 95 27.98 1.36 -26.90
N LEU A 96 27.41 2.33 -26.20
CA LEU A 96 26.84 3.50 -26.88
C LEU A 96 27.92 4.38 -27.48
N ASP A 97 29.07 4.49 -26.81
CA ASP A 97 30.20 5.21 -27.38
C ASP A 97 30.74 4.50 -28.62
N LEU A 98 30.95 3.18 -28.52
CA LEU A 98 31.47 2.42 -29.66
C LEU A 98 30.43 2.21 -30.76
N ALA A 99 29.17 2.53 -30.51
CA ALA A 99 28.16 2.55 -31.56
C ALA A 99 27.96 3.93 -32.16
N ALA A 100 28.30 4.98 -31.41
CA ALA A 100 28.27 6.33 -31.98
C ALA A 100 29.53 6.65 -32.77
N ARG A 101 30.66 5.98 -32.47
CA ARG A 101 31.90 6.25 -33.19
C ARG A 101 31.80 5.89 -34.66
N ASP A 102 31.44 4.65 -34.97
CA ASP A 102 31.39 4.19 -36.36
C ASP A 102 30.05 4.49 -37.03
N ALA A 103 29.26 5.39 -36.47
CA ALA A 103 28.01 5.80 -37.11
C ALA A 103 27.91 7.31 -37.26
N HIS A 104 28.44 8.08 -36.32
CA HIS A 104 28.39 9.54 -36.42
C HIS A 104 29.71 10.22 -36.10
N GLY A 105 30.73 9.50 -35.67
CA GLY A 105 32.02 10.09 -35.37
C GLY A 105 32.14 10.79 -34.04
N ARG A 106 31.06 10.86 -33.26
CA ARG A 106 31.04 11.55 -31.97
C ARG A 106 30.83 10.53 -30.86
N ASP A 107 30.69 11.04 -29.64
CA ASP A 107 30.34 10.22 -28.49
C ASP A 107 28.82 10.09 -28.41
N TYR A 108 28.33 9.50 -27.31
CA TYR A 108 26.89 9.42 -27.13
C TYR A 108 26.30 10.74 -26.66
N GLY A 109 27.01 11.44 -25.77
CA GLY A 109 26.49 12.67 -25.19
C GLY A 109 26.51 13.86 -26.12
N GLN A 110 27.20 13.77 -27.24
CA GLN A 110 27.25 14.87 -28.20
C GLN A 110 26.24 14.73 -29.33
N LEU A 111 25.51 13.62 -29.38
CA LEU A 111 24.52 13.41 -30.41
C LEU A 111 23.16 13.97 -29.99
N ASP A 112 22.36 14.32 -30.99
CA ASP A 112 21.01 14.79 -30.74
C ASP A 112 20.08 13.62 -30.40
N ALA A 113 18.91 13.97 -29.86
CA ALA A 113 18.03 12.97 -29.28
C ALA A 113 17.41 11.95 -30.25
N PRO A 114 17.04 12.29 -31.51
CA PRO A 114 16.60 11.20 -32.42
C PRO A 114 17.72 10.24 -32.82
N ALA A 115 18.99 10.60 -32.68
CA ALA A 115 20.06 9.64 -32.90
C ALA A 115 20.30 8.78 -31.66
N GLN A 116 20.18 9.38 -30.48
CA GLN A 116 20.35 8.65 -29.23
C GLN A 116 19.23 7.64 -29.03
N ALA A 117 18.01 7.98 -29.47
CA ALA A 117 16.91 7.02 -29.40
C ALA A 117 17.12 5.86 -30.38
N ALA A 118 17.66 6.14 -31.56
CA ALA A 118 17.95 5.09 -32.52
C ALA A 118 19.12 4.21 -32.06
N LEU A 119 20.01 4.75 -31.24
CA LEU A 119 21.07 3.93 -30.67
C LEU A 119 20.58 3.11 -29.48
N ARG A 120 19.67 3.65 -28.68
CA ARG A 120 19.11 2.87 -27.58
C ARG A 120 18.19 1.77 -28.06
N GLU A 121 17.52 1.97 -29.20
CA GLU A 121 16.74 0.88 -29.77
C GLU A 121 17.64 -0.18 -30.40
N GLN A 122 18.89 0.15 -30.71
CA GLN A 122 19.88 -0.87 -31.05
C GLN A 122 20.43 -1.55 -29.81
N LEU A 123 20.48 -0.84 -28.68
CA LEU A 123 20.83 -1.45 -27.40
C LEU A 123 19.82 -2.51 -27.00
N LYS A 124 18.53 -2.23 -27.12
CA LYS A 124 17.53 -3.25 -26.80
C LYS A 124 17.27 -4.22 -27.94
N ALA A 125 18.33 -4.73 -28.59
CA ALA A 125 18.25 -5.92 -29.43
C ALA A 125 19.43 -6.85 -29.22
N GLU A 126 20.55 -6.36 -28.73
CA GLU A 126 21.75 -7.14 -28.48
C GLU A 126 21.89 -7.54 -27.01
N TYR A 127 21.52 -6.64 -26.09
CA TYR A 127 21.64 -6.91 -24.67
C TYR A 127 20.43 -7.65 -24.11
N ARG A 128 19.23 -7.36 -24.61
CA ARG A 128 18.04 -8.09 -24.20
C ARG A 128 17.84 -9.39 -24.97
N ALA A 129 18.84 -9.77 -25.76
CA ALA A 129 18.92 -11.06 -26.41
C ALA A 129 20.35 -11.52 -26.27
N ASN A 130 20.74 -12.53 -27.05
CA ASN A 130 22.07 -13.15 -27.05
C ASN A 130 22.36 -13.71 -25.65
N ARG A 131 21.53 -14.66 -25.28
CA ARG A 131 21.67 -15.42 -24.04
C ARG A 131 22.54 -16.64 -24.31
N ALA A 132 22.47 -17.65 -23.44
CA ALA A 132 23.22 -18.89 -23.64
C ALA A 132 22.69 -19.64 -24.85
N ASP A 133 23.46 -20.65 -25.27
CA ASP A 133 23.23 -21.35 -26.53
C ASP A 133 22.31 -22.56 -26.36
N ALA A 134 21.43 -22.54 -25.34
CA ALA A 134 20.41 -23.55 -25.05
C ALA A 134 21.06 -24.92 -24.82
N ALA A 135 21.79 -24.99 -23.69
CA ALA A 135 22.64 -26.12 -23.30
C ALA A 135 23.68 -26.44 -24.38
N GLY A 136 24.22 -25.40 -24.99
CA GLY A 136 25.33 -25.54 -25.92
C GLY A 136 26.62 -25.10 -25.27
N GLY A 137 26.51 -24.35 -24.18
CA GLY A 137 27.66 -23.91 -23.40
C GLY A 137 28.29 -22.61 -23.87
N LYS A 138 27.90 -22.09 -25.02
CA LYS A 138 28.50 -20.89 -25.57
C LYS A 138 27.61 -19.68 -25.32
N LEU A 139 28.23 -18.50 -25.37
CA LEU A 139 27.52 -17.23 -25.28
C LEU A 139 27.53 -16.47 -26.60
N THR A 140 28.72 -16.30 -27.20
CA THR A 140 28.93 -15.72 -28.53
C THR A 140 28.37 -14.29 -28.59
N LEU A 141 29.04 -13.41 -27.86
CA LEU A 141 28.66 -12.00 -27.83
C LEU A 141 29.38 -11.22 -28.94
N SER A 142 28.84 -10.03 -29.21
CA SER A 142 29.29 -9.21 -30.32
C SER A 142 30.68 -8.63 -30.06
N PRO A 143 31.44 -8.31 -31.12
CA PRO A 143 32.75 -7.68 -30.89
C PRO A 143 32.64 -6.27 -30.35
N ARG A 144 31.54 -5.56 -30.62
CA ARG A 144 31.32 -4.27 -29.96
C ARG A 144 31.07 -4.47 -28.47
N ARG A 145 30.29 -5.49 -28.11
CA ARG A 145 30.11 -5.81 -26.70
C ARG A 145 31.37 -6.37 -26.08
N ALA A 146 32.21 -7.05 -26.87
CA ALA A 146 33.49 -7.54 -26.36
C ALA A 146 34.43 -6.39 -26.05
N GLN A 147 34.48 -5.37 -26.93
CA GLN A 147 35.29 -4.21 -26.67
C GLN A 147 34.72 -3.36 -25.54
N ALA A 148 33.40 -3.35 -25.38
CA ALA A 148 32.79 -2.64 -24.25
C ALA A 148 33.11 -3.33 -22.93
N VAL A 149 33.06 -4.66 -22.90
CA VAL A 149 33.40 -5.42 -21.69
C VAL A 149 34.88 -5.25 -21.35
N ALA A 150 35.76 -5.35 -22.35
CA ALA A 150 37.18 -5.16 -22.11
C ALA A 150 37.53 -3.71 -21.81
N GLN A 151 36.66 -2.76 -22.17
CA GLN A 151 36.88 -1.36 -21.85
C GLN A 151 36.44 -1.04 -20.43
N THR A 152 35.36 -1.65 -19.95
CA THR A 152 34.95 -1.45 -18.58
C THR A 152 35.63 -2.40 -17.59
N GLU A 153 36.37 -3.40 -18.09
CA GLU A 153 37.24 -4.19 -17.23
C GLU A 153 38.38 -3.36 -16.66
N ALA A 154 38.86 -2.37 -17.42
CA ALA A 154 39.98 -1.56 -16.97
C ALA A 154 39.60 -0.65 -15.82
N TYR A 155 38.33 -0.24 -15.74
CA TYR A 155 37.89 0.61 -14.64
C TYR A 155 37.95 -0.13 -13.30
N TYR A 156 37.47 -1.36 -13.26
CA TYR A 156 37.54 -2.16 -12.05
C TYR A 156 38.89 -2.82 -11.86
N ASP A 157 39.73 -2.86 -12.90
CA ASP A 157 41.12 -3.23 -12.68
C ASP A 157 41.91 -2.09 -12.05
N GLN A 158 41.52 -0.85 -12.31
CA GLN A 158 42.14 0.28 -11.63
C GLN A 158 41.45 0.66 -10.32
N LEU A 159 40.25 0.14 -10.07
CA LEU A 159 39.51 0.54 -8.87
C LEU A 159 39.99 -0.23 -7.64
N PHE A 160 40.24 -1.53 -7.80
CA PHE A 160 40.70 -2.38 -6.71
C PHE A 160 42.21 -2.59 -6.74
N SER A 161 42.94 -1.69 -7.38
CA SER A 161 44.38 -1.83 -7.52
C SER A 161 45.24 -0.65 -7.07
N ASP A 162 44.74 0.17 -6.17
CA ASP A 162 45.50 1.31 -5.66
C ASP A 162 46.03 2.30 -6.70
N ALA A 163 45.23 2.62 -7.71
CA ALA A 163 45.63 3.56 -8.75
C ALA A 163 45.33 4.98 -8.28
N PRO A 164 46.27 5.92 -8.45
CA PRO A 164 46.04 7.29 -7.98
C PRO A 164 45.03 8.07 -8.80
N ALA A 165 44.65 7.56 -9.99
CA ALA A 165 43.61 8.23 -10.76
C ALA A 165 42.24 8.01 -10.13
N LEU A 166 41.97 6.80 -9.63
CA LEU A 166 40.71 6.49 -8.98
C LEU A 166 40.77 6.68 -7.47
N HIS A 167 41.79 7.37 -6.97
CA HIS A 167 41.70 7.95 -5.64
C HIS A 167 40.71 9.10 -5.67
N ARG A 168 40.08 9.35 -4.51
CA ARG A 168 38.88 10.16 -4.25
C ARG A 168 37.61 9.52 -4.84
N SER A 169 37.73 8.39 -5.52
CA SER A 169 36.60 7.49 -5.76
C SER A 169 36.55 6.36 -4.75
N ARG A 170 37.71 5.93 -4.25
CA ARG A 170 37.75 4.94 -3.18
C ARG A 170 37.46 5.55 -1.81
N GLU A 171 37.63 6.86 -1.65
CA GLU A 171 37.23 7.49 -0.40
C GLU A 171 35.73 7.76 -0.35
N ASN A 172 35.11 8.01 -1.51
CA ASN A 172 33.66 8.14 -1.57
C ASN A 172 32.96 6.80 -1.49
N TYR A 173 33.66 5.71 -1.81
CA TYR A 173 33.09 4.37 -1.74
C TYR A 173 33.50 3.63 -0.47
N ALA A 174 34.32 4.27 0.38
CA ALA A 174 34.85 3.76 1.64
C ALA A 174 35.70 2.50 1.48
N MET A 175 36.14 2.18 0.26
CA MET A 175 37.06 1.07 0.06
C MET A 175 38.44 1.47 0.54
N LYS A 176 39.20 0.48 1.02
CA LYS A 176 40.59 0.75 1.37
C LYS A 176 41.41 0.89 0.10
N GLU A 177 42.67 1.30 0.28
CA GLU A 177 43.49 1.75 -0.85
C GLU A 177 43.83 0.60 -1.80
N ASN A 178 44.45 -0.46 -1.26
CA ASN A 178 44.92 -1.52 -2.14
C ASN A 178 43.77 -2.44 -2.57
N THR A 179 43.13 -3.10 -1.60
CA THR A 179 41.87 -3.84 -1.65
C THR A 179 41.98 -5.19 -2.38
N LEU A 180 43.02 -5.37 -3.20
CA LEU A 180 43.34 -6.62 -3.89
C LEU A 180 44.80 -6.63 -4.29
N PRO A 181 45.68 -7.31 -3.54
CA PRO A 181 47.11 -7.33 -3.89
C PRO A 181 47.45 -8.17 -5.11
N ASP A 182 46.53 -8.99 -5.61
CA ASP A 182 46.79 -9.84 -6.76
C ASP A 182 46.24 -9.17 -8.00
N ALA A 183 46.75 -9.61 -9.16
CA ALA A 183 46.29 -9.08 -10.45
C ALA A 183 45.41 -10.03 -11.23
N ASN A 184 45.52 -11.34 -10.98
CA ASN A 184 44.62 -12.29 -11.61
C ASN A 184 43.26 -12.32 -10.91
N ARG A 185 43.23 -12.03 -9.62
CA ARG A 185 41.98 -12.07 -8.86
C ARG A 185 41.06 -10.92 -9.28
N ARG A 186 41.62 -9.74 -9.54
CA ARG A 186 40.81 -8.65 -10.09
C ARG A 186 40.33 -8.98 -11.48
N ARG A 187 41.22 -9.57 -12.30
CA ARG A 187 40.89 -9.92 -13.67
C ARG A 187 39.81 -10.99 -13.76
N GLN A 188 39.65 -11.80 -12.72
CA GLN A 188 38.54 -12.75 -12.68
C GLN A 188 37.30 -12.17 -11.99
N MET A 189 37.50 -11.24 -11.03
CA MET A 189 36.36 -10.63 -10.37
C MET A 189 35.59 -9.72 -11.31
N THR A 190 36.26 -9.11 -12.29
CA THR A 190 35.50 -8.40 -13.32
C THR A 190 34.71 -9.36 -14.23
N HIS A 191 35.18 -10.60 -14.38
CA HIS A 191 34.39 -11.58 -15.12
C HIS A 191 33.15 -11.99 -14.33
N PHE A 192 33.31 -12.11 -13.01
CA PHE A 192 32.16 -12.37 -12.14
C PHE A 192 31.16 -11.21 -12.17
N PHE A 193 31.67 -9.99 -12.16
CA PHE A 193 30.80 -8.81 -12.26
C PHE A 193 30.08 -8.75 -13.59
N PHE A 194 30.77 -9.15 -14.67
CA PHE A 194 30.13 -9.23 -15.98
C PHE A 194 29.03 -10.28 -15.98
N TRP A 195 29.25 -11.41 -15.31
CA TRP A 195 28.21 -12.43 -15.28
C TRP A 195 27.00 -11.97 -14.49
N THR A 196 27.22 -11.26 -13.37
CA THR A 196 26.10 -10.74 -12.60
C THR A 196 25.36 -9.64 -13.35
N ALA A 197 26.04 -8.88 -14.21
CA ALA A 197 25.38 -7.84 -14.99
C ALA A 197 24.96 -8.32 -16.37
N TRP A 198 25.27 -9.56 -16.73
CA TRP A 198 24.75 -10.19 -17.93
C TRP A 198 23.47 -10.95 -17.63
N ALA A 199 23.42 -11.62 -16.47
CA ALA A 199 22.17 -12.24 -16.05
C ALA A 199 21.11 -11.19 -15.77
N ALA A 200 21.52 -10.00 -15.36
CA ALA A 200 20.58 -8.91 -15.10
C ALA A 200 20.20 -8.15 -16.36
N GLY A 201 20.69 -8.55 -17.52
CA GLY A 201 20.41 -7.81 -18.74
C GLY A 201 19.66 -8.56 -19.83
N THR A 202 19.87 -9.86 -19.95
CA THR A 202 19.33 -10.64 -21.05
C THR A 202 18.02 -11.31 -20.66
N GLU A 203 17.07 -11.32 -21.59
CA GLU A 203 15.75 -11.89 -21.37
C GLU A 203 15.83 -13.41 -21.26
N ARG A 204 14.72 -14.00 -20.83
CA ARG A 204 14.63 -15.45 -20.77
C ARG A 204 14.22 -16.01 -22.13
N GLU A 205 14.02 -17.32 -22.18
CA GLU A 205 13.61 -17.99 -23.42
C GLU A 205 12.09 -18.00 -23.49
N GLY A 206 11.53 -17.02 -24.18
CA GLY A 206 10.10 -16.95 -24.42
C GLY A 206 9.39 -15.78 -23.78
N THR A 207 10.01 -15.12 -22.81
CA THR A 207 9.38 -14.02 -22.10
C THR A 207 10.14 -12.72 -22.35
N SER A 208 9.61 -11.64 -21.80
CA SER A 208 10.20 -10.31 -21.92
C SER A 208 10.88 -9.86 -20.64
N VAL A 209 10.97 -10.71 -19.65
CA VAL A 209 11.66 -10.40 -18.41
C VAL A 209 13.06 -11.00 -18.46
N THR A 210 14.00 -10.33 -17.80
CA THR A 210 15.37 -10.82 -17.74
C THR A 210 15.47 -11.94 -16.71
N TYR A 211 16.69 -12.43 -16.49
CA TYR A 211 16.87 -13.54 -15.55
C TYR A 211 16.70 -13.09 -14.11
N THR A 212 16.98 -11.81 -13.83
CA THR A 212 16.79 -11.26 -12.49
C THR A 212 15.46 -10.52 -12.38
N ASN A 213 14.48 -10.89 -13.20
CA ASN A 213 13.15 -10.28 -13.26
C ASN A 213 13.24 -8.77 -13.49
N ASN A 214 13.96 -8.40 -14.56
CA ASN A 214 14.07 -7.03 -15.09
C ASN A 214 14.75 -6.06 -14.13
N TRP A 215 15.61 -6.54 -13.21
CA TRP A 215 15.82 -5.78 -11.97
C TRP A 215 16.52 -4.41 -12.07
N PRO A 216 17.81 -4.28 -12.49
CA PRO A 216 18.48 -2.99 -12.25
C PRO A 216 17.91 -1.93 -13.17
N HIS A 217 17.20 -0.97 -12.58
CA HIS A 217 16.31 -0.08 -13.32
C HIS A 217 17.12 0.78 -14.27
N GLU A 218 17.08 0.41 -15.54
CA GLU A 218 17.93 0.99 -16.57
C GLU A 218 17.05 1.33 -17.76
N PRO A 219 16.84 2.61 -18.05
CA PRO A 219 16.06 2.97 -19.24
C PRO A 219 16.80 2.76 -20.55
N LEU A 220 18.11 2.45 -20.51
CA LEU A 220 18.86 2.25 -21.74
C LEU A 220 18.48 0.94 -22.43
N ILE A 221 18.47 -0.16 -21.68
CA ILE A 221 18.02 -1.43 -22.22
C ILE A 221 16.55 -1.63 -21.91
N GLY A 222 15.93 -0.64 -21.29
CA GLY A 222 14.51 -0.74 -21.00
C GLY A 222 14.22 -1.70 -19.87
N ASN A 223 14.90 -1.53 -18.75
CA ASN A 223 14.66 -2.33 -17.56
C ASN A 223 13.65 -1.61 -16.70
N HIS A 224 12.40 -2.04 -16.78
N HIS A 224 12.41 -2.05 -16.76
CA HIS A 224 11.26 -1.49 -16.05
CA HIS A 224 11.29 -1.48 -16.04
C HIS A 224 10.57 -2.63 -15.34
C HIS A 224 10.54 -2.62 -15.36
N PRO A 225 9.81 -2.36 -14.27
CA PRO A 225 9.09 -3.44 -13.59
C PRO A 225 7.99 -4.03 -14.44
N SER A 226 7.95 -5.35 -14.51
CA SER A 226 7.14 -6.06 -15.48
C SER A 226 5.66 -6.00 -15.11
N SER A 227 4.84 -6.68 -15.91
CA SER A 227 3.39 -6.55 -15.80
C SER A 227 2.85 -7.30 -14.58
N GLU A 228 3.21 -8.58 -14.44
CA GLU A 228 2.76 -9.34 -13.30
C GLU A 228 3.44 -8.92 -12.01
N ASN A 229 4.59 -8.23 -12.10
CA ASN A 229 5.19 -7.55 -10.97
C ASN A 229 4.22 -6.55 -10.35
N VAL A 230 3.67 -5.65 -11.18
CA VAL A 230 2.74 -4.64 -10.68
C VAL A 230 1.40 -5.26 -10.32
N MET A 231 1.00 -6.32 -11.04
CA MET A 231 -0.24 -7.02 -10.71
C MET A 231 -0.19 -7.64 -9.32
N TRP A 232 0.89 -8.38 -9.03
CA TRP A 232 1.03 -8.98 -7.71
C TRP A 232 1.37 -7.96 -6.64
N SER A 233 1.90 -6.79 -7.02
CA SER A 233 2.05 -5.70 -6.06
C SER A 233 0.72 -5.16 -5.59
N ILE A 234 -0.19 -4.84 -6.52
CA ILE A 234 -1.47 -4.29 -6.10
C ILE A 234 -2.35 -5.37 -5.46
N ILE A 235 -2.16 -6.64 -5.85
CA ILE A 235 -2.84 -7.73 -5.18
C ILE A 235 -2.33 -7.89 -3.75
N SER A 236 -1.03 -7.66 -3.52
CA SER A 236 -0.48 -7.72 -2.17
C SER A 236 -0.97 -6.57 -1.30
N VAL A 237 -1.17 -5.39 -1.87
CA VAL A 237 -1.73 -4.29 -1.09
C VAL A 237 -3.18 -4.57 -0.70
N VAL A 238 -3.96 -5.14 -1.63
CA VAL A 238 -5.33 -5.56 -1.31
C VAL A 238 -5.34 -6.65 -0.24
N VAL A 239 -4.40 -7.59 -0.32
CA VAL A 239 -4.30 -8.67 0.66
C VAL A 239 -3.93 -8.13 2.04
N LEU A 240 -3.06 -7.11 2.08
CA LEU A 240 -2.71 -6.47 3.35
C LEU A 240 -3.92 -5.81 4.00
N LEU A 241 -4.66 -5.01 3.22
CA LEU A 241 -5.77 -4.27 3.82
C LEU A 241 -6.93 -5.18 4.20
N ALA A 242 -7.27 -6.13 3.34
CA ALA A 242 -8.30 -7.12 3.67
C ALA A 242 -7.80 -8.21 4.59
N GLY A 243 -6.54 -8.19 4.99
CA GLY A 243 -6.07 -9.03 6.06
C GLY A 243 -6.21 -8.33 7.39
N ILE A 244 -5.80 -7.06 7.46
CA ILE A 244 -5.93 -6.28 8.70
C ILE A 244 -7.39 -6.12 9.08
N GLY A 245 -8.23 -5.75 8.12
CA GLY A 245 -9.63 -5.51 8.42
C GLY A 245 -10.39 -6.78 8.77
N LEU A 246 -10.13 -7.86 8.05
CA LEU A 246 -10.78 -9.14 8.37
C LEU A 246 -10.24 -9.74 9.66
N LEU A 247 -8.99 -9.43 10.04
CA LEU A 247 -8.47 -9.92 11.30
C LEU A 247 -9.11 -9.18 12.47
N ILE A 248 -9.32 -7.86 12.33
CA ILE A 248 -10.02 -7.11 13.38
C ILE A 248 -11.49 -7.53 13.44
N TRP A 249 -12.08 -7.86 12.28
CA TRP A 249 -13.47 -8.33 12.26
C TRP A 249 -13.62 -9.71 12.89
N ALA A 250 -12.68 -10.61 12.62
CA ALA A 250 -12.75 -11.96 13.18
C ALA A 250 -12.31 -11.99 14.64
N TRP A 251 -11.52 -11.01 15.08
CA TRP A 251 -11.18 -10.94 16.49
C TRP A 251 -12.32 -10.33 17.31
N ALA A 252 -12.98 -9.30 16.77
CA ALA A 252 -14.03 -8.64 17.54
C ALA A 252 -15.28 -9.49 17.64
N PHE A 253 -15.58 -10.29 16.61
CA PHE A 253 -16.79 -11.10 16.61
C PHE A 253 -16.54 -12.50 17.14
N LEU A 254 -15.63 -13.23 16.52
CA LEU A 254 -15.34 -14.62 16.89
C LEU A 254 -14.30 -14.65 18.03
N ARG A 255 -14.75 -14.22 19.20
CA ARG A 255 -13.94 -14.27 20.41
C ARG A 255 -14.78 -14.87 21.53
N GLY A 256 -14.10 -15.48 22.49
CA GLY A 256 -14.75 -16.01 23.68
C GLY A 256 -14.52 -15.09 24.86
N LYS A 257 -15.54 -14.29 25.18
CA LYS A 257 -15.47 -13.37 26.31
C LYS A 257 -15.90 -14.13 27.56
N GLU A 258 -14.93 -14.73 28.24
CA GLU A 258 -15.18 -15.46 29.49
C GLU A 258 -14.99 -14.60 30.72
N GLU A 259 -13.93 -13.78 30.74
CA GLU A 259 -13.58 -12.87 31.83
C GLU A 259 -13.41 -13.63 33.15
N ASP A 260 -12.50 -14.59 33.16
CA ASP A 260 -12.30 -15.42 34.35
C ASP A 260 -11.59 -14.64 35.46
N GLU A 261 -10.70 -13.71 35.07
CA GLU A 261 -9.93 -12.80 35.92
C GLU A 261 -9.12 -13.57 36.97
N PRO A 262 -8.03 -14.24 36.58
CA PRO A 262 -7.29 -15.06 37.54
C PRO A 262 -6.50 -14.21 38.52
N PRO A 263 -6.46 -14.59 39.79
CA PRO A 263 -5.76 -13.78 40.79
C PRO A 263 -4.26 -14.02 40.75
N ALA A 264 -3.48 -12.96 40.96
CA ALA A 264 -2.05 -13.10 41.02
C ALA A 264 -1.61 -13.56 42.41
N PRO A 265 -0.60 -14.42 42.49
CA PRO A 265 -0.10 -14.86 43.80
C PRO A 265 0.64 -13.73 44.51
N ALA A 266 0.75 -13.87 45.83
CA ALA A 266 1.31 -12.82 46.67
C ALA A 266 2.83 -12.84 46.75
N ARG A 267 3.47 -13.88 46.21
CA ARG A 267 4.92 -13.98 46.21
C ARG A 267 5.39 -14.29 44.79
N ASP A 268 6.59 -13.82 44.47
CA ASP A 268 7.19 -14.06 43.15
C ASP A 268 7.55 -15.53 43.01
N PRO A 269 6.94 -16.27 42.08
CA PRO A 269 7.11 -17.73 42.05
C PRO A 269 8.44 -18.22 41.53
N LEU A 270 9.23 -17.39 40.86
CA LEU A 270 10.56 -17.83 40.46
C LEU A 270 11.61 -17.58 41.54
N THR A 271 11.23 -16.96 42.66
CA THR A 271 12.14 -16.80 43.79
C THR A 271 12.02 -17.91 44.82
N THR A 272 10.96 -18.72 44.73
CA THR A 272 10.84 -19.88 45.61
C THR A 272 11.86 -20.95 45.25
N PHE A 273 12.26 -21.03 43.99
CA PHE A 273 13.28 -21.98 43.59
C PHE A 273 14.66 -21.48 44.02
N ALA A 274 15.60 -22.40 44.05
CA ALA A 274 16.93 -22.12 44.57
C ALA A 274 17.88 -21.68 43.47
N LEU A 275 18.97 -21.02 43.87
CA LEU A 275 20.03 -20.60 42.97
C LEU A 275 20.95 -21.78 42.72
N THR A 276 20.63 -22.55 41.68
CA THR A 276 21.46 -23.66 41.27
C THR A 276 22.68 -23.13 40.52
N PRO A 277 23.75 -23.94 40.38
CA PRO A 277 24.92 -23.47 39.61
C PRO A 277 24.65 -23.21 38.14
N SER A 278 23.66 -23.90 37.54
CA SER A 278 23.35 -23.62 36.14
C SER A 278 22.60 -22.30 35.95
N GLN A 279 22.03 -21.73 37.02
CA GLN A 279 21.56 -20.37 36.96
C GLN A 279 22.67 -19.36 37.22
N ARG A 280 23.56 -19.66 38.17
CA ARG A 280 24.63 -18.74 38.53
C ARG A 280 25.74 -18.68 37.50
N ALA A 281 25.82 -19.66 36.60
CA ALA A 281 26.81 -19.63 35.52
C ALA A 281 26.38 -18.76 34.34
N LEU A 282 25.27 -18.04 34.46
CA LEU A 282 24.75 -17.17 33.41
C LEU A 282 25.24 -15.74 33.54
N GLY A 283 26.02 -15.42 34.57
CA GLY A 283 26.63 -14.11 34.65
C GLY A 283 27.64 -13.86 33.55
N LYS A 284 28.33 -14.90 33.11
CA LYS A 284 29.23 -14.78 31.98
C LYS A 284 28.47 -14.54 30.68
N TYR A 285 27.31 -15.18 30.53
CA TYR A 285 26.47 -14.94 29.35
C TYR A 285 25.92 -13.52 29.34
N LEU A 286 25.46 -13.04 30.50
CA LEU A 286 24.92 -11.69 30.58
C LEU A 286 26.02 -10.63 30.52
N PHE A 287 27.27 -11.00 30.79
CA PHE A 287 28.38 -10.10 30.54
C PHE A 287 28.74 -10.07 29.06
N LEU A 288 28.73 -11.24 28.41
CA LEU A 288 29.07 -11.33 27.00
C LEU A 288 28.03 -10.64 26.12
N VAL A 289 26.75 -10.68 26.51
CA VAL A 289 25.69 -10.03 25.75
C VAL A 289 25.92 -8.53 25.70
N VAL A 290 26.13 -7.90 26.85
CA VAL A 290 26.32 -6.45 26.85
C VAL A 290 27.73 -6.04 26.42
N ALA A 291 28.72 -6.92 26.53
CA ALA A 291 30.03 -6.62 25.98
C ALA A 291 30.00 -6.59 24.46
N LEU A 292 29.36 -7.60 23.84
CA LEU A 292 29.18 -7.58 22.39
C LEU A 292 28.22 -6.49 21.96
N PHE A 293 27.28 -6.10 22.83
CA PHE A 293 26.38 -5.00 22.48
C PHE A 293 27.11 -3.66 22.46
N GLY A 294 27.96 -3.40 23.45
CA GLY A 294 28.76 -2.18 23.43
C GLY A 294 29.77 -2.17 22.31
N PHE A 295 30.40 -3.32 22.05
CA PHE A 295 31.29 -3.47 20.90
C PHE A 295 30.55 -3.26 19.60
N GLN A 296 29.28 -3.68 19.54
CA GLN A 296 28.50 -3.58 18.31
C GLN A 296 28.07 -2.15 18.04
N VAL A 297 27.68 -1.41 19.09
CA VAL A 297 27.34 0.00 18.90
C VAL A 297 28.59 0.81 18.58
N LEU A 298 29.74 0.45 19.16
CA LEU A 298 30.98 1.14 18.82
C LEU A 298 31.40 0.87 17.38
N LEU A 299 31.27 -0.38 16.91
CA LEU A 299 31.60 -0.68 15.52
C LEU A 299 30.57 -0.10 14.56
N GLY A 300 29.32 0.06 14.98
CA GLY A 300 28.36 0.76 14.16
C GLY A 300 28.68 2.24 14.02
N GLY A 301 29.11 2.86 15.12
CA GLY A 301 29.58 4.23 15.03
C GLY A 301 30.87 4.38 14.26
N PHE A 302 31.68 3.32 14.20
CA PHE A 302 32.91 3.35 13.43
C PHE A 302 32.71 3.07 11.95
N THR A 303 31.72 2.26 11.57
CA THR A 303 31.42 2.07 10.16
C THR A 303 30.55 3.18 9.60
N ALA A 304 30.01 4.05 10.45
CA ALA A 304 29.31 5.25 10.01
C ALA A 304 30.25 6.44 9.85
N HIS A 305 31.50 6.30 10.26
CA HIS A 305 32.50 7.34 10.04
C HIS A 305 33.16 7.23 8.68
N TYR A 306 33.20 6.03 8.11
CA TYR A 306 33.67 5.87 6.74
C TYR A 306 32.65 6.39 5.74
N THR A 307 31.40 6.60 6.15
CA THR A 307 30.41 7.19 5.26
C THR A 307 30.52 8.71 5.25
N VAL A 308 30.68 9.33 6.43
CA VAL A 308 30.78 10.78 6.51
C VAL A 308 32.17 11.24 6.08
N GLU A 309 33.20 10.78 6.79
CA GLU A 309 34.58 11.06 6.41
C GLU A 309 35.02 10.05 5.35
N GLY A 310 36.31 10.01 5.06
CA GLY A 310 36.78 9.16 3.99
C GLY A 310 37.33 7.85 4.48
N GLN A 311 38.67 7.75 4.50
CA GLN A 311 39.34 6.56 4.99
C GLN A 311 40.44 6.91 5.98
N LYS A 312 40.40 8.10 6.56
CA LYS A 312 41.50 8.63 7.36
C LYS A 312 41.25 8.53 8.87
N PHE A 313 40.06 8.95 9.33
CA PHE A 313 39.66 8.98 10.74
C PHE A 313 40.60 9.85 11.57
N TYR A 314 40.54 11.16 11.25
CA TYR A 314 41.06 12.25 12.08
C TYR A 314 42.58 12.19 12.26
N GLY A 315 43.28 11.78 11.21
CA GLY A 315 44.72 11.72 11.27
C GLY A 315 45.31 10.68 10.35
N ILE A 316 46.20 9.82 10.87
CA ILE A 316 46.74 8.74 10.07
C ILE A 316 45.66 7.68 9.87
N ASP A 317 45.71 7.03 8.72
CA ASP A 317 44.65 6.11 8.33
C ASP A 317 44.82 4.73 8.96
N LEU A 318 43.72 4.20 9.48
CA LEU A 318 43.65 2.81 9.90
C LEU A 318 42.79 1.99 8.95
N SER A 319 42.50 2.54 7.77
CA SER A 319 41.71 1.83 6.77
C SER A 319 42.47 0.67 6.14
N GLN A 320 43.80 0.66 6.25
CA GLN A 320 44.57 -0.48 5.76
C GLN A 320 44.48 -1.69 6.68
N TRP A 321 44.15 -1.47 7.95
CA TRP A 321 43.94 -2.56 8.91
C TRP A 321 42.48 -2.80 9.22
N PHE A 322 41.69 -1.73 9.39
CA PHE A 322 40.25 -1.82 9.62
C PHE A 322 39.52 -1.04 8.54
N PRO A 323 39.28 -1.64 7.38
CA PRO A 323 38.52 -0.96 6.33
C PRO A 323 37.03 -0.99 6.65
N TYR A 324 36.23 -0.46 5.71
CA TYR A 324 34.79 -0.36 5.91
C TYR A 324 34.13 -1.73 5.88
N SER A 325 34.62 -2.63 5.03
CA SER A 325 34.03 -3.96 4.95
C SER A 325 34.29 -4.76 6.21
N LEU A 326 35.44 -4.57 6.85
CA LEU A 326 35.75 -5.32 8.07
C LEU A 326 34.94 -4.84 9.25
N VAL A 327 34.84 -3.52 9.46
CA VAL A 327 34.07 -3.03 10.58
C VAL A 327 32.58 -3.20 10.33
N ARG A 328 32.14 -3.23 9.07
CA ARG A 328 30.73 -3.52 8.81
C ARG A 328 30.43 -4.99 9.01
N THR A 329 31.37 -5.86 8.65
CA THR A 329 31.27 -7.29 8.93
C THR A 329 31.16 -7.56 10.42
N TRP A 330 31.98 -6.86 11.21
CA TRP A 330 31.91 -7.02 12.66
C TRP A 330 30.63 -6.43 13.24
N HIS A 331 30.19 -5.28 12.71
CA HIS A 331 28.98 -4.61 13.18
C HIS A 331 27.72 -5.42 12.89
N ILE A 332 27.74 -6.25 11.86
CA ILE A 332 26.63 -7.16 11.58
C ILE A 332 26.75 -8.45 12.39
N GLN A 333 27.95 -9.04 12.41
CA GLN A 333 28.11 -10.37 12.97
C GLN A 333 28.02 -10.37 14.49
N SER A 334 28.60 -9.36 15.15
CA SER A 334 28.48 -9.29 16.59
C SER A 334 27.09 -8.90 17.03
N ALA A 335 26.34 -8.20 16.16
CA ALA A 335 24.91 -7.98 16.41
C ALA A 335 24.14 -9.29 16.44
N LEU A 336 24.36 -10.13 15.41
CA LEU A 336 23.74 -11.46 15.39
C LEU A 336 24.20 -12.32 16.56
N PHE A 337 25.46 -12.18 16.98
CA PHE A 337 25.98 -12.99 18.06
C PHE A 337 25.37 -12.61 19.40
N TRP A 338 25.26 -11.32 19.71
CA TRP A 338 24.69 -10.97 21.02
C TRP A 338 23.18 -11.16 21.02
N ILE A 339 22.51 -11.01 19.87
CA ILE A 339 21.07 -11.27 19.81
C ILE A 339 20.80 -12.76 19.99
N ALA A 340 21.65 -13.63 19.43
CA ALA A 340 21.48 -15.05 19.67
C ALA A 340 21.90 -15.45 21.08
N THR A 341 22.89 -14.76 21.65
CA THR A 341 23.41 -15.14 22.96
C THR A 341 22.46 -14.73 24.08
N GLY A 342 21.70 -13.64 23.89
CA GLY A 342 20.66 -13.29 24.85
C GLY A 342 19.54 -14.31 24.92
N PHE A 343 19.14 -14.84 23.76
CA PHE A 343 18.10 -15.87 23.75
C PHE A 343 18.63 -17.20 24.25
N LEU A 344 19.90 -17.51 23.98
CA LEU A 344 20.52 -18.71 24.56
C LEU A 344 20.61 -18.59 26.08
N ALA A 345 20.90 -17.39 26.59
CA ALA A 345 20.94 -17.19 28.03
C ALA A 345 19.56 -17.31 28.66
N ALA A 346 18.53 -16.80 27.97
CA ALA A 346 17.16 -16.93 28.49
C ALA A 346 16.71 -18.38 28.48
N GLY A 347 17.10 -19.14 27.44
CA GLY A 347 16.78 -20.56 27.41
C GLY A 347 17.49 -21.35 28.49
N LEU A 348 18.78 -21.07 28.70
CA LEU A 348 19.52 -21.72 29.77
C LEU A 348 19.06 -21.29 31.15
N PHE A 349 18.42 -20.12 31.27
CA PHE A 349 17.74 -19.76 32.50
C PHE A 349 16.51 -20.64 32.71
N LEU A 350 15.67 -20.76 31.67
CA LEU A 350 14.41 -21.48 31.84
C LEU A 350 14.59 -23.00 31.90
N ALA A 351 15.71 -23.53 31.44
CA ALA A 351 15.86 -24.98 31.30
C ALA A 351 15.92 -25.78 32.61
N PRO A 352 16.61 -25.33 33.69
CA PRO A 352 16.47 -26.09 34.95
C PRO A 352 15.16 -25.81 35.65
N LEU A 353 14.61 -24.61 35.44
CA LEU A 353 13.37 -24.21 36.07
C LEU A 353 12.16 -24.94 35.51
N ILE A 354 12.25 -25.46 34.29
CA ILE A 354 11.21 -26.34 33.77
C ILE A 354 11.23 -27.67 34.51
N ASN A 355 12.40 -28.26 34.65
CA ASN A 355 12.56 -29.54 35.36
C ASN A 355 12.59 -29.27 36.87
N GLY A 356 11.41 -29.00 37.42
CA GLY A 356 11.27 -28.67 38.83
C GLY A 356 11.97 -27.38 39.20
N GLY A 357 13.06 -27.49 39.93
CA GLY A 357 13.93 -26.36 40.20
C GLY A 357 15.38 -26.77 40.25
N ARG A 358 15.69 -27.93 39.68
CA ARG A 358 17.01 -28.53 39.80
C ARG A 358 17.64 -28.71 38.42
N ASP A 359 18.97 -28.77 38.41
CA ASP A 359 19.73 -29.05 37.20
C ASP A 359 19.73 -30.54 36.90
N PRO A 360 19.92 -30.91 35.64
CA PRO A 360 20.21 -32.31 35.31
C PRO A 360 21.68 -32.61 35.61
N LYS A 361 22.09 -33.84 35.31
CA LYS A 361 23.46 -34.26 35.55
C LYS A 361 24.37 -33.65 34.48
N TYR A 362 25.50 -33.09 34.94
CA TYR A 362 26.51 -32.40 34.11
C TYR A 362 25.89 -31.25 33.31
N GLN A 363 25.39 -30.26 34.04
CA GLN A 363 24.75 -29.10 33.43
C GLN A 363 25.58 -27.84 33.50
N LYS A 364 26.20 -27.55 34.65
CA LYS A 364 27.04 -26.36 34.76
C LYS A 364 28.30 -26.48 33.90
N ALA A 365 28.85 -27.69 33.81
CA ALA A 365 30.00 -27.93 32.95
C ALA A 365 29.62 -27.76 31.48
N GLY A 366 28.42 -28.20 31.10
CA GLY A 366 27.95 -28.00 29.74
C GLY A 366 27.70 -26.53 29.43
N VAL A 367 27.18 -25.79 30.40
CA VAL A 367 26.97 -24.35 30.22
C VAL A 367 28.32 -23.62 30.07
N ASP A 368 29.33 -24.06 30.82
CA ASP A 368 30.65 -23.44 30.70
C ASP A 368 31.33 -23.77 29.37
N ILE A 369 31.20 -25.03 28.93
CA ILE A 369 31.73 -25.44 27.63
C ILE A 369 31.04 -24.69 26.50
N LEU A 370 29.73 -24.48 26.63
CA LEU A 370 28.99 -23.73 25.61
C LEU A 370 29.38 -22.26 25.59
N PHE A 371 29.63 -21.66 26.76
CA PHE A 371 30.03 -20.26 26.81
C PHE A 371 31.41 -20.07 26.19
N TRP A 372 32.37 -20.92 26.54
CA TRP A 372 33.69 -20.76 25.96
C TRP A 372 33.74 -21.18 24.50
N ALA A 373 32.83 -22.06 24.06
CA ALA A 373 32.69 -22.34 22.64
C ALA A 373 32.17 -21.14 21.89
N LEU A 374 31.20 -20.42 22.46
CA LEU A 374 30.69 -19.22 21.81
C LEU A 374 31.74 -18.12 21.75
N VAL A 375 32.53 -17.96 22.82
CA VAL A 375 33.58 -16.94 22.83
C VAL A 375 34.69 -17.31 21.82
N LEU A 376 35.00 -18.60 21.71
CA LEU A 376 35.97 -19.06 20.72
C LEU A 376 35.46 -18.85 19.29
N VAL A 377 34.16 -19.07 19.07
CA VAL A 377 33.59 -18.85 17.74
C VAL A 377 33.61 -17.38 17.36
N VAL A 378 33.30 -16.48 18.32
CA VAL A 378 33.35 -15.04 18.06
C VAL A 378 34.78 -14.58 17.75
N VAL A 379 35.75 -15.01 18.57
CA VAL A 379 37.13 -14.55 18.39
C VAL A 379 37.75 -15.13 17.12
N GLY A 380 37.50 -16.42 16.86
CA GLY A 380 38.01 -17.02 15.64
C GLY A 380 37.36 -16.47 14.38
N SER A 381 36.07 -16.14 14.45
CA SER A 381 35.38 -15.56 13.30
C SER A 381 35.91 -14.15 13.01
N PHE A 382 36.16 -13.37 14.06
CA PHE A 382 36.63 -12.01 13.81
C PHE A 382 38.09 -11.99 13.36
N ALA A 383 38.91 -12.91 13.88
CA ALA A 383 40.27 -13.05 13.37
C ALA A 383 40.29 -13.55 11.93
N GLY A 384 39.35 -14.43 11.58
CA GLY A 384 39.25 -14.89 10.20
C GLY A 384 38.81 -13.79 9.25
N ASN A 385 37.89 -12.93 9.69
CA ASN A 385 37.47 -11.79 8.87
C ASN A 385 38.63 -10.82 8.69
N TYR A 386 39.41 -10.58 9.74
CA TYR A 386 40.56 -9.69 9.62
C TYR A 386 41.64 -10.26 8.72
N LEU A 387 41.87 -11.57 8.78
CA LEU A 387 42.88 -12.17 7.91
C LEU A 387 42.40 -12.29 6.47
N ALA A 388 41.08 -12.38 6.25
CA ALA A 388 40.59 -12.54 4.90
C ALA A 388 40.44 -11.21 4.17
N ILE A 389 40.07 -10.15 4.88
CA ILE A 389 39.91 -8.87 4.19
C ILE A 389 41.26 -8.19 3.98
N ALA A 390 42.23 -8.39 4.87
CA ALA A 390 43.57 -7.84 4.67
C ALA A 390 44.41 -8.66 3.71
N GLN A 391 43.91 -9.80 3.24
CA GLN A 391 44.60 -10.74 2.34
C GLN A 391 45.97 -11.18 2.89
N ILE A 392 45.97 -11.58 4.15
CA ILE A 392 47.10 -12.30 4.73
C ILE A 392 46.79 -13.80 4.80
N MET A 393 45.88 -14.26 3.96
CA MET A 393 45.28 -15.58 4.04
C MET A 393 45.30 -16.24 2.66
N PRO A 394 45.58 -17.54 2.58
CA PRO A 394 45.56 -18.23 1.29
C PRO A 394 44.14 -18.29 0.73
N PRO A 395 43.97 -18.06 -0.58
CA PRO A 395 42.63 -18.16 -1.18
C PRO A 395 42.08 -19.58 -1.22
N ASP A 396 42.93 -20.60 -1.10
CA ASP A 396 42.44 -21.98 -0.99
C ASP A 396 41.71 -22.21 0.33
N LEU A 397 42.14 -21.54 1.39
CA LEU A 397 41.56 -21.67 2.72
C LEU A 397 40.89 -20.37 3.15
N ASN A 398 40.16 -19.73 2.24
CA ASN A 398 39.47 -18.49 2.50
C ASN A 398 38.02 -18.69 2.93
N PHE A 399 37.31 -19.62 2.31
CA PHE A 399 35.90 -19.80 2.62
C PHE A 399 35.68 -20.56 3.91
N TRP A 400 36.59 -21.47 4.27
CA TRP A 400 36.36 -22.31 5.44
C TRP A 400 36.68 -21.56 6.72
N LEU A 401 37.86 -20.96 6.81
CA LEU A 401 38.16 -19.97 7.83
C LEU A 401 38.49 -18.68 7.10
N GLY A 402 37.82 -17.59 7.47
CA GLY A 402 37.98 -16.36 6.73
C GLY A 402 36.69 -15.60 6.55
N HIS A 403 36.33 -15.30 5.31
CA HIS A 403 35.14 -14.50 5.02
C HIS A 403 34.34 -15.17 3.92
N GLN A 404 33.08 -15.51 4.22
CA GLN A 404 32.22 -16.08 3.19
C GLN A 404 31.77 -15.04 2.17
N GLY A 405 31.73 -13.77 2.58
CA GLY A 405 31.40 -12.67 1.71
C GLY A 405 29.94 -12.29 1.70
N TYR A 406 29.05 -13.23 1.99
CA TYR A 406 27.63 -12.96 2.03
C TYR A 406 27.23 -12.45 3.39
N GLU A 407 26.44 -11.39 3.43
CA GLU A 407 26.12 -10.74 4.69
C GLU A 407 25.16 -11.59 5.52
N TYR A 408 25.30 -11.49 6.83
CA TYR A 408 24.67 -12.26 7.92
C TYR A 408 25.17 -13.70 8.01
N VAL A 409 26.02 -14.15 7.08
CA VAL A 409 26.72 -15.42 7.17
C VAL A 409 28.21 -15.20 6.91
N ASP A 410 28.71 -14.02 7.27
CA ASP A 410 30.07 -13.61 6.90
C ASP A 410 31.15 -14.46 7.55
N LEU A 411 30.87 -15.06 8.70
CA LEU A 411 31.87 -15.88 9.38
C LEU A 411 32.16 -17.13 8.57
N GLY A 412 33.40 -17.61 8.66
CA GLY A 412 33.86 -18.71 7.84
C GLY A 412 33.16 -20.01 8.15
N ARG A 413 33.28 -20.95 7.19
CA ARG A 413 32.51 -22.19 7.24
C ARG A 413 32.95 -23.10 8.39
N LEU A 414 34.22 -23.05 8.79
CA LEU A 414 34.64 -23.75 9.99
C LEU A 414 34.01 -23.14 11.24
N TRP A 415 34.02 -21.81 11.32
CA TRP A 415 33.38 -21.14 12.45
C TRP A 415 31.85 -21.22 12.36
N GLN A 416 31.30 -21.34 11.15
CA GLN A 416 29.86 -21.55 11.03
C GLN A 416 29.47 -22.95 11.48
N ILE A 417 30.32 -23.94 11.21
CA ILE A 417 30.11 -25.29 11.71
C ILE A 417 30.25 -25.31 13.24
N GLY A 418 31.19 -24.53 13.78
CA GLY A 418 31.31 -24.42 15.22
C GLY A 418 30.13 -23.73 15.87
N LYS A 419 29.56 -22.72 15.21
CA LYS A 419 28.38 -22.04 15.74
C LYS A 419 27.16 -22.95 15.67
N PHE A 420 27.02 -23.73 14.60
CA PHE A 420 25.93 -24.69 14.52
C PHE A 420 26.09 -25.82 15.53
N ALA A 421 27.33 -26.23 15.83
CA ALA A 421 27.55 -27.24 16.84
C ALA A 421 27.28 -26.70 18.24
N GLY A 422 27.59 -25.43 18.47
CA GLY A 422 27.23 -24.81 19.73
C GLY A 422 25.72 -24.65 19.89
N ILE A 423 25.03 -24.37 18.79
CA ILE A 423 23.57 -24.25 18.86
C ILE A 423 22.93 -25.61 19.07
N CYS A 424 23.50 -26.68 18.49
CA CYS A 424 23.02 -28.03 18.78
C CYS A 424 23.37 -28.47 20.19
N PHE A 425 24.49 -28.00 20.74
CA PHE A 425 24.79 -28.31 22.13
C PHE A 425 23.85 -27.59 23.08
N TRP A 426 23.44 -26.37 22.71
CA TRP A 426 22.40 -25.67 23.47
C TRP A 426 21.06 -26.37 23.32
N LEU A 427 20.79 -26.96 22.16
CA LEU A 427 19.62 -27.83 21.98
C LEU A 427 19.66 -29.02 22.93
N VAL A 428 20.84 -29.61 23.10
CA VAL A 428 20.99 -30.74 24.02
C VAL A 428 20.76 -30.29 25.47
N LEU A 429 21.36 -29.15 25.86
CA LEU A 429 21.17 -28.62 27.20
C LEU A 429 19.76 -28.11 27.45
N MET A 430 19.00 -27.81 26.40
CA MET A 430 17.60 -27.45 26.56
C MET A 430 16.73 -28.70 26.72
N LEU A 431 16.93 -29.69 25.85
CA LEU A 431 16.10 -30.88 25.89
C LEU A 431 16.39 -31.73 27.12
N ARG A 432 17.60 -31.64 27.67
CA ARG A 432 17.89 -32.31 28.94
C ARG A 432 17.16 -31.68 30.11
N GLY A 433 16.66 -30.46 29.97
CA GLY A 433 15.83 -29.87 30.99
C GLY A 433 14.34 -30.00 30.70
N ILE A 434 13.97 -30.09 29.44
CA ILE A 434 12.54 -30.14 29.09
C ILE A 434 12.01 -31.57 29.08
N VAL A 435 12.72 -32.50 28.44
CA VAL A 435 12.28 -33.88 28.26
C VAL A 435 12.10 -34.64 29.59
N PRO A 436 12.95 -34.49 30.63
CA PRO A 436 12.56 -35.05 31.94
C PRO A 436 11.37 -34.39 32.61
N ALA A 437 10.87 -33.25 32.11
CA ALA A 437 9.59 -32.72 32.55
C ALA A 437 8.46 -33.08 31.60
N LEU A 438 8.75 -33.80 30.51
CA LEU A 438 7.75 -34.36 29.64
C LEU A 438 7.70 -35.88 29.67
N ARG A 439 8.75 -36.54 30.14
CA ARG A 439 8.76 -37.99 30.26
C ARG A 439 7.94 -38.48 31.45
N THR A 440 7.54 -37.58 32.34
CA THR A 440 6.70 -37.98 33.46
C THR A 440 5.28 -38.25 32.98
N PRO A 441 4.65 -39.34 33.45
CA PRO A 441 3.27 -39.65 33.03
C PRO A 441 2.24 -38.72 33.66
N GLY A 442 2.11 -37.51 33.14
CA GLY A 442 1.15 -36.56 33.64
C GLY A 442 0.41 -35.81 32.55
N GLY A 443 -0.19 -34.68 32.90
CA GLY A 443 -0.91 -33.87 31.94
C GLY A 443 -0.43 -32.43 31.88
N ASP A 444 0.88 -32.24 31.99
CA ASP A 444 1.48 -30.91 32.05
C ASP A 444 2.08 -30.45 30.73
N LYS A 445 2.01 -31.28 29.69
CA LYS A 445 2.64 -30.94 28.40
C LYS A 445 1.70 -30.17 27.46
N ASN A 446 1.10 -29.11 27.99
CA ASN A 446 0.20 -28.29 27.18
C ASN A 446 0.98 -27.27 26.36
N LEU A 447 1.69 -26.36 27.04
CA LEU A 447 2.50 -25.34 26.39
C LEU A 447 3.92 -25.83 26.13
N LEU A 448 4.42 -26.76 26.95
CA LEU A 448 5.80 -27.22 26.85
C LEU A 448 6.10 -27.98 25.57
N ALA A 449 5.08 -28.52 24.90
CA ALA A 449 5.31 -29.14 23.59
C ALA A 449 5.55 -28.08 22.54
N LEU A 450 4.85 -26.95 22.63
CA LEU A 450 5.09 -25.84 21.72
C LEU A 450 6.47 -25.22 21.96
N LEU A 451 6.87 -25.11 23.23
CA LEU A 451 8.22 -24.65 23.55
C LEU A 451 9.27 -25.64 23.10
N THR A 452 8.96 -26.94 23.14
CA THR A 452 9.90 -27.95 22.67
C THR A 452 10.07 -27.89 21.15
N ALA A 453 8.96 -27.73 20.42
CA ALA A 453 9.04 -27.58 18.97
C ALA A 453 9.70 -26.28 18.57
N SER A 454 9.50 -25.22 19.35
CA SER A 454 10.16 -23.94 19.06
C SER A 454 11.65 -23.99 19.33
N VAL A 455 12.05 -24.68 20.41
CA VAL A 455 13.47 -24.86 20.72
C VAL A 455 14.13 -25.75 19.67
N GLY A 456 13.43 -26.78 19.21
CA GLY A 456 13.94 -27.59 18.11
C GLY A 456 14.04 -26.83 16.80
N ALA A 457 13.12 -25.89 16.56
CA ALA A 457 13.18 -25.09 15.34
C ALA A 457 14.33 -24.09 15.38
N ILE A 458 14.51 -23.40 16.52
CA ILE A 458 15.62 -22.46 16.64
C ILE A 458 16.97 -23.20 16.73
N GLY A 459 16.97 -24.46 17.11
CA GLY A 459 18.21 -25.21 17.19
C GLY A 459 18.64 -25.90 15.91
N LEU A 460 17.68 -26.46 15.16
CA LEU A 460 18.02 -27.29 14.02
C LEU A 460 18.09 -26.55 12.71
N PHE A 461 17.46 -25.37 12.60
CA PHE A 461 17.31 -24.71 11.31
C PHE A 461 18.46 -23.77 10.98
N TYR A 462 19.56 -23.83 11.70
CA TYR A 462 20.78 -23.18 11.22
C TYR A 462 21.50 -24.05 10.21
N GLY A 463 21.17 -25.34 10.14
CA GLY A 463 21.73 -26.25 9.17
C GLY A 463 21.32 -25.98 7.73
N ALA A 464 20.35 -25.09 7.51
CA ALA A 464 20.04 -24.60 6.18
C ALA A 464 21.01 -23.52 5.71
N GLY A 465 21.96 -23.11 6.55
CA GLY A 465 23.07 -22.27 6.16
C GLY A 465 24.18 -23.04 5.50
N PHE A 466 24.03 -24.35 5.43
CA PHE A 466 24.77 -25.22 4.53
C PHE A 466 23.93 -25.35 3.25
N PHE A 467 24.23 -26.38 2.44
CA PHE A 467 23.68 -26.60 1.10
C PHE A 467 24.06 -25.49 0.12
N TYR A 468 25.13 -24.75 0.41
CA TYR A 468 25.80 -23.94 -0.60
C TYR A 468 27.29 -23.95 -0.27
N GLY A 469 28.10 -24.36 -1.24
CA GLY A 469 29.51 -24.54 -1.02
C GLY A 469 30.31 -23.26 -1.18
N GLU A 470 31.48 -23.36 -1.80
CA GLU A 470 32.35 -22.21 -2.00
C GLU A 470 32.14 -21.56 -3.37
N ARG A 471 32.01 -22.37 -4.41
CA ARG A 471 31.90 -21.89 -5.77
C ARG A 471 30.57 -22.28 -6.42
N THR A 472 29.54 -22.48 -5.61
CA THR A 472 28.26 -22.86 -6.19
C THR A 472 27.51 -21.61 -6.67
N HIS A 473 26.34 -21.84 -7.26
CA HIS A 473 25.62 -20.80 -7.99
C HIS A 473 25.06 -19.75 -7.04
N LEU A 474 25.08 -18.48 -7.49
CA LEU A 474 24.77 -17.36 -6.61
C LEU A 474 23.29 -17.30 -6.24
N THR A 475 22.41 -17.80 -7.10
CA THR A 475 20.99 -17.82 -6.76
C THR A 475 20.70 -18.86 -5.69
N VAL A 476 21.47 -19.95 -5.67
CA VAL A 476 21.31 -20.95 -4.62
C VAL A 476 21.91 -20.45 -3.30
N MET A 477 22.92 -19.58 -3.37
CA MET A 477 23.41 -18.94 -2.15
C MET A 477 22.62 -17.70 -1.78
N GLU A 478 21.55 -17.41 -2.50
CA GLU A 478 20.58 -16.41 -2.10
C GLU A 478 19.20 -17.02 -1.91
N TYR A 479 19.10 -18.35 -1.91
CA TYR A 479 17.90 -19.06 -1.50
C TYR A 479 18.08 -19.77 -0.17
N TRP A 480 19.25 -20.37 0.05
CA TRP A 480 19.56 -20.98 1.34
C TRP A 480 20.21 -20.01 2.31
N ARG A 481 20.54 -18.80 1.88
CA ARG A 481 20.98 -17.80 2.85
C ARG A 481 19.81 -17.24 3.63
N TRP A 482 18.70 -16.96 2.96
CA TRP A 482 17.53 -16.40 3.61
C TRP A 482 16.68 -17.44 4.30
N TRP A 483 17.06 -18.73 4.21
CA TRP A 483 16.49 -19.74 5.07
C TRP A 483 16.94 -19.59 6.52
N ILE A 484 18.07 -18.91 6.76
CA ILE A 484 18.58 -18.73 8.11
C ILE A 484 18.72 -17.26 8.49
N VAL A 485 18.23 -16.35 7.64
CA VAL A 485 18.15 -14.94 7.98
C VAL A 485 16.70 -14.47 8.06
N HIS A 486 15.85 -14.92 7.16
CA HIS A 486 14.44 -14.63 7.27
C HIS A 486 13.67 -15.70 8.03
N LEU A 487 13.99 -16.96 7.82
CA LEU A 487 13.18 -18.01 8.45
C LEU A 487 13.66 -18.33 9.86
N TRP A 488 14.93 -18.08 10.17
CA TRP A 488 15.48 -18.44 11.47
C TRP A 488 15.69 -17.24 12.37
N VAL A 489 16.29 -16.16 11.86
CA VAL A 489 16.46 -14.96 12.67
C VAL A 489 15.11 -14.25 12.85
N GLU A 490 14.39 -14.01 11.77
CA GLU A 490 13.10 -13.34 11.88
C GLU A 490 12.00 -14.30 12.32
N GLY A 491 12.04 -15.55 11.85
CA GLY A 491 10.91 -16.43 12.04
C GLY A 491 10.95 -17.33 13.25
N PHE A 492 12.15 -17.68 13.72
CA PHE A 492 12.26 -18.61 14.84
C PHE A 492 12.98 -17.99 16.04
N PHE A 493 13.25 -16.69 16.01
CA PHE A 493 13.50 -15.97 17.25
C PHE A 493 12.20 -15.39 17.79
N GLU A 494 11.27 -15.01 16.90
CA GLU A 494 9.96 -14.57 17.33
C GLU A 494 9.15 -15.72 17.90
N ALA A 495 9.27 -16.90 17.30
CA ALA A 495 8.56 -18.09 17.78
C ALA A 495 9.20 -18.70 19.01
N PHE A 496 10.36 -18.20 19.44
CA PHE A 496 10.96 -18.63 20.70
C PHE A 496 10.81 -17.59 21.81
N ALA A 497 11.01 -16.32 21.49
CA ALA A 497 10.93 -15.28 22.51
C ALA A 497 9.50 -14.86 22.82
N THR A 498 8.51 -15.44 22.17
CA THR A 498 7.11 -15.24 22.55
C THR A 498 6.56 -16.40 23.37
N THR A 499 6.90 -17.63 23.03
CA THR A 499 6.45 -18.78 23.80
C THR A 499 7.20 -18.93 25.11
N ALA A 500 8.49 -18.59 25.14
CA ALA A 500 9.20 -18.53 26.41
C ALA A 500 8.70 -17.38 27.27
N LEU A 501 8.31 -16.27 26.64
CA LEU A 501 7.71 -15.18 27.39
C LEU A 501 6.34 -15.56 27.92
N ALA A 502 5.58 -16.33 27.14
CA ALA A 502 4.30 -16.83 27.63
C ALA A 502 4.49 -17.84 28.75
N PHE A 503 5.55 -18.64 28.69
CA PHE A 503 5.86 -19.56 29.78
C PHE A 503 6.27 -18.83 31.05
N ILE A 504 7.04 -17.75 30.90
CA ILE A 504 7.43 -16.95 32.06
C ILE A 504 6.22 -16.26 32.66
N PHE A 505 5.37 -15.66 31.82
CA PHE A 505 4.19 -14.97 32.34
C PHE A 505 3.13 -15.94 32.83
N SER A 506 3.21 -17.22 32.46
CA SER A 506 2.31 -18.22 33.02
C SER A 506 2.83 -18.76 34.35
N THR A 507 4.15 -18.93 34.48
CA THR A 507 4.71 -19.45 35.72
C THR A 507 4.58 -18.44 36.85
N LEU A 508 4.65 -17.14 36.53
CA LEU A 508 4.38 -16.09 37.53
C LEU A 508 2.92 -16.04 37.97
N GLY A 509 2.01 -16.72 37.28
CA GLY A 509 0.62 -16.71 37.67
C GLY A 509 -0.16 -15.53 37.15
N LEU A 510 0.39 -14.80 36.18
CA LEU A 510 -0.28 -13.63 35.63
C LEU A 510 -1.22 -13.99 34.49
N VAL A 511 -0.85 -14.96 33.66
CA VAL A 511 -1.75 -15.60 32.71
C VAL A 511 -1.85 -17.08 33.08
N SER A 512 -2.97 -17.68 32.70
CA SER A 512 -3.46 -18.89 33.37
C SER A 512 -3.74 -20.02 32.39
N ARG A 513 -2.77 -20.30 31.51
CA ARG A 513 -2.74 -21.47 30.61
C ARG A 513 -3.88 -21.52 29.59
N ARG A 514 -4.66 -20.46 29.50
CA ARG A 514 -5.67 -20.30 28.46
C ARG A 514 -5.44 -19.02 27.65
N MET A 515 -4.82 -18.02 28.25
CA MET A 515 -4.20 -16.93 27.50
C MET A 515 -2.71 -17.13 27.33
N ALA A 516 -2.16 -18.24 27.83
CA ALA A 516 -0.77 -18.62 27.62
C ALA A 516 -0.61 -19.72 26.59
N THR A 517 -1.71 -20.34 26.16
CA THR A 517 -1.65 -21.36 25.12
C THR A 517 -2.54 -21.07 23.92
N THR A 518 -3.76 -20.57 24.12
CA THR A 518 -4.59 -20.21 22.97
C THR A 518 -4.12 -18.90 22.35
N ALA A 519 -3.56 -18.00 23.15
CA ALA A 519 -2.98 -16.78 22.66
C ALA A 519 -1.50 -16.92 22.35
N SER A 520 -0.97 -18.14 22.38
CA SER A 520 0.40 -18.41 21.98
C SER A 520 0.52 -19.45 20.88
N LEU A 521 -0.57 -20.15 20.54
CA LEU A 521 -0.64 -20.93 19.31
C LEU A 521 -1.26 -20.14 18.17
N ALA A 522 -2.20 -19.24 18.48
CA ALA A 522 -2.71 -18.33 17.47
C ALA A 522 -1.67 -17.26 17.13
N SER A 523 -0.85 -16.87 18.10
CA SER A 523 0.27 -15.97 17.87
C SER A 523 1.53 -16.71 17.42
N ALA A 524 1.40 -17.99 17.09
CA ALA A 524 2.47 -18.73 16.43
C ALA A 524 1.99 -19.37 15.14
N SER A 525 0.73 -19.15 14.74
CA SER A 525 0.23 -19.56 13.44
C SER A 525 -0.17 -18.41 12.55
N LEU A 526 -0.42 -17.22 13.12
CA LEU A 526 -0.56 -16.02 12.30
C LEU A 526 0.77 -15.62 11.68
N PHE A 527 1.88 -15.95 12.35
CA PHE A 527 3.20 -15.56 11.88
C PHE A 527 3.86 -16.61 11.01
N MET A 528 3.52 -17.90 11.17
CA MET A 528 4.07 -18.93 10.31
C MET A 528 3.30 -19.08 9.01
N LEU A 529 2.21 -18.35 8.83
CA LEU A 529 1.52 -18.30 7.56
C LEU A 529 2.14 -17.26 6.63
N GLY A 530 2.66 -16.17 7.18
CA GLY A 530 3.28 -15.15 6.37
C GLY A 530 4.79 -15.08 6.53
N GLY A 531 5.35 -15.91 7.40
CA GLY A 531 6.77 -15.84 7.67
C GLY A 531 7.57 -16.92 6.99
N ILE A 532 6.97 -18.10 6.84
CA ILE A 532 7.65 -19.24 6.23
C ILE A 532 7.71 -19.12 4.70
N PRO A 533 6.65 -18.83 3.94
CA PRO A 533 6.85 -18.60 2.51
C PRO A 533 7.07 -17.14 2.13
N GLY A 534 7.18 -16.25 3.10
CA GLY A 534 7.57 -14.88 2.86
C GLY A 534 9.05 -14.69 2.62
N THR A 535 9.84 -15.76 2.80
CA THR A 535 11.27 -15.78 2.48
C THR A 535 11.57 -15.30 1.08
N PHE A 536 10.67 -15.57 0.15
CA PHE A 536 10.73 -15.10 -1.22
C PHE A 536 10.55 -13.61 -1.35
N HIS A 537 10.40 -12.70 -0.37
CA HIS A 537 10.53 -11.29 -0.72
C HIS A 537 11.98 -10.82 -0.71
N HIS A 538 12.92 -11.72 -0.45
CA HIS A 538 14.33 -11.48 -0.68
C HIS A 538 14.81 -12.09 -1.98
N LEU A 539 13.99 -12.95 -2.60
CA LEU A 539 14.33 -13.63 -3.84
C LEU A 539 13.50 -13.13 -5.02
N TYR A 540 13.02 -11.89 -4.97
CA TYR A 540 12.38 -11.30 -6.13
C TYR A 540 13.37 -11.17 -7.26
N PHE A 541 14.34 -10.29 -7.08
CA PHE A 541 15.33 -9.91 -8.08
C PHE A 541 16.66 -10.60 -7.89
N ALA A 542 16.67 -11.92 -7.81
CA ALA A 542 17.92 -12.68 -7.84
C ALA A 542 17.62 -14.03 -8.49
N GLY A 543 17.75 -14.07 -9.81
CA GLY A 543 17.66 -15.30 -10.57
C GLY A 543 16.37 -16.11 -10.53
N THR A 544 15.30 -15.54 -9.99
CA THR A 544 14.05 -16.26 -9.84
C THR A 544 13.04 -15.84 -10.90
N THR A 545 11.91 -16.53 -10.89
CA THR A 545 10.88 -16.36 -11.90
C THR A 545 9.74 -15.54 -11.29
N THR A 546 8.70 -15.28 -12.09
CA THR A 546 7.52 -14.56 -11.61
C THR A 546 6.72 -15.26 -10.51
N PRO A 547 6.49 -16.60 -10.51
CA PRO A 547 5.73 -17.19 -9.38
C PRO A 547 6.42 -17.11 -8.02
N VAL A 548 7.75 -17.03 -7.96
CA VAL A 548 8.43 -16.80 -6.69
C VAL A 548 8.08 -15.44 -6.14
N MET A 549 8.03 -14.42 -7.00
CA MET A 549 7.58 -13.10 -6.61
C MET A 549 6.11 -13.09 -6.25
N ALA A 550 5.31 -13.91 -6.94
CA ALA A 550 3.88 -14.01 -6.66
C ALA A 550 3.61 -14.60 -5.29
N VAL A 551 4.40 -15.61 -4.89
CA VAL A 551 4.28 -16.17 -3.55
C VAL A 551 4.80 -15.18 -2.52
N GLY A 552 5.96 -14.57 -2.79
CA GLY A 552 6.59 -13.70 -1.81
C GLY A 552 5.96 -12.34 -1.64
N ALA A 553 5.04 -11.94 -2.50
CA ALA A 553 4.30 -10.70 -2.25
C ALA A 553 3.03 -10.95 -1.44
N SER A 554 2.26 -11.95 -1.85
CA SER A 554 1.01 -12.27 -1.18
C SER A 554 1.27 -12.83 0.21
N PHE A 555 2.16 -13.82 0.32
CA PHE A 555 2.45 -14.43 1.60
C PHE A 555 3.47 -13.64 2.42
N SER A 556 3.75 -12.39 2.07
CA SER A 556 4.42 -11.47 2.96
C SER A 556 3.61 -10.23 3.25
N ALA A 557 2.51 -10.01 2.52
CA ALA A 557 1.50 -9.09 3.00
C ALA A 557 0.76 -9.67 4.19
N LEU A 558 0.71 -11.00 4.31
CA LEU A 558 0.01 -11.68 5.38
C LEU A 558 0.86 -11.86 6.64
N GLU A 559 2.07 -11.31 6.68
CA GLU A 559 2.85 -11.23 7.90
C GLU A 559 2.95 -9.82 8.44
N VAL A 560 2.48 -8.83 7.69
CA VAL A 560 2.32 -7.49 8.24
C VAL A 560 0.99 -7.39 8.96
N VAL A 561 0.00 -8.19 8.58
CA VAL A 561 -1.34 -8.10 9.16
C VAL A 561 -1.47 -8.52 10.63
N PRO A 562 -0.65 -9.37 11.25
CA PRO A 562 -0.71 -9.45 12.72
C PRO A 562 0.32 -8.57 13.43
N LEU A 563 1.06 -7.73 12.70
CA LEU A 563 2.02 -6.82 13.29
C LEU A 563 1.50 -5.41 13.43
N ILE A 564 0.63 -4.96 12.52
CA ILE A 564 0.02 -3.65 12.66
C ILE A 564 -0.98 -3.65 13.81
N VAL A 565 -1.67 -4.77 14.04
CA VAL A 565 -2.60 -4.87 15.18
C VAL A 565 -1.77 -5.32 16.38
N LEU A 566 -1.10 -4.36 17.00
CA LEU A 566 -0.32 -4.62 18.20
C LEU A 566 -0.59 -3.54 19.24
N GLY A 567 -1.84 -3.14 19.38
CA GLY A 567 -2.27 -2.39 20.54
C GLY A 567 -2.58 -3.40 21.63
N HIS A 568 -3.35 -4.43 21.27
CA HIS A 568 -3.37 -5.65 22.05
C HIS A 568 -2.02 -6.36 21.93
N GLU A 569 -1.72 -7.17 22.94
CA GLU A 569 -0.41 -7.79 23.19
C GLU A 569 0.70 -6.74 23.37
N ALA A 570 0.32 -5.49 23.67
CA ALA A 570 1.25 -4.46 24.09
C ALA A 570 0.64 -3.75 25.30
N TRP A 571 -0.68 -3.71 25.34
CA TRP A 571 -1.43 -3.30 26.52
C TRP A 571 -1.89 -4.48 27.34
N GLU A 572 -2.02 -5.64 26.72
CA GLU A 572 -2.36 -6.82 27.47
C GLU A 572 -1.15 -7.08 28.35
N ASN A 573 0.02 -7.15 27.73
CA ASN A 573 1.27 -7.40 28.44
C ASN A 573 1.61 -6.31 29.44
N TRP A 574 1.36 -5.06 29.07
CA TRP A 574 1.63 -3.93 29.96
C TRP A 574 0.77 -3.96 31.21
N ARG A 575 -0.44 -4.45 31.10
CA ARG A 575 -1.31 -4.51 32.24
C ARG A 575 -0.72 -5.43 33.31
N LEU A 576 -0.14 -6.54 32.89
CA LEU A 576 0.41 -7.52 33.82
C LEU A 576 1.18 -6.84 34.94
N LYS A 577 1.91 -5.77 34.64
CA LYS A 577 2.63 -5.06 35.69
C LYS A 577 1.70 -4.55 36.78
N THR A 578 0.53 -4.04 36.42
CA THR A 578 -0.43 -3.54 37.41
C THR A 578 -1.33 -4.63 38.00
N ARG A 579 -0.84 -5.87 37.98
CA ARG A 579 -1.55 -7.02 38.53
C ARG A 579 -1.01 -7.60 39.83
N ALA A 580 0.26 -7.35 40.13
CA ALA A 580 0.88 -7.82 41.35
C ALA A 580 1.80 -6.77 41.94
N PRO A 581 1.94 -6.74 43.27
CA PRO A 581 2.85 -5.74 43.88
C PRO A 581 4.33 -6.07 43.70
N TRP A 582 4.68 -7.34 43.47
CA TRP A 582 6.08 -7.70 43.26
C TRP A 582 6.51 -7.55 41.81
N MET A 583 5.65 -7.02 40.95
CA MET A 583 6.00 -6.81 39.55
C MET A 583 6.88 -5.58 39.33
N GLU A 584 7.04 -4.74 40.36
CA GLU A 584 7.86 -3.54 40.22
C GLU A 584 9.34 -3.86 40.09
N ASN A 585 9.77 -5.06 40.50
CA ASN A 585 11.13 -5.51 40.20
C ASN A 585 11.29 -5.80 38.71
N LEU A 586 10.21 -6.16 38.03
CA LEU A 586 10.22 -6.45 36.61
C LEU A 586 9.54 -5.34 35.80
N LYS A 587 9.74 -4.09 36.23
CA LYS A 587 9.18 -2.97 35.50
C LYS A 587 9.93 -2.73 34.19
N TRP A 588 11.26 -2.71 34.27
CA TRP A 588 12.08 -2.36 33.11
C TRP A 588 12.19 -3.44 32.04
N PRO A 589 12.21 -4.76 32.34
CA PRO A 589 11.98 -5.71 31.24
C PRO A 589 10.61 -5.60 30.61
N LEU A 590 9.55 -5.49 31.42
CA LEU A 590 8.19 -5.32 30.90
C LEU A 590 7.97 -4.00 30.19
N MET A 591 8.87 -3.03 30.34
CA MET A 591 8.79 -1.86 29.48
C MET A 591 9.44 -2.14 28.12
N CYS A 592 10.54 -2.90 28.11
CA CYS A 592 11.18 -3.25 26.83
C CYS A 592 10.28 -4.13 25.99
N PHE A 593 9.57 -5.07 26.62
CA PHE A 593 8.59 -5.88 25.91
C PHE A 593 7.40 -5.07 25.40
N VAL A 594 7.20 -3.85 25.94
CA VAL A 594 6.27 -2.93 25.30
C VAL A 594 6.90 -2.33 24.06
N ALA A 595 8.15 -1.89 24.17
CA ALA A 595 8.84 -1.26 23.04
C ALA A 595 9.12 -2.26 21.94
N VAL A 596 9.34 -3.54 22.30
CA VAL A 596 9.40 -4.66 21.36
C VAL A 596 8.17 -4.65 20.46
N ALA A 597 7.00 -4.43 21.05
CA ALA A 597 5.78 -4.38 20.24
C ALA A 597 5.75 -3.14 19.38
N PHE A 598 6.23 -2.00 19.89
CA PHE A 598 6.14 -0.74 19.13
C PHE A 598 7.01 -0.79 17.90
N TRP A 599 8.27 -1.17 18.05
CA TRP A 599 9.09 -1.38 16.88
C TRP A 599 8.75 -2.65 16.13
N ASN A 600 7.81 -3.47 16.60
CA ASN A 600 7.30 -4.54 15.74
C ASN A 600 6.17 -4.06 14.86
N MET A 601 5.61 -2.88 15.11
CA MET A 601 4.68 -2.34 14.12
C MET A 601 5.30 -1.22 13.30
N LEU A 602 6.14 -0.39 13.89
CA LEU A 602 6.79 0.67 13.13
C LEU A 602 8.01 0.15 12.37
N GLY A 603 8.73 -0.81 12.92
CA GLY A 603 9.94 -1.29 12.28
C GLY A 603 9.71 -2.40 11.29
N ALA A 604 8.93 -3.40 11.66
CA ALA A 604 8.65 -4.51 10.78
C ALA A 604 7.36 -4.35 9.98
N GLY A 605 6.42 -3.54 10.45
CA GLY A 605 5.15 -3.40 9.78
C GLY A 605 5.05 -2.24 8.82
N VAL A 606 5.31 -1.02 9.29
CA VAL A 606 5.19 0.15 8.42
C VAL A 606 6.38 0.22 7.46
N PHE A 607 7.59 0.11 7.98
CA PHE A 607 8.78 0.15 7.14
C PHE A 607 9.11 -1.19 6.52
N GLY A 608 8.40 -2.24 6.89
CA GLY A 608 8.59 -3.54 6.28
C GLY A 608 7.74 -3.71 5.05
N PHE A 609 6.56 -3.09 5.03
CA PHE A 609 5.71 -3.11 3.86
C PHE A 609 5.92 -1.91 2.95
N MET A 610 6.64 -0.88 3.42
CA MET A 610 7.07 0.20 2.53
C MET A 610 8.00 -0.32 1.46
N ILE A 611 8.83 -1.31 1.79
CA ILE A 611 9.80 -1.89 0.87
C ILE A 611 9.38 -3.28 0.43
N ASN A 612 8.21 -3.74 0.81
CA ASN A 612 7.82 -5.10 0.45
C ASN A 612 7.33 -5.33 -0.99
N PRO A 613 6.32 -4.61 -1.53
CA PRO A 613 5.66 -5.09 -2.75
C PRO A 613 6.59 -4.94 -3.95
N PRO A 614 6.47 -5.82 -4.95
CA PRO A 614 7.55 -5.97 -5.94
C PRO A 614 7.74 -4.80 -6.90
N VAL A 615 6.85 -3.81 -6.92
CA VAL A 615 7.11 -2.60 -7.67
C VAL A 615 7.72 -1.53 -6.78
N SER A 616 7.55 -1.63 -5.46
CA SER A 616 8.22 -0.72 -4.54
C SER A 616 9.65 -1.16 -4.29
N LEU A 617 9.88 -2.47 -4.10
CA LEU A 617 11.21 -2.98 -3.83
C LEU A 617 12.12 -2.88 -5.05
N TYR A 618 11.54 -2.80 -6.24
CA TYR A 618 12.30 -2.69 -7.47
C TYR A 618 13.17 -1.45 -7.49
N TYR A 619 12.63 -0.32 -7.06
CA TYR A 619 13.37 0.92 -7.01
C TYR A 619 14.08 1.13 -5.68
N ILE A 620 14.04 0.15 -4.79
CA ILE A 620 14.48 0.32 -3.41
C ILE A 620 15.53 -0.69 -2.98
N GLN A 621 15.57 -1.86 -3.61
CA GLN A 621 16.45 -2.96 -3.19
C GLN A 621 17.90 -2.55 -3.42
N GLY A 622 18.59 -2.21 -2.34
CA GLY A 622 19.93 -1.65 -2.42
C GLY A 622 20.05 -0.21 -2.02
N LEU A 623 18.99 0.40 -1.50
CA LEU A 623 18.99 1.81 -1.12
C LEU A 623 18.97 1.95 0.40
N ASN A 624 18.83 3.19 0.86
CA ASN A 624 18.96 3.49 2.28
C ASN A 624 17.63 3.47 3.03
N THR A 625 16.60 2.85 2.46
CA THR A 625 15.41 2.50 3.23
C THR A 625 15.43 1.05 3.69
N THR A 626 16.43 0.29 3.26
CA THR A 626 16.68 -1.04 3.82
C THR A 626 17.43 -0.98 5.16
N PRO A 627 18.44 -0.11 5.39
CA PRO A 627 18.95 0.00 6.76
C PRO A 627 17.97 0.66 7.73
N VAL A 628 16.97 1.40 7.24
CA VAL A 628 15.88 1.88 8.10
C VAL A 628 15.13 0.70 8.71
N HIS A 629 14.66 -0.20 7.84
CA HIS A 629 13.94 -1.39 8.28
C HIS A 629 14.85 -2.33 9.06
N ALA A 630 16.13 -2.39 8.70
CA ALA A 630 17.05 -3.29 9.38
C ALA A 630 17.39 -2.81 10.78
N HIS A 631 17.67 -1.52 10.95
CA HIS A 631 17.96 -0.99 12.27
C HIS A 631 16.73 -0.91 13.14
N ALA A 632 15.55 -0.73 12.54
CA ALA A 632 14.34 -0.65 13.34
C ALA A 632 13.77 -2.02 13.68
N ALA A 633 14.07 -3.05 12.90
CA ALA A 633 13.50 -4.37 13.15
C ALA A 633 14.47 -5.35 13.79
N LEU A 634 15.77 -5.24 13.53
CA LEU A 634 16.69 -6.15 14.22
C LEU A 634 17.01 -5.67 15.62
N PHE A 635 17.16 -4.35 15.81
CA PHE A 635 17.36 -3.86 17.16
C PHE A 635 16.04 -3.60 17.88
N GLY A 636 15.03 -3.10 17.17
CA GLY A 636 13.82 -2.73 17.85
C GLY A 636 12.97 -3.91 18.30
N VAL A 637 13.13 -5.06 17.65
CA VAL A 637 12.38 -6.25 18.02
C VAL A 637 13.29 -7.25 18.72
N TYR A 638 14.30 -7.75 18.03
CA TYR A 638 15.16 -8.79 18.57
C TYR A 638 16.35 -8.24 19.34
N GLY A 639 16.48 -6.93 19.44
CA GLY A 639 17.56 -6.35 20.21
C GLY A 639 17.03 -5.69 21.47
N PHE A 640 15.71 -5.61 21.57
CA PHE A 640 15.06 -5.26 22.83
C PHE A 640 14.48 -6.48 23.54
N LEU A 641 14.13 -7.54 22.79
CA LEU A 641 13.82 -8.82 23.42
C LEU A 641 15.05 -9.40 24.10
N ALA A 642 16.22 -9.31 23.46
CA ALA A 642 17.44 -9.82 24.06
C ALA A 642 17.98 -8.92 25.16
N LEU A 643 17.53 -7.66 25.23
CA LEU A 643 17.81 -6.80 26.37
C LEU A 643 16.68 -6.79 27.39
N GLY A 644 15.55 -7.42 27.08
CA GLY A 644 14.51 -7.62 28.06
C GLY A 644 14.78 -8.90 28.82
N PHE A 645 15.19 -9.93 28.09
CA PHE A 645 15.61 -11.18 28.70
C PHE A 645 16.90 -11.03 29.50
N THR A 646 17.81 -10.14 29.09
CA THR A 646 19.01 -9.86 29.86
C THR A 646 18.69 -9.21 31.21
N LEU A 647 17.79 -8.24 31.24
CA LEU A 647 17.39 -7.63 32.50
C LEU A 647 16.41 -8.48 33.30
N LEU A 648 15.75 -9.46 32.67
CA LEU A 648 14.94 -10.40 33.43
C LEU A 648 15.82 -11.47 34.09
N VAL A 649 16.86 -11.92 33.39
CA VAL A 649 17.82 -12.87 33.95
C VAL A 649 18.85 -12.17 34.82
N LEU A 650 18.89 -10.83 34.78
CA LEU A 650 19.66 -10.10 35.79
C LEU A 650 18.97 -10.16 37.14
N ARG A 651 17.64 -10.09 37.15
CA ARG A 651 16.90 -10.57 38.30
C ARG A 651 16.96 -12.09 38.34
N TYR A 652 16.71 -12.64 39.53
CA TYR A 652 16.69 -14.08 39.86
C TYR A 652 18.05 -14.76 39.78
N ILE A 653 19.10 -14.03 39.41
CA ILE A 653 20.47 -14.43 39.70
C ILE A 653 21.21 -13.38 40.51
N ARG A 654 20.74 -12.14 40.51
CA ARG A 654 21.23 -11.10 41.43
C ARG A 654 19.99 -10.44 42.05
N PRO A 655 19.26 -11.18 42.92
CA PRO A 655 17.93 -10.71 43.33
C PRO A 655 17.97 -9.56 44.32
N GLN A 656 19.10 -9.29 44.95
CA GLN A 656 19.20 -8.19 45.91
C GLN A 656 19.53 -6.86 45.24
N TYR A 657 19.65 -6.82 43.92
CA TYR A 657 20.06 -5.62 43.20
C TYR A 657 18.84 -4.98 42.55
N ALA A 658 18.51 -3.77 43.00
CA ALA A 658 17.50 -2.97 42.32
C ALA A 658 18.10 -2.33 41.08
N LEU A 659 17.27 -2.19 40.04
CA LEU A 659 17.75 -1.78 38.73
C LEU A 659 18.07 -0.29 38.62
N SER A 660 17.92 0.48 39.70
CA SER A 660 18.25 1.90 39.82
C SER A 660 17.59 2.77 38.76
N PRO A 661 16.30 3.07 38.87
CA PRO A 661 15.66 3.99 37.92
C PRO A 661 16.26 5.38 38.01
N GLY A 662 16.54 5.97 36.85
CA GLY A 662 17.34 7.16 36.76
C GLY A 662 18.52 6.89 35.85
N LEU A 663 19.07 5.68 35.96
CA LEU A 663 20.02 5.16 34.98
C LEU A 663 19.34 4.33 33.92
N MET A 664 18.37 3.50 34.33
CA MET A 664 17.61 2.72 33.37
C MET A 664 16.65 3.56 32.55
N LYS A 665 16.24 4.73 33.06
CA LYS A 665 15.50 5.69 32.25
C LYS A 665 16.36 6.17 31.09
N LEU A 666 17.63 6.46 31.36
CA LEU A 666 18.58 6.81 30.30
C LEU A 666 18.80 5.64 29.37
N ALA A 667 18.92 4.43 29.91
CA ALA A 667 19.22 3.25 29.10
C ALA A 667 18.05 2.86 28.21
N PHE A 668 16.83 3.21 28.59
CA PHE A 668 15.67 2.92 27.76
C PHE A 668 15.38 4.04 26.78
N TRP A 669 15.26 5.28 27.27
CA TRP A 669 14.90 6.41 26.44
C TRP A 669 16.11 7.05 25.77
N GLY A 670 17.27 6.40 25.80
CA GLY A 670 18.34 6.78 24.92
C GLY A 670 18.33 5.86 23.73
N LEU A 671 18.11 4.57 23.99
CA LEU A 671 18.03 3.59 22.90
C LEU A 671 16.81 3.84 22.01
N ASN A 672 15.64 4.05 22.61
CA ASN A 672 14.43 4.27 21.83
C ASN A 672 14.49 5.60 21.07
N LEU A 673 14.91 6.67 21.74
CA LEU A 673 14.93 7.98 21.11
C LEU A 673 16.05 8.08 20.08
N GLY A 674 17.19 7.43 20.31
CA GLY A 674 18.25 7.43 19.31
C GLY A 674 17.91 6.58 18.10
N LEU A 675 17.18 5.47 18.31
CA LEU A 675 16.74 4.68 17.17
C LEU A 675 15.68 5.42 16.36
N ALA A 676 14.80 6.16 17.03
CA ALA A 676 13.84 6.96 16.29
C ALA A 676 14.41 8.26 15.74
N LEU A 677 15.61 8.66 16.19
CA LEU A 677 16.23 9.89 15.74
C LEU A 677 17.20 9.69 14.59
N MET A 678 17.97 8.60 14.61
CA MET A 678 18.91 8.33 13.53
C MET A 678 18.25 7.66 12.34
N ILE A 679 16.97 7.30 12.45
CA ILE A 679 16.22 6.72 11.35
C ILE A 679 15.36 7.76 10.65
N PHE A 680 14.64 8.57 11.42
CA PHE A 680 13.69 9.52 10.85
C PHE A 680 14.32 10.83 10.41
N THR A 681 15.56 11.11 10.81
CA THR A 681 16.21 12.34 10.41
C THR A 681 17.41 12.14 9.50
N SER A 682 17.95 10.94 9.42
CA SER A 682 19.10 10.79 8.54
C SER A 682 18.98 9.65 7.54
N LEU A 683 18.44 8.51 7.95
CA LEU A 683 18.46 7.35 7.06
C LEU A 683 17.27 7.35 6.11
N LEU A 684 16.07 7.63 6.62
CA LEU A 684 14.87 7.67 5.78
C LEU A 684 14.83 8.84 4.80
N PRO A 685 15.24 10.09 5.13
CA PRO A 685 15.27 11.10 4.06
C PRO A 685 16.32 10.85 2.99
N ILE A 686 17.48 10.30 3.36
CA ILE A 686 18.48 9.89 2.36
C ILE A 686 17.91 8.78 1.49
N GLY A 687 17.20 7.82 2.10
CA GLY A 687 16.59 6.76 1.32
C GLY A 687 15.48 7.23 0.41
N LEU A 688 14.76 8.29 0.81
CA LEU A 688 13.70 8.81 -0.05
C LEU A 688 14.25 9.65 -1.20
N ILE A 689 15.33 10.42 -0.95
CA ILE A 689 15.99 11.13 -2.03
C ILE A 689 16.61 10.14 -3.03
N GLN A 690 17.20 9.06 -2.50
CA GLN A 690 17.70 7.97 -3.35
C GLN A 690 16.57 7.28 -4.11
N PHE A 691 15.39 7.16 -3.49
CA PHE A 691 14.26 6.53 -4.17
C PHE A 691 13.75 7.40 -5.31
N HIS A 692 13.71 8.71 -5.09
CA HIS A 692 13.35 9.65 -6.16
C HIS A 692 14.37 9.62 -7.29
N ALA A 693 15.66 9.52 -6.96
CA ALA A 693 16.67 9.44 -8.01
C ALA A 693 16.68 8.08 -8.71
N SER A 694 16.29 7.02 -8.01
CA SER A 694 16.27 5.70 -8.62
C SER A 694 15.04 5.49 -9.49
N VAL A 695 13.94 6.18 -9.20
CA VAL A 695 12.81 6.14 -10.12
C VAL A 695 12.97 7.17 -11.24
N SER A 696 13.76 8.23 -11.02
CA SER A 696 13.92 9.25 -12.05
C SER A 696 14.89 8.80 -13.14
N GLU A 697 16.16 8.56 -12.78
CA GLU A 697 17.19 8.29 -13.77
C GLU A 697 17.62 6.83 -13.81
N GLY A 698 17.69 6.14 -12.69
CA GLY A 698 18.00 4.73 -12.71
C GLY A 698 18.67 4.28 -11.43
N MET A 699 18.85 2.96 -11.33
CA MET A 699 19.44 2.35 -10.14
C MET A 699 20.92 2.68 -10.03
N TRP A 700 21.61 2.81 -11.18
CA TRP A 700 23.01 3.25 -11.19
C TRP A 700 23.17 4.64 -10.62
N TYR A 701 22.16 5.50 -10.77
CA TYR A 701 22.28 6.89 -10.38
C TYR A 701 22.15 7.06 -8.87
N ALA A 702 21.34 6.22 -8.21
CA ALA A 702 21.13 6.38 -6.78
C ALA A 702 22.35 5.96 -5.97
N ARG A 703 23.20 5.10 -6.51
CA ARG A 703 24.35 4.58 -5.78
C ARG A 703 25.67 5.23 -6.18
N SER A 704 25.70 5.97 -7.28
CA SER A 704 26.94 6.53 -7.80
C SER A 704 27.43 7.68 -6.92
N GLU A 705 28.73 7.96 -7.02
CA GLU A 705 29.36 8.97 -6.18
C GLU A 705 29.02 10.39 -6.61
N ALA A 706 28.50 10.59 -7.82
CA ALA A 706 28.01 11.90 -8.21
C ALA A 706 26.76 12.29 -7.44
N PHE A 707 26.01 11.31 -6.95
CA PHE A 707 24.78 11.53 -6.21
C PHE A 707 24.95 11.39 -4.70
N MET A 708 25.82 10.51 -4.24
CA MET A 708 26.00 10.35 -2.80
C MET A 708 26.89 11.42 -2.19
N GLN A 709 27.45 12.32 -3.00
CA GLN A 709 28.20 13.47 -2.50
C GLN A 709 27.54 14.74 -3.01
N GLN A 710 26.21 14.80 -2.92
CA GLN A 710 25.42 15.86 -3.55
C GLN A 710 25.31 17.11 -2.69
N ASP A 711 26.02 17.16 -1.56
CA ASP A 711 26.14 18.27 -0.60
C ASP A 711 24.86 18.49 0.20
N ILE A 712 23.79 17.76 -0.11
CA ILE A 712 22.61 17.70 0.74
C ILE A 712 22.61 16.31 1.38
N LEU A 713 23.11 15.31 0.67
CA LEU A 713 23.32 13.98 1.24
C LEU A 713 24.62 13.87 2.02
N LYS A 714 25.47 14.89 1.96
CA LYS A 714 26.64 14.92 2.84
C LYS A 714 26.24 15.33 4.25
N THR A 715 25.54 16.46 4.38
CA THR A 715 25.08 16.92 5.67
C THR A 715 23.99 16.04 6.27
N LEU A 716 23.22 15.34 5.45
CA LEU A 716 22.14 14.51 5.98
C LEU A 716 22.65 13.21 6.57
N ARG A 717 23.78 12.69 6.09
CA ARG A 717 24.43 11.59 6.79
C ARG A 717 25.44 12.08 7.81
N TRP A 718 25.86 13.34 7.73
CA TRP A 718 26.58 13.95 8.83
C TRP A 718 25.67 14.15 10.04
N GLY A 719 24.38 14.31 9.81
CA GLY A 719 23.35 14.36 10.84
C GLY A 719 22.95 13.03 11.43
N ARG A 720 23.70 11.95 11.16
CA ARG A 720 23.55 10.73 11.94
C ARG A 720 24.00 10.94 13.38
N THR A 721 24.92 11.88 13.61
CA THR A 721 25.60 12.01 14.89
C THR A 721 24.65 12.48 15.99
N PHE A 722 23.68 13.34 15.64
CA PHE A 722 22.77 13.86 16.65
C PHE A 722 21.76 12.83 17.13
N GLY A 723 21.66 11.68 16.48
CA GLY A 723 20.92 10.56 17.02
C GLY A 723 21.87 9.49 17.51
N ASP A 724 23.10 9.51 16.98
CA ASP A 724 24.09 8.49 17.28
C ASP A 724 24.69 8.64 18.67
N VAL A 725 24.95 9.88 19.09
CA VAL A 725 25.41 10.10 20.47
C VAL A 725 24.31 9.75 21.46
N VAL A 726 23.04 9.96 21.10
CA VAL A 726 21.92 9.59 21.96
C VAL A 726 21.81 8.08 22.08
N PHE A 727 21.95 7.37 20.94
CA PHE A 727 21.95 5.91 20.97
C PHE A 727 23.14 5.36 21.72
N LEU A 728 24.30 6.03 21.61
CA LEU A 728 25.50 5.58 22.31
C LEU A 728 25.36 5.80 23.80
N LEU A 729 24.72 6.90 24.22
CA LEU A 729 24.47 7.13 25.63
C LEU A 729 23.49 6.11 26.20
N GLY A 730 22.45 5.78 25.44
CA GLY A 730 21.50 4.76 25.89
C GLY A 730 22.14 3.38 25.99
N ALA A 731 22.92 3.00 24.98
CA ALA A 731 23.59 1.70 25.01
C ALA A 731 24.65 1.64 26.10
N LEU A 732 25.34 2.76 26.34
CA LEU A 732 26.34 2.81 27.39
C LEU A 732 25.69 2.73 28.76
N ALA A 733 24.53 3.36 28.94
CA ALA A 733 23.82 3.25 30.21
C ALA A 733 23.30 1.85 30.45
N MET A 734 22.88 1.15 29.39
CA MET A 734 22.48 -0.25 29.53
C MET A 734 23.67 -1.14 29.90
N VAL A 735 24.84 -0.88 29.29
CA VAL A 735 26.03 -1.67 29.59
C VAL A 735 26.48 -1.45 31.03
N VAL A 736 26.59 -0.19 31.47
CA VAL A 736 26.98 0.10 32.85
C VAL A 736 25.96 -0.42 33.85
N GLN A 737 24.66 -0.42 33.49
CA GLN A 737 23.64 -0.99 34.36
C GLN A 737 23.80 -2.49 34.53
N VAL A 738 24.08 -3.21 33.44
CA VAL A 738 24.23 -4.66 33.55
C VAL A 738 25.54 -5.04 34.25
N ILE A 739 26.62 -4.27 34.02
CA ILE A 739 27.88 -4.57 34.69
C ILE A 739 27.80 -4.27 36.19
N LEU A 740 27.15 -3.16 36.57
CA LEU A 740 26.94 -2.89 37.99
C LEU A 740 25.96 -3.88 38.62
N GLY A 741 25.07 -4.47 37.81
CA GLY A 741 24.22 -5.51 38.33
C GLY A 741 24.93 -6.83 38.54
N LEU A 742 25.93 -7.12 37.70
CA LEU A 742 26.61 -8.40 37.77
C LEU A 742 27.67 -8.48 38.86
N LEU A 743 27.91 -7.39 39.58
CA LEU A 743 28.89 -7.38 40.65
C LEU A 743 28.48 -6.44 41.78
N MET B 1 -18.48 23.21 24.89
CA MET B 1 -19.58 23.26 25.84
C MET B 1 -19.67 21.95 26.64
N GLY B 2 -20.10 22.05 27.89
CA GLY B 2 -20.20 20.91 28.76
C GLY B 2 -18.84 20.33 29.12
N PRO B 3 -18.82 19.06 29.54
CA PRO B 3 -17.53 18.39 29.77
C PRO B 3 -16.95 17.75 28.50
N TYR B 4 -16.98 18.48 27.39
CA TYR B 4 -16.41 18.05 26.12
C TYR B 4 -15.61 19.18 25.49
N ARG B 5 -14.86 19.92 26.30
CA ARG B 5 -14.06 21.03 25.79
C ARG B 5 -12.87 20.55 24.97
N ARG B 6 -12.41 19.32 25.20
CA ARG B 6 -11.31 18.77 24.40
C ARG B 6 -11.80 18.34 23.03
N LEU B 7 -12.86 17.52 22.98
CA LEU B 7 -13.31 16.92 21.73
C LEU B 7 -13.93 17.95 20.80
N TRP B 8 -14.67 18.90 21.34
CA TRP B 8 -15.29 19.93 20.51
C TRP B 8 -14.24 20.86 19.92
N PHE B 9 -13.21 21.22 20.69
CA PHE B 9 -12.17 22.07 20.16
C PHE B 9 -11.28 21.32 19.18
N THR B 10 -11.10 20.01 19.39
CA THR B 10 -10.40 19.18 18.41
C THR B 10 -11.18 19.13 17.09
N LEU B 11 -12.50 18.99 17.17
CA LEU B 11 -13.33 18.94 15.96
C LEU B 11 -13.33 20.28 15.23
N ILE B 12 -13.41 21.40 15.97
CA ILE B 12 -13.38 22.72 15.34
C ILE B 12 -12.02 23.01 14.72
N ALA B 13 -10.94 22.57 15.38
CA ALA B 13 -9.60 22.78 14.84
C ALA B 13 -9.37 21.94 13.58
N VAL B 14 -9.88 20.70 13.57
CA VAL B 14 -9.78 19.85 12.39
C VAL B 14 -10.58 20.45 11.23
N LEU B 15 -11.79 20.93 11.51
CA LEU B 15 -12.61 21.60 10.50
C LEU B 15 -11.92 22.82 9.92
N ALA B 16 -11.34 23.66 10.78
CA ALA B 16 -10.69 24.89 10.31
C ALA B 16 -9.42 24.60 9.52
N VAL B 17 -8.62 23.62 9.96
CA VAL B 17 -7.37 23.29 9.29
C VAL B 17 -7.65 22.67 7.91
N THR B 18 -8.58 21.70 7.86
CA THR B 18 -8.87 21.06 6.58
C THR B 18 -9.64 21.98 5.63
N PHE B 19 -10.42 22.93 6.15
CA PHE B 19 -11.09 23.82 5.21
C PHE B 19 -10.19 24.94 4.74
N ALA B 20 -9.21 25.37 5.55
CA ALA B 20 -8.15 26.22 5.02
C ALA B 20 -7.30 25.49 3.99
N LEU B 21 -7.10 24.18 4.19
CA LEU B 21 -6.38 23.37 3.22
C LEU B 21 -7.17 23.20 1.92
N LEU B 22 -8.50 23.19 2.01
CA LEU B 22 -9.29 23.19 0.78
C LEU B 22 -9.28 24.56 0.10
N GLY B 23 -9.37 25.64 0.86
CA GLY B 23 -9.48 26.96 0.25
C GLY B 23 -8.20 27.43 -0.40
N PHE B 24 -7.06 27.27 0.30
CA PHE B 24 -5.78 27.74 -0.21
C PHE B 24 -5.34 26.94 -1.43
N TYR B 25 -5.73 25.67 -1.52
CA TYR B 25 -5.42 24.89 -2.70
C TYR B 25 -6.48 24.97 -3.78
N GLY B 26 -7.72 25.34 -3.44
CA GLY B 26 -8.70 25.63 -4.46
C GLY B 26 -8.40 26.92 -5.20
N GLY B 27 -7.77 27.88 -4.51
CA GLY B 27 -7.23 29.03 -5.20
C GLY B 27 -6.17 28.65 -6.23
N GLU B 28 -5.35 27.66 -5.90
CA GLU B 28 -4.32 27.19 -6.83
C GLU B 28 -4.94 26.42 -7.99
N VAL B 29 -5.97 25.60 -7.72
CA VAL B 29 -6.72 24.93 -8.79
C VAL B 29 -7.40 25.95 -9.70
N TYR B 30 -7.81 27.09 -9.15
CA TYR B 30 -8.32 28.18 -9.98
C TYR B 30 -7.22 28.79 -10.84
N ARG B 31 -6.04 29.05 -10.28
CA ARG B 31 -5.05 29.84 -11.01
C ARG B 31 -4.00 29.01 -11.74
N GLN B 32 -3.81 27.73 -11.40
CA GLN B 32 -2.87 26.88 -12.12
C GLN B 32 -3.57 25.95 -13.10
N ALA B 33 -4.75 26.33 -13.55
CA ALA B 33 -5.53 25.57 -14.51
C ALA B 33 -4.90 25.70 -15.91
N PRO B 34 -5.09 24.71 -16.79
CA PRO B 34 -4.56 24.83 -18.14
C PRO B 34 -5.35 25.86 -18.94
N PRO B 35 -4.68 26.69 -19.72
CA PRO B 35 -5.37 27.79 -20.40
C PRO B 35 -6.12 27.27 -21.63
N ILE B 36 -7.36 27.71 -21.76
CA ILE B 36 -8.10 27.51 -23.01
C ILE B 36 -7.57 28.56 -23.97
N PRO B 37 -6.92 28.17 -25.06
CA PRO B 37 -6.24 29.16 -25.92
C PRO B 37 -7.25 29.98 -26.72
N GLU B 38 -6.97 31.28 -26.81
CA GLU B 38 -7.92 32.21 -27.41
C GLU B 38 -8.04 31.99 -28.91
N GLU B 39 -6.93 31.71 -29.58
CA GLU B 39 -6.94 31.50 -31.03
C GLU B 39 -5.93 30.41 -31.36
N VAL B 40 -6.43 29.22 -31.69
CA VAL B 40 -5.60 28.16 -32.22
C VAL B 40 -5.38 28.42 -33.71
N ALA B 41 -4.13 28.30 -34.15
CA ALA B 41 -3.80 28.53 -35.54
C ALA B 41 -2.67 27.59 -35.95
N SER B 42 -2.57 27.35 -37.25
CA SER B 42 -1.45 26.58 -37.76
C SER B 42 -0.22 27.48 -37.88
N ALA B 43 0.90 26.90 -38.31
CA ALA B 43 2.15 27.65 -38.36
C ALA B 43 2.19 28.64 -39.52
N ASP B 44 1.46 28.32 -40.60
CA ASP B 44 1.41 29.20 -41.76
C ASP B 44 0.67 30.48 -41.43
N GLY B 45 -0.47 30.35 -40.75
CA GLY B 45 -1.27 31.49 -40.37
C GLY B 45 -2.75 31.36 -40.62
N THR B 46 -3.20 30.17 -41.02
CA THR B 46 -4.63 29.98 -41.21
C THR B 46 -5.34 29.91 -39.87
N ARG B 47 -6.60 30.31 -39.85
CA ARG B 47 -7.34 30.51 -38.61
C ARG B 47 -8.13 29.24 -38.30
N LEU B 48 -7.66 28.49 -37.32
CA LEU B 48 -8.39 27.35 -36.79
C LEU B 48 -9.33 27.84 -35.69
N PHE B 49 -9.87 26.92 -34.89
CA PHE B 49 -10.86 27.20 -33.86
C PHE B 49 -10.28 28.10 -32.76
N GLY B 50 -11.19 28.63 -31.94
CA GLY B 50 -10.78 29.45 -30.81
C GLY B 50 -11.35 28.92 -29.51
N ARG B 51 -11.23 29.68 -28.42
CA ARG B 51 -11.80 29.22 -27.17
C ARG B 51 -13.32 29.27 -27.16
N ASP B 52 -13.92 30.11 -28.01
CA ASP B 52 -15.38 30.14 -28.11
C ASP B 52 -15.90 28.86 -28.78
N ASP B 53 -15.19 28.39 -29.80
CA ASP B 53 -15.57 27.11 -30.42
C ASP B 53 -15.28 25.94 -29.50
N ILE B 54 -14.23 26.02 -28.69
CA ILE B 54 -13.91 24.96 -27.72
C ILE B 54 -14.99 24.88 -26.66
N LEU B 55 -15.45 26.03 -26.15
CA LEU B 55 -16.49 26.00 -25.13
C LEU B 55 -17.86 25.67 -25.71
N ASP B 56 -18.14 26.04 -26.96
CA ASP B 56 -19.37 25.60 -27.60
C ASP B 56 -19.35 24.11 -27.87
N GLY B 57 -18.17 23.55 -28.16
CA GLY B 57 -18.05 22.11 -28.25
C GLY B 57 -18.15 21.42 -26.90
N GLN B 58 -17.73 22.10 -25.84
CA GLN B 58 -17.94 21.58 -24.49
C GLN B 58 -19.43 21.51 -24.17
N THR B 59 -20.18 22.54 -24.57
CA THR B 59 -21.63 22.51 -24.38
C THR B 59 -22.30 21.44 -25.25
N ALA B 60 -21.80 21.26 -26.48
CA ALA B 60 -22.29 20.18 -27.34
C ALA B 60 -22.00 18.81 -26.75
N TRP B 61 -20.83 18.65 -26.12
CA TRP B 61 -20.50 17.41 -25.43
C TRP B 61 -21.38 17.19 -24.21
N GLN B 62 -21.75 18.28 -23.52
CA GLN B 62 -22.70 18.16 -22.42
C GLN B 62 -24.09 17.76 -22.92
N SER B 63 -24.43 18.13 -24.16
CA SER B 63 -25.77 17.83 -24.67
C SER B 63 -25.96 16.35 -24.93
N ILE B 64 -24.91 15.64 -25.35
CA ILE B 64 -25.06 14.24 -25.75
C ILE B 64 -25.08 13.27 -24.59
N GLY B 65 -24.86 13.73 -23.37
CA GLY B 65 -24.76 12.84 -22.24
C GLY B 65 -23.58 13.19 -21.37
N GLY B 66 -22.53 13.72 -21.98
CA GLY B 66 -21.38 14.17 -21.23
C GLY B 66 -20.54 13.03 -20.70
N MET B 67 -20.41 12.95 -19.38
CA MET B 67 -19.61 11.90 -18.75
C MET B 67 -20.36 10.59 -18.61
N GLN B 68 -21.57 10.47 -19.17
CA GLN B 68 -22.27 9.20 -19.16
C GLN B 68 -22.07 8.40 -20.43
N LEU B 69 -21.57 9.03 -21.50
CA LEU B 69 -21.21 8.27 -22.69
C LEU B 69 -19.81 7.68 -22.55
N GLY B 70 -18.80 8.54 -22.43
CA GLY B 70 -17.45 8.09 -22.19
C GLY B 70 -16.76 8.96 -21.18
N SER B 71 -15.46 8.77 -20.99
CA SER B 71 -14.72 9.54 -20.00
C SER B 71 -14.09 10.77 -20.62
N ILE B 72 -13.90 11.80 -19.79
CA ILE B 72 -13.02 12.92 -20.08
C ILE B 72 -12.13 13.12 -18.88
N TRP B 73 -10.81 13.03 -19.10
CA TRP B 73 -9.76 13.09 -18.07
C TRP B 73 -9.96 12.03 -17.00
N GLY B 74 -10.40 10.85 -17.42
CA GLY B 74 -10.59 9.72 -16.52
C GLY B 74 -11.96 9.64 -15.89
N HIS B 75 -12.66 10.76 -15.74
CA HIS B 75 -13.93 10.80 -15.04
C HIS B 75 -15.06 10.62 -16.05
N GLY B 76 -15.73 9.47 -15.99
CA GLY B 76 -16.87 9.26 -16.87
C GLY B 76 -17.41 7.86 -16.76
N ALA B 77 -18.03 7.41 -17.85
CA ALA B 77 -18.46 6.03 -18.01
C ALA B 77 -17.32 5.19 -18.56
N TYR B 78 -17.53 3.88 -18.69
CA TYR B 78 -16.41 2.99 -18.93
C TYR B 78 -16.60 2.06 -20.12
N GLN B 79 -17.69 2.18 -20.87
CA GLN B 79 -17.85 1.36 -22.07
C GLN B 79 -17.24 2.04 -23.28
N ALA B 80 -17.65 3.26 -23.58
CA ALA B 80 -17.00 4.03 -24.62
C ALA B 80 -15.62 4.45 -24.14
N PRO B 81 -14.67 4.68 -25.06
CA PRO B 81 -13.31 5.02 -24.64
C PRO B 81 -13.25 6.41 -24.01
N ASP B 82 -12.18 6.62 -23.28
CA ASP B 82 -11.87 7.94 -22.76
C ASP B 82 -11.43 8.81 -23.92
N TRP B 83 -12.15 9.90 -24.16
CA TRP B 83 -11.96 10.64 -25.41
C TRP B 83 -10.67 11.44 -25.41
N THR B 84 -10.19 11.88 -24.25
CA THR B 84 -8.92 12.58 -24.21
C THR B 84 -7.71 11.65 -24.31
N ALA B 85 -7.90 10.34 -24.19
CA ALA B 85 -6.85 9.39 -24.48
C ALA B 85 -6.97 8.79 -25.86
N ASP B 86 -8.21 8.57 -26.33
CA ASP B 86 -8.41 8.04 -27.67
C ASP B 86 -8.07 9.09 -28.72
N TRP B 87 -8.45 10.36 -28.49
CA TRP B 87 -8.04 11.44 -29.39
C TRP B 87 -6.52 11.60 -29.36
N LEU B 88 -5.91 11.47 -28.19
CA LEU B 88 -4.48 11.61 -28.07
C LEU B 88 -3.75 10.52 -28.84
N HIS B 89 -4.19 9.26 -28.71
CA HIS B 89 -3.52 8.18 -29.41
C HIS B 89 -3.76 8.24 -30.91
N ARG B 90 -4.96 8.64 -31.34
CA ARG B 90 -5.22 8.75 -32.78
C ARG B 90 -4.46 9.92 -33.39
N GLU B 91 -4.34 11.03 -32.67
CA GLU B 91 -3.56 12.16 -33.15
C GLU B 91 -2.07 11.84 -33.20
N LEU B 92 -1.57 11.07 -32.23
CA LEU B 92 -0.16 10.68 -32.24
C LEU B 92 0.14 9.69 -33.36
N MET B 93 -0.78 8.75 -33.62
CA MET B 93 -0.55 7.82 -34.72
C MET B 93 -0.69 8.51 -36.08
N ALA B 94 -1.57 9.51 -36.19
CA ALA B 94 -1.65 10.30 -37.41
C ALA B 94 -0.39 11.12 -37.63
N TRP B 95 0.16 11.69 -36.56
CA TRP B 95 1.43 12.41 -36.65
C TRP B 95 2.58 11.48 -37.02
N LEU B 96 2.57 10.25 -36.48
CA LEU B 96 3.62 9.30 -36.81
C LEU B 96 3.51 8.83 -38.26
N ASP B 97 2.29 8.67 -38.77
CA ASP B 97 2.11 8.36 -40.18
C ASP B 97 2.59 9.49 -41.07
N LEU B 98 2.19 10.73 -40.76
CA LEU B 98 2.60 11.88 -41.56
C LEU B 98 4.06 12.26 -41.36
N ALA B 99 4.73 11.71 -40.35
CA ALA B 99 6.16 11.87 -40.21
C ALA B 99 6.95 10.74 -40.84
N ALA B 100 6.34 9.57 -41.00
CA ALA B 100 6.99 8.48 -41.72
C ALA B 100 6.82 8.60 -43.23
N ARG B 101 5.78 9.32 -43.70
CA ARG B 101 5.56 9.48 -45.14
C ARG B 101 6.68 10.27 -45.80
N ASP B 102 6.96 11.47 -45.32
CA ASP B 102 7.96 12.33 -45.94
C ASP B 102 9.37 12.06 -45.41
N ALA B 103 9.60 10.93 -44.77
CA ALA B 103 10.92 10.55 -44.32
C ALA B 103 11.35 9.18 -44.81
N HIS B 104 10.41 8.23 -44.92
CA HIS B 104 10.73 6.89 -45.40
C HIS B 104 9.76 6.36 -46.43
N GLY B 105 8.66 7.05 -46.72
CA GLY B 105 7.70 6.60 -47.70
C GLY B 105 6.73 5.54 -47.24
N ARG B 106 6.87 5.06 -46.02
CA ARG B 106 6.01 4.01 -45.48
C ARG B 106 5.15 4.57 -44.34
N ASP B 107 4.40 3.68 -43.71
CA ASP B 107 3.62 4.03 -42.52
C ASP B 107 4.51 3.89 -41.28
N TYR B 108 3.91 4.02 -40.10
CA TYR B 108 4.67 3.81 -38.88
C TYR B 108 4.87 2.33 -38.59
N GLY B 109 3.85 1.52 -38.85
CA GLY B 109 3.92 0.10 -38.53
C GLY B 109 4.81 -0.71 -39.45
N GLN B 110 5.20 -0.16 -40.59
CA GLN B 110 6.05 -0.86 -41.54
C GLN B 110 7.53 -0.54 -41.37
N LEU B 111 7.87 0.40 -40.49
CA LEU B 111 9.24 0.78 -40.25
C LEU B 111 9.87 -0.10 -39.18
N ASP B 112 11.21 -0.19 -39.23
CA ASP B 112 11.94 -0.92 -38.21
C ASP B 112 12.10 -0.08 -36.95
N ALA B 113 12.50 -0.75 -35.87
CA ALA B 113 12.49 -0.13 -34.54
C ALA B 113 13.47 1.03 -34.33
N PRO B 114 14.70 1.06 -34.88
CA PRO B 114 15.50 2.29 -34.75
C PRO B 114 14.96 3.49 -35.51
N ALA B 115 14.08 3.29 -36.50
CA ALA B 115 13.41 4.43 -37.12
C ALA B 115 12.20 4.88 -36.31
N GLN B 116 11.48 3.92 -35.74
CA GLN B 116 10.32 4.26 -34.91
C GLN B 116 10.74 4.96 -33.63
N ALA B 117 11.90 4.60 -33.07
CA ALA B 117 12.41 5.31 -31.90
C ALA B 117 12.83 6.72 -32.25
N ALA B 118 13.42 6.92 -33.44
CA ALA B 118 13.80 8.27 -33.87
C ALA B 118 12.58 9.11 -34.21
N LEU B 119 11.46 8.47 -34.58
CA LEU B 119 10.23 9.23 -34.79
C LEU B 119 9.53 9.55 -33.48
N ARG B 120 9.59 8.65 -32.49
CA ARG B 120 8.99 8.94 -31.20
C ARG B 120 9.79 9.99 -30.43
N GLU B 121 11.10 10.05 -30.64
CA GLU B 121 11.86 11.14 -30.04
C GLU B 121 11.62 12.47 -30.75
N GLN B 122 11.07 12.45 -31.98
CA GLN B 122 10.56 13.66 -32.59
C GLN B 122 9.16 13.99 -32.08
N LEU B 123 8.40 12.97 -31.70
CA LEU B 123 7.11 13.19 -31.03
C LEU B 123 7.29 13.92 -29.70
N LYS B 124 8.26 13.49 -28.89
CA LYS B 124 8.50 14.20 -27.63
C LYS B 124 9.39 15.43 -27.79
N ALA B 125 9.12 16.26 -28.79
CA ALA B 125 9.64 17.62 -28.85
C ALA B 125 8.60 18.62 -29.33
N GLU B 126 7.57 18.18 -30.04
CA GLU B 126 6.49 19.01 -30.54
C GLU B 126 5.25 18.94 -29.66
N TYR B 127 4.93 17.75 -29.14
CA TYR B 127 3.74 17.56 -28.33
C TYR B 127 3.98 17.89 -26.85
N ARG B 128 5.16 17.60 -26.32
CA ARG B 128 5.49 17.97 -24.95
C ARG B 128 6.00 19.40 -24.85
N ALA B 129 5.90 20.16 -25.93
CA ALA B 129 6.15 21.59 -25.94
C ALA B 129 5.04 22.18 -26.80
N ASN B 130 5.22 23.44 -27.23
CA ASN B 130 4.26 24.21 -28.02
C ASN B 130 2.93 24.33 -27.24
N ARG B 131 3.05 24.99 -26.10
CA ARG B 131 1.91 25.33 -25.27
C ARG B 131 1.38 26.69 -25.71
N ALA B 132 0.62 27.36 -24.85
CA ALA B 132 0.10 28.68 -25.16
C ALA B 132 1.23 29.71 -25.22
N ASP B 133 0.90 30.89 -25.74
CA ASP B 133 1.89 31.90 -26.06
C ASP B 133 2.19 32.85 -24.91
N ALA B 134 2.00 32.38 -23.66
CA ALA B 134 2.28 33.11 -22.42
C ALA B 134 1.50 34.44 -22.36
N ALA B 135 0.17 34.27 -22.24
CA ALA B 135 -0.83 35.34 -22.29
C ALA B 135 -0.74 36.12 -23.60
N GLY B 136 -0.48 35.40 -24.69
CA GLY B 136 -0.52 35.98 -26.02
C GLY B 136 -1.77 35.56 -26.75
N GLY B 137 -2.41 34.49 -26.26
CA GLY B 137 -3.66 34.00 -26.80
C GLY B 137 -3.53 33.02 -27.95
N LYS B 138 -2.35 32.86 -28.52
CA LYS B 138 -2.14 31.98 -29.65
C LYS B 138 -1.59 30.65 -29.20
N LEU B 139 -1.74 29.65 -30.08
CA LEU B 139 -1.16 28.33 -29.88
C LEU B 139 -0.05 28.03 -30.89
N THR B 140 -0.32 28.23 -32.17
CA THR B 140 0.63 28.13 -33.29
C THR B 140 1.24 26.73 -33.35
N LEU B 141 0.39 25.77 -33.71
CA LEU B 141 0.82 24.39 -33.84
C LEU B 141 1.32 24.11 -35.26
N SER B 142 2.06 23.01 -35.39
CA SER B 142 2.73 22.66 -36.63
C SER B 142 1.73 22.24 -37.70
N PRO B 143 2.09 22.39 -38.98
CA PRO B 143 1.18 21.92 -40.04
C PRO B 143 1.04 20.41 -40.10
N ARG B 144 2.06 19.66 -39.65
CA ARG B 144 1.90 18.22 -39.51
C ARG B 144 0.91 17.89 -38.40
N ARG B 145 0.98 18.62 -37.29
CA ARG B 145 -0.02 18.44 -36.23
C ARG B 145 -1.39 18.97 -36.66
N ALA B 146 -1.42 19.98 -37.52
CA ALA B 146 -2.70 20.47 -38.04
C ALA B 146 -3.36 19.44 -38.94
N GLN B 147 -2.57 18.78 -39.79
CA GLN B 147 -3.12 17.72 -40.63
C GLN B 147 -3.48 16.50 -39.81
N ALA B 148 -2.74 16.23 -38.72
CA ALA B 148 -3.11 15.11 -37.85
C ALA B 148 -4.41 15.38 -37.10
N VAL B 149 -4.60 16.62 -36.64
CA VAL B 149 -5.84 16.99 -35.96
C VAL B 149 -7.02 16.96 -36.93
N ALA B 150 -6.83 17.50 -38.14
CA ALA B 150 -7.90 17.45 -39.14
C ALA B 150 -8.13 16.04 -39.68
N GLN B 151 -7.16 15.15 -39.52
CA GLN B 151 -7.34 13.76 -39.96
C GLN B 151 -8.07 12.94 -38.91
N THR B 152 -7.80 13.18 -37.63
CA THR B 152 -8.54 12.49 -36.58
C THR B 152 -9.87 13.18 -36.25
N GLU B 153 -10.11 14.37 -36.79
CA GLU B 153 -11.42 15.00 -36.68
C GLU B 153 -12.48 14.24 -37.45
N ALA B 154 -12.09 13.62 -38.58
CA ALA B 154 -13.05 12.91 -39.42
C ALA B 154 -13.53 11.63 -38.75
N TYR B 155 -12.70 11.03 -37.88
CA TYR B 155 -13.12 9.81 -37.19
C TYR B 155 -14.27 10.08 -36.22
N TYR B 156 -14.17 11.16 -35.45
CA TYR B 156 -15.27 11.52 -34.56
C TYR B 156 -16.37 12.29 -35.26
N ASP B 157 -16.13 12.80 -36.46
CA ASP B 157 -17.23 13.29 -37.27
C ASP B 157 -18.05 12.15 -37.85
N GLN B 158 -17.43 11.00 -38.10
CA GLN B 158 -18.16 9.82 -38.55
C GLN B 158 -18.65 8.95 -37.39
N LEU B 159 -18.13 9.13 -36.18
CA LEU B 159 -18.51 8.27 -35.07
C LEU B 159 -19.84 8.67 -34.48
N PHE B 160 -20.09 9.98 -34.34
CA PHE B 160 -21.33 10.49 -33.79
C PHE B 160 -22.32 10.94 -34.87
N SER B 161 -22.24 10.36 -36.07
CA SER B 161 -23.12 10.78 -37.16
C SER B 161 -23.59 9.60 -38.00
N ASP B 162 -24.11 8.59 -37.31
CA ASP B 162 -24.68 7.39 -37.92
C ASP B 162 -24.07 6.92 -39.23
N ALA B 163 -22.75 6.84 -39.28
CA ALA B 163 -22.08 6.35 -40.48
C ALA B 163 -22.03 4.81 -40.46
N PRO B 164 -22.31 4.16 -41.60
CA PRO B 164 -22.33 2.69 -41.61
C PRO B 164 -20.95 2.06 -41.57
N ALA B 165 -19.88 2.83 -41.78
CA ALA B 165 -18.54 2.27 -41.65
C ALA B 165 -18.19 2.06 -40.18
N LEU B 166 -18.57 3.01 -39.31
CA LEU B 166 -18.31 2.91 -37.89
C LEU B 166 -19.45 2.26 -37.12
N HIS B 167 -20.40 1.63 -37.82
CA HIS B 167 -21.25 0.65 -37.17
C HIS B 167 -20.42 -0.56 -36.80
N ARG B 168 -20.84 -1.24 -35.74
CA ARG B 168 -20.15 -2.27 -34.93
C ARG B 168 -18.98 -1.68 -34.12
N SER B 169 -18.69 -0.40 -34.28
CA SER B 169 -17.91 0.35 -33.29
C SER B 169 -18.81 1.10 -32.33
N ARG B 170 -20.02 1.46 -32.76
CA ARG B 170 -20.99 2.07 -31.86
C ARG B 170 -21.75 1.04 -31.04
N GLU B 171 -21.79 -0.22 -31.48
CA GLU B 171 -22.37 -1.26 -30.65
C GLU B 171 -21.40 -1.75 -29.58
N ASN B 172 -20.10 -1.70 -29.86
CA ASN B 172 -19.10 -2.03 -28.85
C ASN B 172 -18.90 -0.89 -27.85
N TYR B 173 -19.30 0.33 -28.21
CA TYR B 173 -19.19 1.48 -27.32
C TYR B 173 -20.51 1.82 -26.67
N ALA B 174 -21.57 1.08 -27.00
CA ALA B 174 -22.95 1.24 -26.51
C ALA B 174 -23.56 2.59 -26.85
N MET B 175 -22.96 3.33 -27.78
CA MET B 175 -23.57 4.57 -28.24
C MET B 175 -24.77 4.26 -29.14
N LYS B 176 -25.76 5.14 -29.11
CA LYS B 176 -26.87 4.98 -30.03
C LYS B 176 -26.43 5.38 -31.44
N GLU B 177 -27.31 5.13 -32.41
CA GLU B 177 -26.92 5.19 -33.82
C GLU B 177 -26.61 6.62 -34.27
N ASN B 178 -27.55 7.54 -34.08
CA ASN B 178 -27.34 8.88 -34.59
C ASN B 178 -26.43 9.70 -33.67
N THR B 179 -26.87 9.93 -32.43
CA THR B 179 -26.15 10.45 -31.26
C THR B 179 -25.82 11.95 -31.35
N LEU B 180 -25.92 12.54 -32.54
CA LEU B 180 -25.77 13.98 -32.80
C LEU B 180 -26.40 14.34 -34.15
N PRO B 181 -27.65 14.80 -34.17
CA PRO B 181 -28.29 15.14 -35.45
C PRO B 181 -27.75 16.41 -36.11
N ASP B 182 -26.91 17.18 -35.44
CA ASP B 182 -26.34 18.39 -36.02
C ASP B 182 -24.94 18.10 -36.55
N ALA B 183 -24.46 18.94 -37.45
CA ALA B 183 -23.14 18.80 -38.02
C ALA B 183 -22.13 19.81 -37.52
N ASN B 184 -22.57 20.97 -37.04
CA ASN B 184 -21.65 21.93 -36.43
C ASN B 184 -21.31 21.53 -35.00
N ARG B 185 -22.23 20.84 -34.32
CA ARG B 185 -22.01 20.45 -32.93
C ARG B 185 -20.93 19.37 -32.83
N ARG B 186 -20.91 18.42 -33.78
CA ARG B 186 -19.82 17.46 -33.83
C ARG B 186 -18.51 18.13 -34.17
N ARG B 187 -18.54 19.08 -35.12
CA ARG B 187 -17.34 19.79 -35.56
C ARG B 187 -16.76 20.66 -34.46
N GLN B 188 -17.56 21.08 -33.48
CA GLN B 188 -17.02 21.77 -32.32
C GLN B 188 -16.67 20.83 -31.18
N MET B 189 -17.37 19.70 -31.05
CA MET B 189 -17.05 18.74 -30.01
C MET B 189 -15.71 18.07 -30.26
N THR B 190 -15.30 17.91 -31.53
CA THR B 190 -13.94 17.46 -31.78
C THR B 190 -12.91 18.52 -31.40
N HIS B 191 -13.27 19.80 -31.45
CA HIS B 191 -12.35 20.84 -30.96
C HIS B 191 -12.22 20.77 -29.45
N PHE B 192 -13.34 20.49 -28.76
CA PHE B 192 -13.29 20.29 -27.32
C PHE B 192 -12.46 19.06 -26.95
N PHE B 193 -12.61 17.98 -27.71
CA PHE B 193 -11.81 16.78 -27.49
C PHE B 193 -10.33 17.04 -27.74
N PHE B 194 -10.02 17.86 -28.75
CA PHE B 194 -8.64 18.26 -28.99
C PHE B 194 -8.08 19.07 -27.83
N TRP B 195 -8.90 19.93 -27.25
CA TRP B 195 -8.41 20.72 -26.12
C TRP B 195 -8.17 19.83 -24.90
N THR B 196 -9.05 18.86 -24.66
CA THR B 196 -8.85 17.94 -23.54
C THR B 196 -7.65 17.02 -23.76
N ALA B 197 -7.31 16.72 -25.02
CA ALA B 197 -6.13 15.90 -25.29
C ALA B 197 -4.90 16.73 -25.62
N TRP B 198 -5.01 18.05 -25.65
CA TRP B 198 -3.87 18.94 -25.75
C TRP B 198 -3.40 19.37 -24.38
N ALA B 199 -4.32 19.64 -23.46
CA ALA B 199 -3.94 19.90 -22.09
C ALA B 199 -3.31 18.68 -21.45
N ALA B 200 -3.71 17.49 -21.86
CA ALA B 200 -3.13 16.27 -21.33
C ALA B 200 -1.84 15.86 -22.02
N GLY B 201 -1.34 16.67 -22.96
CA GLY B 201 -0.14 16.31 -23.68
C GLY B 201 1.05 17.24 -23.52
N THR B 202 0.81 18.54 -23.34
CA THR B 202 1.88 19.52 -23.32
C THR B 202 2.31 19.86 -21.90
N GLU B 203 3.62 20.00 -21.71
CA GLU B 203 4.20 20.26 -20.40
C GLU B 203 3.85 21.67 -19.93
N ARG B 204 4.15 21.93 -18.66
CA ARG B 204 3.95 23.25 -18.09
C ARG B 204 5.16 24.13 -18.39
N GLU B 205 5.13 25.37 -17.88
CA GLU B 205 6.23 26.31 -18.07
C GLU B 205 7.24 26.09 -16.95
N GLY B 206 8.29 25.33 -17.24
CA GLY B 206 9.39 25.12 -16.31
C GLY B 206 9.54 23.71 -15.80
N THR B 207 8.53 22.87 -15.94
CA THR B 207 8.56 21.52 -15.41
C THR B 207 8.44 20.50 -16.53
N SER B 208 8.53 19.23 -16.15
CA SER B 208 8.41 18.11 -17.08
C SER B 208 7.07 17.40 -16.95
N VAL B 209 6.13 17.97 -16.20
CA VAL B 209 4.80 17.40 -16.06
C VAL B 209 3.87 18.16 -16.98
N THR B 210 2.90 17.44 -17.55
CA THR B 210 1.89 18.08 -18.39
C THR B 210 0.88 18.81 -17.52
N TYR B 211 -0.14 19.40 -18.15
CA TYR B 211 -1.12 20.17 -17.40
C TYR B 211 -2.04 19.27 -16.59
N THR B 212 -2.23 18.02 -17.02
CA THR B 212 -3.02 17.06 -16.27
C THR B 212 -2.14 16.10 -15.47
N ASN B 213 -0.96 16.56 -15.08
CA ASN B 213 0.02 15.80 -14.29
C ASN B 213 0.39 14.48 -14.96
N ASN B 214 0.78 14.58 -16.24
CA ASN B 214 1.32 13.49 -17.07
C ASN B 214 0.30 12.39 -17.34
N TRP B 215 -1.01 12.67 -17.30
CA TRP B 215 -1.97 11.60 -17.00
C TRP B 215 -2.13 10.46 -18.01
N PRO B 216 -2.63 10.66 -19.26
CA PRO B 216 -3.04 9.48 -20.04
C PRO B 216 -1.82 8.69 -20.48
N HIS B 217 -1.66 7.49 -19.91
CA HIS B 217 -0.40 6.77 -19.94
C HIS B 217 -0.08 6.38 -21.37
N GLU B 218 0.85 7.13 -21.95
CA GLU B 218 1.17 7.03 -23.37
C GLU B 218 2.68 6.95 -23.50
N PRO B 219 3.22 5.81 -23.92
CA PRO B 219 4.67 5.73 -24.13
C PRO B 219 5.15 6.46 -25.38
N LEU B 220 4.25 6.94 -26.23
CA LEU B 220 4.67 7.63 -27.45
C LEU B 220 5.23 9.02 -27.13
N ILE B 221 4.50 9.81 -26.34
CA ILE B 221 5.01 11.10 -25.92
C ILE B 221 5.68 10.98 -24.57
N GLY B 222 5.77 9.76 -24.05
CA GLY B 222 6.43 9.55 -22.78
C GLY B 222 5.62 10.05 -21.61
N ASN B 223 4.36 9.62 -21.52
CA ASN B 223 3.51 9.96 -20.40
C ASN B 223 3.63 8.83 -19.39
N HIS B 224 4.37 9.08 -18.32
N HIS B 224 4.35 9.10 -18.30
CA HIS B 224 4.63 8.15 -17.23
CA HIS B 224 4.61 8.15 -17.23
C HIS B 224 4.37 8.88 -15.92
C HIS B 224 4.39 8.87 -15.92
N PRO B 225 4.10 8.15 -14.83
CA PRO B 225 3.88 8.81 -13.54
C PRO B 225 5.15 9.47 -13.02
N SER B 226 5.02 10.74 -12.64
CA SER B 226 6.17 11.59 -12.38
C SER B 226 6.84 11.21 -11.06
N SER B 227 7.86 12.00 -10.70
CA SER B 227 8.73 11.64 -9.59
C SER B 227 8.04 11.88 -8.25
N GLU B 228 7.52 13.09 -8.04
CA GLU B 228 6.83 13.38 -6.79
C GLU B 228 5.48 12.68 -6.71
N ASN B 229 4.92 12.25 -7.84
CA ASN B 229 3.78 11.35 -7.86
C ASN B 229 4.09 10.06 -7.10
N VAL B 230 5.18 9.39 -7.47
CA VAL B 230 5.58 8.14 -6.82
C VAL B 230 6.06 8.39 -5.39
N MET B 231 6.68 9.55 -5.16
CA MET B 231 7.14 9.91 -3.81
C MET B 231 5.96 10.05 -2.85
N TRP B 232 4.96 10.84 -3.24
CA TRP B 232 3.79 11.02 -2.39
C TRP B 232 2.92 9.78 -2.35
N SER B 233 3.02 8.90 -3.34
CA SER B 233 2.33 7.61 -3.24
C SER B 233 2.93 6.72 -2.16
N ILE B 234 4.26 6.60 -2.12
CA ILE B 234 4.84 5.73 -1.09
C ILE B 234 4.77 6.40 0.29
N ILE B 235 4.75 7.74 0.33
CA ILE B 235 4.53 8.45 1.58
C ILE B 235 3.11 8.22 2.08
N SER B 236 2.14 8.14 1.17
CA SER B 236 0.76 7.86 1.55
C SER B 236 0.59 6.43 2.05
N VAL B 237 1.33 5.47 1.49
CA VAL B 237 1.25 4.10 2.00
C VAL B 237 1.85 4.00 3.42
N VAL B 238 2.96 4.71 3.65
CA VAL B 238 3.55 4.76 5.00
C VAL B 238 2.60 5.46 5.97
N VAL B 239 1.92 6.52 5.52
CA VAL B 239 0.96 7.24 6.35
C VAL B 239 -0.23 6.36 6.70
N LEU B 240 -0.68 5.53 5.75
CA LEU B 240 -1.77 4.59 6.02
C LEU B 240 -1.39 3.57 7.09
N LEU B 241 -0.21 2.95 6.95
CA LEU B 241 0.15 1.90 7.89
C LEU B 241 0.48 2.46 9.28
N ALA B 242 1.21 3.58 9.33
CA ALA B 242 1.48 4.24 10.61
C ALA B 242 0.30 5.05 11.11
N GLY B 243 -0.81 5.08 10.39
CA GLY B 243 -2.04 5.62 10.93
C GLY B 243 -2.86 4.53 11.58
N ILE B 244 -2.98 3.37 10.90
CA ILE B 244 -3.71 2.23 11.47
C ILE B 244 -3.04 1.74 12.75
N GLY B 245 -1.71 1.57 12.69
CA GLY B 245 -1.01 1.04 13.86
C GLY B 245 -0.99 2.00 15.03
N LEU B 246 -0.77 3.29 14.75
CA LEU B 246 -0.79 4.28 15.83
C LEU B 246 -2.20 4.52 16.35
N LEU B 247 -3.23 4.30 15.53
CA LEU B 247 -4.60 4.43 16.03
C LEU B 247 -4.96 3.27 16.95
N ILE B 248 -4.52 2.06 16.61
CA ILE B 248 -4.74 0.92 17.50
C ILE B 248 -3.92 1.08 18.78
N TRP B 249 -2.72 1.65 18.67
CA TRP B 249 -1.88 1.89 19.84
C TRP B 249 -2.47 2.95 20.75
N ALA B 250 -3.01 4.02 20.18
CA ALA B 250 -3.59 5.09 20.99
C ALA B 250 -4.97 4.73 21.50
N TRP B 251 -5.67 3.81 20.85
CA TRP B 251 -6.95 3.35 21.39
C TRP B 251 -6.74 2.34 22.52
N ALA B 252 -5.75 1.45 22.39
CA ALA B 252 -5.56 0.43 23.40
C ALA B 252 -4.98 1.00 24.68
N PHE B 253 -4.18 2.06 24.60
CA PHE B 253 -3.54 2.63 25.77
C PHE B 253 -4.36 3.80 26.34
N LEU B 254 -4.59 4.83 25.52
CA LEU B 254 -5.33 6.01 25.97
C LEU B 254 -6.83 5.76 25.84
N ARG B 255 -7.33 4.92 26.74
CA ARG B 255 -8.76 4.67 26.85
C ARG B 255 -9.14 4.65 28.33
N GLY B 256 -10.39 4.99 28.61
CA GLY B 256 -10.88 4.91 29.97
C GLY B 256 -11.80 3.72 30.16
N LYS B 257 -11.29 2.66 30.78
CA LYS B 257 -12.09 1.46 31.01
C LYS B 257 -12.85 1.67 32.32
N GLU B 258 -13.96 2.41 32.21
CA GLU B 258 -14.77 2.69 33.39
C GLU B 258 -15.72 1.53 33.70
N GLU B 259 -16.31 0.93 32.64
CA GLU B 259 -17.29 -0.15 32.72
C GLU B 259 -18.48 0.23 33.59
N ASP B 260 -19.19 1.29 33.18
CA ASP B 260 -20.35 1.75 33.95
C ASP B 260 -21.52 0.78 33.80
N GLU B 261 -21.66 0.15 32.62
CA GLU B 261 -22.66 -0.85 32.27
C GLU B 261 -24.08 -0.34 32.48
N PRO B 262 -24.58 0.57 31.64
CA PRO B 262 -25.91 1.15 31.88
C PRO B 262 -27.01 0.15 31.58
N PRO B 263 -28.06 0.11 32.40
CA PRO B 263 -29.13 -0.87 32.21
C PRO B 263 -30.11 -0.40 31.13
N ALA B 264 -30.60 -1.34 30.33
CA ALA B 264 -31.58 -1.02 29.32
C ALA B 264 -32.98 -0.97 29.94
N PRO B 265 -33.82 -0.04 29.49
CA PRO B 265 -35.20 0.04 29.99
C PRO B 265 -36.02 -1.14 29.47
N ALA B 266 -37.11 -1.41 30.18
CA ALA B 266 -37.94 -2.58 29.89
C ALA B 266 -38.95 -2.35 28.77
N ARG B 267 -39.12 -1.11 28.32
CA ARG B 267 -40.04 -0.79 27.25
C ARG B 267 -39.33 0.04 26.19
N ASP B 268 -39.75 -0.14 24.94
CA ASP B 268 -39.19 0.61 23.82
C ASP B 268 -39.57 2.08 23.92
N PRO B 269 -38.60 2.99 24.08
CA PRO B 269 -38.94 4.39 24.37
C PRO B 269 -39.45 5.18 23.19
N LEU B 270 -39.32 4.69 21.96
CA LEU B 270 -39.91 5.40 20.82
C LEU B 270 -41.37 5.00 20.60
N THR B 271 -41.88 4.04 21.36
CA THR B 271 -43.28 3.66 21.28
C THR B 271 -44.14 4.35 22.32
N THR B 272 -43.53 4.96 23.34
CA THR B 272 -44.31 5.72 24.32
C THR B 272 -44.85 7.01 23.72
N PHE B 273 -44.17 7.57 22.73
CA PHE B 273 -44.67 8.75 22.05
C PHE B 273 -45.80 8.37 21.10
N ALA B 274 -46.58 9.38 20.71
CA ALA B 274 -47.77 9.16 19.92
C ALA B 274 -47.46 9.25 18.43
N LEU B 275 -48.37 8.69 17.63
CA LEU B 275 -48.29 8.75 16.17
C LEU B 275 -48.87 10.08 15.70
N THR B 276 -48.00 11.08 15.60
CA THR B 276 -48.39 12.37 15.07
C THR B 276 -48.53 12.29 13.56
N PRO B 277 -49.22 13.25 12.94
CA PRO B 277 -49.32 13.23 11.46
C PRO B 277 -47.99 13.40 10.74
N SER B 278 -47.01 14.07 11.35
CA SER B 278 -45.71 14.21 10.71
C SER B 278 -44.90 12.92 10.75
N GLN B 279 -45.27 11.96 11.59
CA GLN B 279 -44.71 10.62 11.50
C GLN B 279 -45.47 9.76 10.49
N ARG B 280 -46.80 9.89 10.46
CA ARG B 280 -47.63 9.07 9.58
C ARG B 280 -47.55 9.51 8.13
N ALA B 281 -47.07 10.73 7.86
CA ALA B 281 -46.89 11.18 6.49
C ALA B 281 -45.60 10.68 5.85
N LEU B 282 -44.86 9.80 6.52
CA LEU B 282 -43.62 9.25 6.03
C LEU B 282 -43.80 7.94 5.27
N GLY B 283 -45.03 7.44 5.18
CA GLY B 283 -45.29 6.27 4.35
C GLY B 283 -45.05 6.54 2.88
N LYS B 284 -45.33 7.77 2.43
CA LYS B 284 -45.04 8.16 1.06
C LYS B 284 -43.53 8.21 0.82
N TYR B 285 -42.76 8.68 1.81
CA TYR B 285 -41.31 8.70 1.68
C TYR B 285 -40.73 7.29 1.65
N LEU B 286 -41.24 6.41 2.51
CA LEU B 286 -40.75 5.03 2.53
C LEU B 286 -41.25 4.23 1.34
N PHE B 287 -42.31 4.69 0.67
CA PHE B 287 -42.69 4.09 -0.60
C PHE B 287 -41.81 4.59 -1.74
N LEU B 288 -41.49 5.88 -1.73
CA LEU B 288 -40.65 6.47 -2.78
C LEU B 288 -39.23 5.94 -2.72
N VAL B 289 -38.71 5.67 -1.52
CA VAL B 289 -37.36 5.14 -1.36
C VAL B 289 -37.24 3.77 -2.05
N VAL B 290 -38.15 2.85 -1.74
CA VAL B 290 -38.05 1.53 -2.34
C VAL B 290 -38.56 1.49 -3.77
N ALA B 291 -39.42 2.43 -4.18
CA ALA B 291 -39.80 2.53 -5.58
C ALA B 291 -38.62 2.97 -6.43
N LEU B 292 -37.90 4.01 -5.99
CA LEU B 292 -36.70 4.42 -6.69
C LEU B 292 -35.58 3.39 -6.56
N PHE B 293 -35.58 2.60 -5.49
CA PHE B 293 -34.57 1.56 -5.35
C PHE B 293 -34.81 0.41 -6.34
N GLY B 294 -36.08 -0.01 -6.49
CA GLY B 294 -36.38 -1.03 -7.49
C GLY B 294 -36.19 -0.53 -8.91
N PHE B 295 -36.57 0.73 -9.16
CA PHE B 295 -36.31 1.37 -10.45
C PHE B 295 -34.81 1.48 -10.72
N GLN B 296 -34.02 1.70 -9.67
CA GLN B 296 -32.59 1.88 -9.83
C GLN B 296 -31.88 0.56 -10.09
N VAL B 297 -32.32 -0.51 -9.44
CA VAL B 297 -31.75 -1.83 -9.71
C VAL B 297 -32.16 -2.31 -11.09
N LEU B 298 -33.39 -1.99 -11.53
CA LEU B 298 -33.82 -2.34 -12.87
C LEU B 298 -33.05 -1.56 -13.93
N LEU B 299 -32.80 -0.27 -13.70
CA LEU B 299 -32.01 0.50 -14.66
C LEU B 299 -30.54 0.11 -14.63
N GLY B 300 -30.04 -0.37 -13.50
CA GLY B 300 -28.69 -0.90 -13.46
C GLY B 300 -28.57 -2.18 -14.25
N GLY B 301 -29.58 -3.05 -14.14
CA GLY B 301 -29.61 -4.24 -14.98
C GLY B 301 -29.84 -3.94 -16.45
N PHE B 302 -30.46 -2.81 -16.76
CA PHE B 302 -30.67 -2.41 -18.14
C PHE B 302 -29.46 -1.71 -18.75
N THR B 303 -28.67 -0.99 -17.96
CA THR B 303 -27.44 -0.40 -18.48
C THR B 303 -26.29 -1.39 -18.50
N ALA B 304 -26.46 -2.56 -17.88
CA ALA B 304 -25.51 -3.65 -17.99
C ALA B 304 -25.80 -4.56 -19.16
N HIS B 305 -26.94 -4.38 -19.83
CA HIS B 305 -27.25 -5.14 -21.03
C HIS B 305 -26.67 -4.49 -22.28
N TYR B 306 -26.45 -3.18 -22.26
CA TYR B 306 -25.74 -2.52 -23.34
C TYR B 306 -24.25 -2.84 -23.32
N THR B 307 -23.73 -3.35 -22.21
CA THR B 307 -22.35 -3.79 -22.16
C THR B 307 -22.19 -5.20 -22.73
N VAL B 308 -23.08 -6.11 -22.37
CA VAL B 308 -22.98 -7.48 -22.86
C VAL B 308 -23.48 -7.57 -24.30
N GLU B 309 -24.73 -7.22 -24.52
CA GLU B 309 -25.29 -7.16 -25.87
C GLU B 309 -24.94 -5.81 -26.49
N GLY B 310 -25.53 -5.49 -27.63
CA GLY B 310 -25.15 -4.28 -28.32
C GLY B 310 -26.08 -3.13 -28.04
N GLN B 311 -26.94 -2.80 -29.00
CA GLN B 311 -27.92 -1.74 -28.85
C GLN B 311 -29.32 -2.21 -29.21
N LYS B 312 -29.55 -3.52 -29.20
CA LYS B 312 -30.77 -4.10 -29.74
C LYS B 312 -31.77 -4.54 -28.67
N PHE B 313 -31.29 -5.24 -27.63
CA PHE B 313 -32.11 -5.79 -26.53
C PHE B 313 -33.19 -6.74 -27.06
N TYR B 314 -32.69 -7.86 -27.61
CA TYR B 314 -33.47 -9.07 -27.89
C TYR B 314 -34.58 -8.84 -28.91
N GLY B 315 -34.31 -8.03 -29.93
CA GLY B 315 -35.30 -7.77 -30.96
C GLY B 315 -35.13 -6.41 -31.60
N ILE B 316 -36.22 -5.65 -31.71
CA ILE B 316 -36.12 -4.30 -32.23
C ILE B 316 -35.45 -3.40 -31.20
N ASP B 317 -34.70 -2.42 -31.69
CA ASP B 317 -33.88 -1.61 -30.82
C ASP B 317 -34.66 -0.50 -30.15
N LEU B 318 -34.41 -0.31 -28.85
CA LEU B 318 -34.89 0.86 -28.12
C LEU B 318 -33.75 1.78 -27.75
N SER B 319 -32.58 1.61 -28.38
CA SER B 319 -31.45 2.49 -28.15
C SER B 319 -31.68 3.89 -28.70
N GLN B 320 -32.63 4.07 -29.61
CA GLN B 320 -32.94 5.40 -30.12
C GLN B 320 -33.75 6.21 -29.12
N TRP B 321 -34.46 5.55 -28.21
CA TRP B 321 -35.22 6.23 -27.16
C TRP B 321 -34.55 6.13 -25.80
N PHE B 322 -34.01 4.96 -25.44
CA PHE B 322 -33.28 4.76 -24.20
C PHE B 322 -31.88 4.25 -24.52
N PRO B 323 -30.94 5.14 -24.83
CA PRO B 323 -29.56 4.72 -25.06
C PRO B 323 -28.85 4.43 -23.76
N TYR B 324 -27.56 4.12 -23.87
CA TYR B 324 -26.76 3.74 -22.70
C TYR B 324 -26.52 4.92 -21.78
N SER B 325 -26.33 6.12 -22.35
CA SER B 325 -26.10 7.30 -21.54
C SER B 325 -27.34 7.70 -20.76
N LEU B 326 -28.53 7.47 -21.31
CA LEU B 326 -29.76 7.84 -20.61
C LEU B 326 -30.05 6.90 -19.45
N VAL B 327 -29.95 5.59 -19.69
CA VAL B 327 -30.23 4.66 -18.62
C VAL B 327 -29.11 4.66 -17.58
N ARG B 328 -27.88 5.03 -17.97
CA ARG B 328 -26.83 5.17 -16.98
C ARG B 328 -27.01 6.44 -16.16
N THR B 329 -27.48 7.52 -16.81
CA THR B 329 -27.83 8.74 -16.11
C THR B 329 -28.93 8.50 -15.08
N TRP B 330 -29.94 7.72 -15.46
CA TRP B 330 -31.02 7.40 -14.53
C TRP B 330 -30.54 6.48 -13.42
N HIS B 331 -29.69 5.49 -13.75
CA HIS B 331 -29.17 4.53 -12.78
C HIS B 331 -28.26 5.20 -11.74
N ILE B 332 -27.62 6.31 -12.09
CA ILE B 332 -26.84 7.07 -11.13
C ILE B 332 -27.72 8.05 -10.35
N GLN B 333 -28.59 8.78 -11.06
CA GLN B 333 -29.32 9.87 -10.43
C GLN B 333 -30.41 9.38 -9.48
N SER B 334 -31.13 8.32 -9.87
CA SER B 334 -32.13 7.78 -8.96
C SER B 334 -31.51 7.06 -7.78
N ALA B 335 -30.28 6.56 -7.94
CA ALA B 335 -29.52 6.05 -6.80
C ALA B 335 -29.25 7.16 -5.79
N LEU B 336 -28.73 8.30 -6.28
CA LEU B 336 -28.51 9.45 -5.40
C LEU B 336 -29.82 9.97 -4.80
N PHE B 337 -30.92 9.89 -5.56
CA PHE B 337 -32.20 10.39 -5.07
C PHE B 337 -32.77 9.52 -3.95
N TRP B 338 -32.74 8.19 -4.10
CA TRP B 338 -33.29 7.38 -3.02
C TRP B 338 -32.36 7.32 -1.82
N ILE B 339 -31.04 7.44 -2.03
CA ILE B 339 -30.12 7.49 -0.90
C ILE B 339 -30.31 8.79 -0.12
N ALA B 340 -30.55 9.90 -0.81
CA ALA B 340 -30.84 11.14 -0.09
C ALA B 340 -32.24 11.12 0.53
N THR B 341 -33.20 10.44 -0.11
CA THR B 341 -34.58 10.47 0.38
C THR B 341 -34.74 9.58 1.61
N GLY B 342 -33.96 8.50 1.72
CA GLY B 342 -33.96 7.71 2.95
C GLY B 342 -33.44 8.48 4.16
N PHE B 343 -32.39 9.27 3.96
CA PHE B 343 -31.88 10.09 5.06
C PHE B 343 -32.79 11.26 5.38
N LEU B 344 -33.46 11.81 4.36
CA LEU B 344 -34.47 12.84 4.60
C LEU B 344 -35.66 12.28 5.37
N ALA B 345 -36.04 11.04 5.08
CA ALA B 345 -37.12 10.39 5.81
C ALA B 345 -36.73 10.09 7.25
N ALA B 346 -35.48 9.68 7.47
CA ALA B 346 -35.02 9.44 8.84
C ALA B 346 -34.94 10.74 9.63
N GLY B 347 -34.52 11.83 8.98
CA GLY B 347 -34.51 13.11 9.65
C GLY B 347 -35.90 13.63 9.97
N LEU B 348 -36.84 13.47 9.05
CA LEU B 348 -38.22 13.87 9.31
C LEU B 348 -38.91 12.95 10.32
N PHE B 349 -38.40 11.73 10.49
CA PHE B 349 -38.84 10.91 11.62
C PHE B 349 -38.33 11.48 12.93
N LEU B 350 -37.03 11.81 12.99
CA LEU B 350 -36.44 12.24 14.25
C LEU B 350 -36.84 13.65 14.65
N ALA B 351 -37.26 14.49 13.71
CA ALA B 351 -37.46 15.91 13.99
C ALA B 351 -38.61 16.26 14.94
N PRO B 352 -39.82 15.62 14.90
CA PRO B 352 -40.80 15.93 15.95
C PRO B 352 -40.46 15.25 17.27
N LEU B 353 -39.77 14.11 17.18
CA LEU B 353 -39.42 13.34 18.36
C LEU B 353 -38.31 14.00 19.18
N ILE B 354 -37.52 14.87 18.57
CA ILE B 354 -36.59 15.70 19.33
C ILE B 354 -37.35 16.70 20.18
N ASN B 355 -38.32 17.40 19.58
CA ASN B 355 -39.14 18.38 20.27
C ASN B 355 -40.26 17.66 21.04
N GLY B 356 -39.86 17.03 22.15
CA GLY B 356 -40.78 16.26 22.96
C GLY B 356 -41.31 15.04 22.25
N GLY B 357 -42.59 15.08 21.89
CA GLY B 357 -43.19 14.06 21.04
C GLY B 357 -44.21 14.66 20.11
N ARG B 358 -44.16 15.98 19.95
CA ARG B 358 -45.18 16.72 19.23
C ARG B 358 -44.60 17.41 18.00
N ASP B 359 -45.47 17.73 17.06
CA ASP B 359 -45.11 18.44 15.84
C ASP B 359 -45.08 19.95 16.09
N PRO B 360 -44.29 20.67 15.32
CA PRO B 360 -44.41 22.14 15.30
C PRO B 360 -45.62 22.55 14.47
N LYS B 361 -45.83 23.86 14.39
CA LYS B 361 -46.96 24.39 13.63
C LYS B 361 -46.65 24.30 12.14
N TYR B 362 -47.64 23.80 11.37
CA TYR B 362 -47.56 23.57 9.93
C TYR B 362 -46.39 22.65 9.56
N GLN B 363 -46.48 21.41 10.04
CA GLN B 363 -45.43 20.42 9.81
C GLN B 363 -45.83 19.34 8.83
N LYS B 364 -47.05 18.80 8.93
CA LYS B 364 -47.50 17.78 7.98
C LYS B 364 -47.68 18.35 6.59
N ALA B 365 -48.14 19.59 6.50
CA ALA B 365 -48.25 20.26 5.20
C ALA B 365 -46.88 20.51 4.60
N GLY B 366 -45.90 20.86 5.43
CA GLY B 366 -44.54 21.04 4.93
C GLY B 366 -43.92 19.73 4.47
N VAL B 367 -44.20 18.64 5.19
CA VAL B 367 -43.72 17.32 4.79
C VAL B 367 -44.35 16.89 3.46
N ASP B 368 -45.63 17.21 3.27
CA ASP B 368 -46.30 16.87 2.01
C ASP B 368 -45.78 17.70 0.84
N ILE B 369 -45.55 19.00 1.08
CA ILE B 369 -44.98 19.87 0.05
C ILE B 369 -43.56 19.42 -0.31
N LEU B 370 -42.78 18.98 0.70
CA LEU B 370 -41.43 18.50 0.44
C LEU B 370 -41.45 17.19 -0.35
N PHE B 371 -42.39 16.30 -0.05
CA PHE B 371 -42.48 15.03 -0.77
C PHE B 371 -42.87 15.25 -2.23
N TRP B 372 -43.87 16.09 -2.48
CA TRP B 372 -44.25 16.33 -3.86
C TRP B 372 -43.24 17.18 -4.60
N ALA B 373 -42.47 18.01 -3.89
CA ALA B 373 -41.34 18.70 -4.52
C ALA B 373 -40.25 17.73 -4.93
N LEU B 374 -39.97 16.73 -4.10
CA LEU B 374 -38.97 15.73 -4.46
C LEU B 374 -39.43 14.88 -5.64
N VAL B 375 -40.72 14.50 -5.67
CA VAL B 375 -41.24 13.72 -6.79
C VAL B 375 -41.24 14.54 -8.07
N LEU B 376 -41.54 15.85 -7.97
CA LEU B 376 -41.50 16.73 -9.13
C LEU B 376 -40.06 16.91 -9.63
N VAL B 377 -39.10 16.98 -8.71
CA VAL B 377 -37.69 17.11 -9.11
C VAL B 377 -37.20 15.85 -9.82
N VAL B 378 -37.58 14.66 -9.32
CA VAL B 378 -37.20 13.41 -9.97
C VAL B 378 -37.82 13.30 -11.37
N VAL B 379 -39.11 13.58 -11.48
CA VAL B 379 -39.80 13.43 -12.77
C VAL B 379 -39.33 14.47 -13.78
N GLY B 380 -39.15 15.72 -13.34
CA GLY B 380 -38.66 16.76 -14.23
C GLY B 380 -37.23 16.55 -14.65
N SER B 381 -36.38 16.03 -13.74
CA SER B 381 -35.00 15.74 -14.10
C SER B 381 -34.91 14.59 -15.08
N PHE B 382 -35.74 13.57 -14.92
CA PHE B 382 -35.66 12.44 -15.84
C PHE B 382 -36.24 12.77 -17.20
N ALA B 383 -37.30 13.60 -17.25
CA ALA B 383 -37.80 14.09 -18.52
C ALA B 383 -36.81 15.02 -19.20
N GLY B 384 -36.08 15.82 -18.42
CA GLY B 384 -35.05 16.67 -18.99
C GLY B 384 -33.89 15.87 -19.57
N ASN B 385 -33.48 14.80 -18.88
CA ASN B 385 -32.44 13.93 -19.40
C ASN B 385 -32.88 13.23 -20.68
N TYR B 386 -34.15 12.80 -20.73
CA TYR B 386 -34.66 12.15 -21.94
C TYR B 386 -34.76 13.13 -23.10
N LEU B 387 -35.16 14.37 -22.84
CA LEU B 387 -35.26 15.34 -23.92
C LEU B 387 -33.89 15.86 -24.34
N ALA B 388 -32.89 15.82 -23.46
CA ALA B 388 -31.57 16.33 -23.81
C ALA B 388 -30.72 15.30 -24.52
N ILE B 389 -30.84 14.02 -24.17
CA ILE B 389 -30.02 13.02 -24.84
C ILE B 389 -30.61 12.67 -26.21
N ALA B 390 -31.93 12.71 -26.35
CA ALA B 390 -32.55 12.46 -27.65
C ALA B 390 -32.48 13.64 -28.60
N GLN B 391 -31.98 14.79 -28.14
CA GLN B 391 -31.88 16.04 -28.90
C GLN B 391 -33.23 16.49 -29.46
N ILE B 392 -34.18 16.62 -28.56
CA ILE B 392 -35.49 17.16 -28.87
C ILE B 392 -35.53 18.35 -27.93
N MET B 393 -34.41 19.06 -27.86
CA MET B 393 -34.27 20.17 -26.94
C MET B 393 -33.39 21.25 -27.56
N PRO B 394 -33.73 22.53 -27.38
CA PRO B 394 -32.86 23.61 -27.84
C PRO B 394 -31.55 23.62 -27.07
N PRO B 395 -30.42 23.81 -27.76
CA PRO B 395 -29.13 23.87 -27.04
C PRO B 395 -28.96 25.12 -26.19
N ASP B 396 -29.75 26.16 -26.42
CA ASP B 396 -29.71 27.33 -25.55
C ASP B 396 -30.28 27.02 -24.17
N LEU B 397 -31.26 26.12 -24.10
CA LEU B 397 -31.90 25.73 -22.85
C LEU B 397 -31.60 24.27 -22.52
N ASN B 398 -30.35 23.86 -22.72
CA ASN B 398 -29.92 22.49 -22.43
C ASN B 398 -29.34 22.32 -21.04
N PHE B 399 -28.52 23.27 -20.59
CA PHE B 399 -27.87 23.13 -19.29
C PHE B 399 -28.82 23.39 -18.14
N TRP B 400 -29.79 24.30 -18.33
CA TRP B 400 -30.65 24.69 -17.21
C TRP B 400 -31.71 23.64 -16.95
N LEU B 401 -32.42 23.20 -17.98
CA LEU B 401 -33.31 22.06 -17.88
C LEU B 401 -32.92 21.09 -18.98
N GLY B 402 -32.50 19.89 -18.59
CA GLY B 402 -31.90 18.98 -19.54
C GLY B 402 -30.80 18.13 -18.92
N HIS B 403 -29.61 18.16 -19.49
CA HIS B 403 -28.51 17.33 -19.02
C HIS B 403 -27.27 18.19 -18.84
N GLN B 404 -26.72 18.20 -17.62
CA GLN B 404 -25.48 18.92 -17.38
C GLN B 404 -24.28 18.19 -17.98
N GLY B 405 -24.36 16.87 -18.08
CA GLY B 405 -23.32 16.07 -18.68
C GLY B 405 -22.31 15.51 -17.70
N TYR B 406 -22.09 16.17 -16.57
CA TYR B 406 -21.17 15.69 -15.56
C TYR B 406 -21.88 14.72 -14.63
N GLU B 407 -21.24 13.59 -14.35
CA GLU B 407 -21.90 12.55 -13.58
C GLU B 407 -22.01 12.94 -12.11
N TYR B 408 -23.08 12.45 -11.48
CA TYR B 408 -23.60 12.73 -10.13
C TYR B 408 -24.20 14.12 -9.99
N VAL B 409 -24.12 14.97 -11.02
CA VAL B 409 -24.82 16.25 -11.06
C VAL B 409 -25.57 16.36 -12.39
N ASP B 410 -25.98 15.21 -12.94
CA ASP B 410 -26.45 15.14 -14.32
C ASP B 410 -27.77 15.88 -14.53
N LEU B 411 -28.57 16.03 -13.49
CA LEU B 411 -29.84 16.71 -13.61
C LEU B 411 -29.61 18.20 -13.89
N GLY B 412 -30.55 18.80 -14.61
CA GLY B 412 -30.39 20.16 -15.08
C GLY B 412 -30.36 21.18 -13.97
N ARG B 413 -29.88 22.38 -14.30
CA ARG B 413 -29.61 23.41 -13.30
C ARG B 413 -30.89 23.96 -12.69
N LEU B 414 -32.00 23.97 -13.43
CA LEU B 414 -33.29 24.32 -12.83
C LEU B 414 -33.73 23.26 -11.83
N TRP B 415 -33.60 21.99 -12.21
CA TRP B 415 -33.94 20.91 -11.28
C TRP B 415 -32.90 20.79 -10.15
N GLN B 416 -31.66 21.21 -10.40
CA GLN B 416 -30.67 21.23 -9.33
C GLN B 416 -30.98 22.34 -8.32
N ILE B 417 -31.46 23.48 -8.81
CA ILE B 417 -31.93 24.56 -7.94
C ILE B 417 -33.16 24.11 -7.16
N GLY B 418 -34.04 23.34 -7.80
CA GLY B 418 -35.19 22.80 -7.08
C GLY B 418 -34.82 21.77 -6.03
N LYS B 419 -33.80 20.95 -6.31
CA LYS B 419 -33.34 19.98 -5.33
C LYS B 419 -32.65 20.65 -4.16
N PHE B 420 -31.86 21.70 -4.43
CA PHE B 420 -31.25 22.47 -3.35
C PHE B 420 -32.29 23.23 -2.52
N ALA B 421 -33.36 23.70 -3.17
CA ALA B 421 -34.43 24.36 -2.43
C ALA B 421 -35.23 23.36 -1.59
N GLY B 422 -35.42 22.14 -2.10
CA GLY B 422 -36.05 21.11 -1.27
C GLY B 422 -35.18 20.69 -0.11
N ILE B 423 -33.86 20.68 -0.30
CA ILE B 423 -32.96 20.32 0.78
C ILE B 423 -32.91 21.44 1.83
N CYS B 424 -32.99 22.69 1.39
CA CYS B 424 -33.10 23.79 2.36
C CYS B 424 -34.47 23.83 3.04
N PHE B 425 -35.52 23.37 2.37
CA PHE B 425 -36.81 23.28 3.04
C PHE B 425 -36.82 22.15 4.06
N TRP B 426 -36.09 21.06 3.77
CA TRP B 426 -35.90 20.02 4.77
C TRP B 426 -35.04 20.50 5.92
N LEU B 427 -34.08 21.39 5.65
CA LEU B 427 -33.33 22.07 6.70
C LEU B 427 -34.25 22.89 7.59
N VAL B 428 -35.22 23.57 6.99
CA VAL B 428 -36.19 24.36 7.77
C VAL B 428 -37.07 23.44 8.61
N LEU B 429 -37.56 22.34 8.03
CA LEU B 429 -38.38 21.39 8.77
C LEU B 429 -37.58 20.62 9.82
N MET B 430 -36.27 20.56 9.69
CA MET B 430 -35.44 19.97 10.74
C MET B 430 -35.19 20.94 11.87
N LEU B 431 -34.81 22.17 11.54
CA LEU B 431 -34.50 23.15 12.57
C LEU B 431 -35.74 23.60 13.33
N ARG B 432 -36.92 23.53 12.70
CA ARG B 432 -38.16 23.80 13.42
C ARG B 432 -38.49 22.73 14.45
N GLY B 433 -37.86 21.54 14.36
CA GLY B 433 -38.01 20.54 15.38
C GLY B 433 -36.86 20.52 16.37
N ILE B 434 -35.68 20.97 15.96
CA ILE B 434 -34.52 20.92 16.85
C ILE B 434 -34.39 22.17 17.71
N VAL B 435 -34.50 23.35 17.09
CA VAL B 435 -34.29 24.64 17.75
C VAL B 435 -35.29 24.89 18.90
N PRO B 436 -36.59 24.56 18.81
CA PRO B 436 -37.41 24.62 20.03
C PRO B 436 -37.07 23.59 21.10
N ALA B 437 -36.19 22.63 20.83
CA ALA B 437 -35.63 21.79 21.88
C ALA B 437 -34.24 22.26 22.31
N LEU B 438 -33.72 23.32 21.69
CA LEU B 438 -32.50 23.97 22.13
C LEU B 438 -32.73 25.39 22.65
N ARG B 439 -33.86 26.01 22.34
CA ARG B 439 -34.16 27.33 22.85
C ARG B 439 -34.62 27.30 24.32
N THR B 440 -34.91 26.12 24.84
CA THR B 440 -35.28 26.00 26.24
C THR B 440 -34.04 26.18 27.13
N PRO B 441 -34.15 26.97 28.20
CA PRO B 441 -32.98 27.17 29.08
C PRO B 441 -32.68 25.95 29.94
N GLY B 442 -32.02 24.96 29.36
CA GLY B 442 -31.66 23.75 30.08
C GLY B 442 -30.24 23.30 29.79
N GLY B 443 -29.94 22.04 30.09
CA GLY B 443 -28.63 21.49 29.84
C GLY B 443 -28.66 20.23 29.00
N ASP B 444 -29.53 20.20 27.99
CA ASP B 444 -29.75 19.02 27.16
C ASP B 444 -29.07 19.11 25.80
N LYS B 445 -28.36 20.20 25.51
CA LYS B 445 -27.76 20.41 24.20
C LYS B 445 -26.34 19.83 24.10
N ASN B 446 -26.19 18.58 24.53
CA ASN B 446 -24.89 17.93 24.48
C ASN B 446 -24.62 17.35 23.09
N LEU B 447 -25.45 16.41 22.66
CA LEU B 447 -25.32 15.78 21.36
C LEU B 447 -26.10 16.54 20.28
N LEU B 448 -27.17 17.24 20.66
CA LEU B 448 -28.06 17.90 19.71
C LEU B 448 -27.38 19.05 18.98
N ALA B 449 -26.31 19.62 19.54
CA ALA B 449 -25.57 20.64 18.81
C ALA B 449 -24.76 20.02 17.68
N LEU B 450 -24.22 18.82 17.90
CA LEU B 450 -23.52 18.11 16.84
C LEU B 450 -24.50 17.66 15.75
N LEU B 451 -25.69 17.22 16.15
CA LEU B 451 -26.73 16.89 15.18
C LEU B 451 -27.21 18.13 14.43
N THR B 452 -27.24 19.29 15.10
CA THR B 452 -27.63 20.53 14.44
C THR B 452 -26.59 20.96 13.41
N ALA B 453 -25.31 20.88 13.78
CA ALA B 453 -24.24 21.20 12.84
C ALA B 453 -24.17 20.20 11.69
N SER B 454 -24.47 18.93 11.94
CA SER B 454 -24.47 17.93 10.89
C SER B 454 -25.64 18.13 9.93
N VAL B 455 -26.82 18.49 10.46
CA VAL B 455 -27.97 18.77 9.63
C VAL B 455 -27.76 20.05 8.81
N GLY B 456 -27.12 21.05 9.41
CA GLY B 456 -26.74 22.23 8.66
C GLY B 456 -25.71 21.97 7.58
N ALA B 457 -24.80 21.02 7.84
CA ALA B 457 -23.79 20.67 6.84
C ALA B 457 -24.41 19.91 5.67
N ILE B 458 -25.28 18.94 5.96
CA ILE B 458 -25.93 18.19 4.89
C ILE B 458 -26.97 19.06 4.16
N GLY B 459 -27.45 20.13 4.80
CA GLY B 459 -28.40 21.01 4.14
C GLY B 459 -27.78 22.08 3.28
N LEU B 460 -26.73 22.73 3.77
CA LEU B 460 -26.18 23.90 3.09
C LEU B 460 -25.14 23.58 2.04
N PHE B 461 -24.47 22.43 2.11
CA PHE B 461 -23.32 22.16 1.26
C PHE B 461 -23.68 21.55 -0.08
N TYR B 462 -24.94 21.58 -0.48
CA TYR B 462 -25.26 21.30 -1.87
C TYR B 462 -25.08 22.54 -2.73
N GLY B 463 -25.00 23.71 -2.11
CA GLY B 463 -24.77 24.96 -2.80
C GLY B 463 -23.39 25.11 -3.41
N ALA B 464 -22.47 24.19 -3.10
CA ALA B 464 -21.19 24.12 -3.80
C ALA B 464 -21.29 23.41 -5.14
N GLY B 465 -22.47 22.88 -5.48
CA GLY B 465 -22.77 22.40 -6.81
C GLY B 465 -23.12 23.49 -7.78
N PHE B 466 -23.17 24.72 -7.29
CA PHE B 466 -23.09 25.93 -8.09
C PHE B 466 -21.61 26.32 -8.15
N PHE B 467 -21.33 27.58 -8.51
CA PHE B 467 -20.00 28.13 -8.80
C PHE B 467 -19.34 27.46 -10.00
N TYR B 468 -20.13 26.84 -10.88
CA TYR B 468 -19.69 26.51 -12.22
C TYR B 468 -20.88 26.65 -13.15
N GLY B 469 -20.73 27.48 -14.18
CA GLY B 469 -21.83 27.77 -15.07
C GLY B 469 -22.01 26.75 -16.17
N GLU B 470 -22.32 27.22 -17.37
CA GLU B 470 -22.54 26.35 -18.50
C GLU B 470 -21.29 26.13 -19.33
N ARG B 471 -20.52 27.21 -19.58
CA ARG B 471 -19.35 27.17 -20.43
C ARG B 471 -18.08 27.51 -19.66
N THR B 472 -18.06 27.30 -18.36
CA THR B 472 -16.87 27.63 -17.61
C THR B 472 -15.85 26.50 -17.71
N HIS B 473 -14.69 26.72 -17.10
CA HIS B 473 -13.52 25.88 -17.30
C HIS B 473 -13.72 24.50 -16.67
N LEU B 474 -13.20 23.46 -17.36
CA LEU B 474 -13.49 22.09 -16.98
C LEU B 474 -12.81 21.68 -15.68
N THR B 475 -11.67 22.30 -15.35
CA THR B 475 -11.03 22.00 -14.08
C THR B 475 -11.82 22.59 -12.90
N VAL B 476 -12.48 23.72 -13.13
CA VAL B 476 -13.32 24.31 -12.09
C VAL B 476 -14.62 23.52 -11.94
N MET B 477 -15.08 22.86 -13.00
CA MET B 477 -16.22 21.95 -12.87
C MET B 477 -15.80 20.55 -12.44
N GLU B 478 -14.52 20.35 -12.15
CA GLU B 478 -14.05 19.14 -11.50
C GLU B 478 -13.40 19.46 -10.16
N TYR B 479 -13.53 20.69 -9.69
CA TYR B 479 -13.19 21.04 -8.32
C TYR B 479 -14.44 21.33 -7.48
N TRP B 480 -15.43 21.99 -8.05
CA TRP B 480 -16.68 22.23 -7.36
C TRP B 480 -17.69 21.10 -7.56
N ARG B 481 -17.40 20.13 -8.42
CA ARG B 481 -18.27 18.97 -8.51
C ARG B 481 -18.02 18.01 -7.36
N TRP B 482 -16.75 17.78 -7.01
CA TRP B 482 -16.41 16.87 -5.94
C TRP B 482 -16.54 17.50 -4.57
N TRP B 483 -16.89 18.79 -4.50
CA TRP B 483 -17.33 19.37 -3.24
C TRP B 483 -18.69 18.84 -2.82
N ILE B 484 -19.49 18.31 -3.73
CA ILE B 484 -20.81 17.79 -3.40
C ILE B 484 -20.97 16.32 -3.76
N VAL B 485 -19.88 15.66 -4.17
CA VAL B 485 -19.86 14.22 -4.35
C VAL B 485 -18.92 13.55 -3.36
N HIS B 486 -17.77 14.15 -3.10
CA HIS B 486 -16.91 13.61 -2.07
C HIS B 486 -17.15 14.24 -0.70
N LEU B 487 -17.40 15.54 -0.65
CA LEU B 487 -17.51 16.18 0.65
C LEU B 487 -18.93 16.10 1.20
N TRP B 488 -19.95 16.00 0.34
CA TRP B 488 -21.33 15.99 0.78
C TRP B 488 -21.95 14.61 0.77
N VAL B 489 -21.77 13.84 -0.31
CA VAL B 489 -22.29 12.49 -0.35
C VAL B 489 -21.47 11.57 0.56
N GLU B 490 -20.15 11.58 0.40
CA GLU B 490 -19.33 10.72 1.23
C GLU B 490 -19.10 11.30 2.62
N GLY B 491 -18.96 12.61 2.72
CA GLY B 491 -18.52 13.21 3.97
C GLY B 491 -19.62 13.68 4.89
N PHE B 492 -20.77 14.06 4.35
CA PHE B 492 -21.84 14.60 5.18
C PHE B 492 -23.11 13.77 5.11
N PHE B 493 -23.06 12.59 4.51
CA PHE B 493 -24.03 11.55 4.83
C PHE B 493 -23.53 10.64 5.93
N GLU B 494 -22.20 10.46 6.01
CA GLU B 494 -21.61 9.70 7.10
C GLU B 494 -21.70 10.46 8.41
N ALA B 495 -21.53 11.77 8.37
CA ALA B 495 -21.62 12.59 9.57
C ALA B 495 -23.06 12.88 9.97
N PHE B 496 -24.05 12.45 9.19
CA PHE B 496 -25.44 12.54 9.58
C PHE B 496 -26.03 11.19 9.97
N ALA B 497 -25.71 10.13 9.24
CA ALA B 497 -26.26 8.82 9.54
C ALA B 497 -25.53 8.11 10.67
N THR B 498 -24.50 8.72 11.25
CA THR B 498 -23.86 8.20 12.46
C THR B 498 -24.32 8.94 13.71
N THR B 499 -24.45 10.26 13.63
CA THR B 499 -24.90 11.04 14.77
C THR B 499 -26.39 10.87 15.02
N ALA B 500 -27.19 10.75 13.96
CA ALA B 500 -28.60 10.40 14.16
C ALA B 500 -28.75 8.97 14.66
N LEU B 501 -27.84 8.07 14.25
CA LEU B 501 -27.85 6.72 14.77
C LEU B 501 -27.44 6.69 16.23
N ALA B 502 -26.48 7.53 16.61
CA ALA B 502 -26.11 7.65 18.02
C ALA B 502 -27.23 8.27 18.84
N PHE B 503 -27.97 9.21 18.25
CA PHE B 503 -29.13 9.80 18.93
C PHE B 503 -30.24 8.78 19.12
N ILE B 504 -30.46 7.93 18.11
CA ILE B 504 -31.47 6.88 18.23
C ILE B 504 -31.06 5.87 19.28
N PHE B 505 -29.80 5.41 19.25
CA PHE B 505 -29.33 4.43 20.23
C PHE B 505 -29.17 5.03 21.62
N SER B 506 -29.13 6.36 21.74
CA SER B 506 -29.13 6.99 23.05
C SER B 506 -30.55 7.17 23.58
N THR B 507 -31.51 7.43 22.69
CA THR B 507 -32.90 7.58 23.12
C THR B 507 -33.48 6.25 23.61
N LEU B 508 -33.05 5.13 23.02
CA LEU B 508 -33.45 3.81 23.48
C LEU B 508 -32.83 3.43 24.82
N GLY B 509 -31.88 4.20 25.33
CA GLY B 509 -31.24 3.85 26.59
C GLY B 509 -30.19 2.78 26.48
N LEU B 510 -29.74 2.46 25.27
CA LEU B 510 -28.72 1.45 25.07
C LEU B 510 -27.31 2.01 25.24
N VAL B 511 -27.07 3.23 24.78
CA VAL B 511 -25.87 3.98 25.11
C VAL B 511 -26.30 5.23 25.88
N SER B 512 -25.39 5.74 26.70
CA SER B 512 -25.77 6.59 27.83
C SER B 512 -25.00 7.92 27.82
N ARG B 513 -25.02 8.62 26.68
CA ARG B 513 -24.55 10.00 26.50
C ARG B 513 -23.06 10.21 26.75
N ARG B 514 -22.32 9.13 26.99
CA ARG B 514 -20.87 9.15 27.07
C ARG B 514 -20.23 8.23 26.04
N MET B 515 -20.93 7.18 25.62
CA MET B 515 -20.61 6.46 24.40
C MET B 515 -21.44 6.95 23.22
N ALA B 516 -22.31 7.93 23.44
CA ALA B 516 -23.10 8.54 22.38
C ALA B 516 -22.61 9.93 22.02
N THR B 517 -21.69 10.48 22.80
CA THR B 517 -21.10 11.78 22.47
C THR B 517 -19.58 11.77 22.37
N THR B 518 -18.87 11.07 23.25
CA THR B 518 -17.42 10.97 23.10
C THR B 518 -17.05 10.02 21.98
N ALA B 519 -17.88 9.01 21.73
CA ALA B 519 -17.70 8.10 20.61
C ALA B 519 -18.45 8.56 19.36
N SER B 520 -18.97 9.78 19.37
CA SER B 520 -19.58 10.37 18.19
C SER B 520 -18.99 11.71 17.80
N LEU B 521 -18.13 12.31 18.64
CA LEU B 521 -17.26 13.41 18.24
C LEU B 521 -15.89 12.93 17.81
N ALA B 522 -15.41 11.83 18.40
CA ALA B 522 -14.19 11.21 17.91
C ALA B 522 -14.43 10.47 16.60
N SER B 523 -15.65 9.96 16.41
CA SER B 523 -16.05 9.35 15.15
C SER B 523 -16.61 10.37 14.17
N ALA B 524 -16.47 11.66 14.48
CA ALA B 524 -16.77 12.73 13.53
C ALA B 524 -15.59 13.66 13.34
N SER B 525 -14.45 13.40 14.00
CA SER B 525 -13.22 14.12 13.76
C SER B 525 -12.12 13.26 13.18
N LEU B 526 -12.20 11.93 13.34
CA LEU B 526 -11.32 11.03 12.59
C LEU B 526 -11.66 11.06 11.10
N PHE B 527 -12.92 11.31 10.77
CA PHE B 527 -13.38 11.27 9.39
C PHE B 527 -13.30 12.63 8.71
N MET B 528 -13.39 13.72 9.45
CA MET B 528 -13.24 15.04 8.85
C MET B 528 -11.80 15.49 8.73
N LEU B 529 -10.85 14.69 9.21
CA LEU B 529 -9.44 14.95 8.98
C LEU B 529 -8.96 14.37 7.66
N GLY B 530 -9.54 13.25 7.24
CA GLY B 530 -9.19 12.67 5.96
C GLY B 530 -10.27 12.78 4.92
N GLY B 531 -11.42 13.34 5.28
CA GLY B 531 -12.52 13.40 4.35
C GLY B 531 -12.67 14.76 3.69
N ILE B 532 -12.37 15.82 4.43
CA ILE B 532 -12.50 17.18 3.92
C ILE B 532 -11.38 17.56 2.95
N PRO B 533 -10.08 17.36 3.22
CA PRO B 533 -9.10 17.65 2.17
C PRO B 533 -8.70 16.44 1.34
N GLY B 534 -9.37 15.30 1.52
CA GLY B 534 -9.20 14.17 0.65
C GLY B 534 -9.93 14.28 -0.67
N THR B 535 -10.75 15.34 -0.82
CA THR B 535 -11.44 15.68 -2.07
C THR B 535 -10.50 15.71 -3.27
N PHE B 536 -9.27 16.14 -3.04
CA PHE B 536 -8.22 16.16 -4.03
C PHE B 536 -7.77 14.78 -4.46
N HIS B 537 -8.26 13.59 -4.08
CA HIS B 537 -7.89 12.40 -4.84
C HIS B 537 -8.76 12.20 -6.06
N HIS B 538 -9.71 13.09 -6.30
CA HIS B 538 -10.42 13.18 -7.56
C HIS B 538 -9.84 14.25 -8.46
N LEU B 539 -8.94 15.08 -7.95
CA LEU B 539 -8.33 16.16 -8.70
C LEU B 539 -6.84 15.94 -8.92
N TYR B 540 -6.39 14.68 -8.91
CA TYR B 540 -5.00 14.40 -9.28
C TYR B 540 -4.77 14.78 -10.74
N PHE B 541 -5.39 14.05 -11.64
CA PHE B 541 -5.20 14.17 -13.08
C PHE B 541 -6.31 14.95 -13.75
N ALA B 542 -6.58 16.16 -13.29
CA ALA B 542 -7.47 17.07 -14.02
C ALA B 542 -6.99 18.49 -13.73
N GLY B 543 -6.09 18.98 -14.57
CA GLY B 543 -5.67 20.36 -14.56
C GLY B 543 -4.98 20.90 -13.31
N THR B 544 -4.61 20.04 -12.37
CA THR B 544 -4.03 20.48 -11.11
C THR B 544 -2.53 20.25 -11.10
N THR B 545 -1.89 20.72 -10.02
CA THR B 545 -0.45 20.71 -9.90
C THR B 545 -0.05 19.58 -8.94
N THR B 546 1.25 19.46 -8.69
CA THR B 546 1.76 18.45 -7.76
C THR B 546 1.33 18.63 -6.30
N PRO B 547 1.27 19.83 -5.69
CA PRO B 547 0.83 19.89 -4.28
C PRO B 547 -0.63 19.52 -4.03
N VAL B 548 -1.50 19.64 -5.04
CA VAL B 548 -2.87 19.15 -4.89
C VAL B 548 -2.86 17.62 -4.75
N MET B 549 -2.03 16.95 -5.54
CA MET B 549 -1.84 15.51 -5.41
C MET B 549 -1.18 15.15 -4.08
N ALA B 550 -0.26 16.00 -3.61
CA ALA B 550 0.41 15.78 -2.34
C ALA B 550 -0.55 15.85 -1.16
N VAL B 551 -1.49 16.80 -1.21
CA VAL B 551 -2.50 16.89 -0.17
C VAL B 551 -3.49 15.73 -0.28
N GLY B 552 -3.92 15.42 -1.51
CA GLY B 552 -4.92 14.39 -1.71
C GLY B 552 -4.44 12.97 -1.53
N ALA B 553 -3.15 12.72 -1.47
CA ALA B 553 -2.68 11.39 -1.15
C ALA B 553 -2.52 11.19 0.35
N SER B 554 -1.88 12.15 1.02
CA SER B 554 -1.63 12.05 2.45
C SER B 554 -2.92 12.19 3.24
N PHE B 555 -3.74 13.20 2.93
CA PHE B 555 -4.99 13.40 3.63
C PHE B 555 -6.13 12.56 3.09
N SER B 556 -5.84 11.52 2.32
CA SER B 556 -6.81 10.48 2.03
C SER B 556 -6.31 9.10 2.39
N ALA B 557 -5.03 8.97 2.72
CA ALA B 557 -4.60 7.79 3.47
C ALA B 557 -5.12 7.84 4.90
N LEU B 558 -5.36 9.03 5.43
CA LEU B 558 -5.83 9.24 6.79
C LEU B 558 -7.34 9.12 6.93
N GLU B 559 -8.06 8.79 5.87
CA GLU B 559 -9.47 8.44 5.97
C GLU B 559 -9.73 6.96 5.75
N VAL B 560 -8.71 6.20 5.35
CA VAL B 560 -8.83 4.76 5.35
C VAL B 560 -8.52 4.22 6.75
N VAL B 561 -7.70 4.93 7.52
CA VAL B 561 -7.28 4.47 8.83
C VAL B 561 -8.36 4.38 9.92
N PRO B 562 -9.48 5.11 9.93
CA PRO B 562 -10.56 4.71 10.84
C PRO B 562 -11.62 3.83 10.20
N LEU B 563 -11.41 3.37 8.97
CA LEU B 563 -12.34 2.49 8.29
C LEU B 563 -11.91 1.03 8.33
N ILE B 564 -10.60 0.77 8.32
CA ILE B 564 -10.11 -0.60 8.45
C ILE B 564 -10.34 -1.10 9.87
N VAL B 565 -10.25 -0.24 10.86
CA VAL B 565 -10.52 -0.63 12.25
C VAL B 565 -12.03 -0.46 12.48
N LEU B 566 -12.77 -1.46 12.01
CA LEU B 566 -14.21 -1.49 12.20
C LEU B 566 -14.67 -2.86 12.66
N GLY B 567 -13.91 -3.47 13.55
CA GLY B 567 -14.41 -4.58 14.32
C GLY B 567 -15.18 -4.02 15.49
N HIS B 568 -14.57 -3.06 16.18
CA HIS B 568 -15.34 -2.16 17.03
C HIS B 568 -16.21 -1.26 16.18
N GLU B 569 -17.30 -0.78 16.79
CA GLU B 569 -18.42 -0.09 16.14
C GLU B 569 -19.09 -0.97 15.07
N ALA B 570 -18.90 -2.28 15.15
CA ALA B 570 -19.65 -3.26 14.37
C ALA B 570 -20.08 -4.37 15.30
N TRP B 571 -19.27 -4.61 16.34
CA TRP B 571 -19.63 -5.48 17.44
C TRP B 571 -20.15 -4.70 18.64
N GLU B 572 -19.71 -3.46 18.79
CA GLU B 572 -20.33 -2.56 19.76
C GLU B 572 -21.77 -2.25 19.37
N ASN B 573 -22.04 -2.09 18.08
CA ASN B 573 -23.39 -1.85 17.57
C ASN B 573 -24.11 -3.15 17.20
N TRP B 574 -23.66 -4.29 17.73
CA TRP B 574 -24.38 -5.54 17.61
C TRP B 574 -24.58 -6.22 18.94
N ARG B 575 -23.77 -5.85 19.91
CA ARG B 575 -23.86 -6.33 21.25
C ARG B 575 -25.21 -5.85 21.79
N LEU B 576 -25.65 -4.68 21.32
CA LEU B 576 -26.89 -4.08 21.78
C LEU B 576 -28.07 -4.99 21.52
N LYS B 577 -28.14 -5.59 20.35
CA LYS B 577 -29.27 -6.46 20.05
C LYS B 577 -29.56 -7.40 21.21
N THR B 578 -28.53 -7.81 21.96
CA THR B 578 -28.72 -8.72 23.08
C THR B 578 -28.86 -7.99 24.41
N ARG B 579 -28.86 -6.66 24.36
CA ARG B 579 -29.09 -5.82 25.54
C ARG B 579 -30.51 -5.78 26.10
N ALA B 580 -31.52 -5.77 25.23
CA ALA B 580 -32.91 -5.60 25.62
C ALA B 580 -33.78 -6.65 24.94
N PRO B 581 -34.87 -7.09 25.60
CA PRO B 581 -35.76 -8.07 24.95
C PRO B 581 -36.62 -7.50 23.85
N TRP B 582 -36.89 -6.19 23.85
CA TRP B 582 -37.68 -5.58 22.80
C TRP B 582 -36.84 -5.19 21.59
N MET B 583 -35.55 -5.54 21.57
CA MET B 583 -34.67 -5.24 20.45
C MET B 583 -34.88 -6.18 19.27
N GLU B 584 -35.64 -7.26 19.45
CA GLU B 584 -35.88 -8.20 18.36
C GLU B 584 -36.78 -7.62 17.28
N ASN B 585 -37.52 -6.56 17.57
CA ASN B 585 -38.22 -5.84 16.52
C ASN B 585 -37.26 -5.06 15.63
N LEU B 586 -36.08 -4.74 16.15
CA LEU B 586 -35.03 -4.05 15.40
C LEU B 586 -33.86 -4.96 15.09
N LYS B 587 -34.14 -6.22 14.75
CA LYS B 587 -33.06 -7.13 14.40
C LYS B 587 -32.50 -6.81 13.02
N TRP B 588 -33.39 -6.61 12.05
CA TRP B 588 -32.98 -6.41 10.66
C TRP B 588 -32.40 -5.02 10.34
N PRO B 589 -32.84 -3.91 10.95
CA PRO B 589 -32.02 -2.69 10.82
C PRO B 589 -30.65 -2.82 11.47
N LEU B 590 -30.58 -3.36 12.69
CA LEU B 590 -29.30 -3.55 13.37
C LEU B 590 -28.42 -4.60 12.70
N MET B 591 -28.98 -5.45 11.84
CA MET B 591 -28.10 -6.28 11.02
C MET B 591 -27.57 -5.49 9.84
N CYS B 592 -28.40 -4.61 9.26
CA CYS B 592 -27.95 -3.77 8.14
C CYS B 592 -26.85 -2.83 8.57
N PHE B 593 -26.97 -2.23 9.76
CA PHE B 593 -25.91 -1.39 10.30
C PHE B 593 -24.65 -2.18 10.65
N VAL B 594 -24.74 -3.50 10.73
CA VAL B 594 -23.54 -4.32 10.79
C VAL B 594 -22.90 -4.39 9.41
N ALA B 595 -23.72 -4.65 8.38
CA ALA B 595 -23.21 -4.77 7.02
C ALA B 595 -22.72 -3.44 6.49
N VAL B 596 -23.33 -2.33 6.93
CA VAL B 596 -22.83 -0.98 6.72
C VAL B 596 -21.36 -0.88 7.13
N ALA B 597 -21.02 -1.45 8.27
CA ALA B 597 -19.63 -1.44 8.71
C ALA B 597 -18.76 -2.32 7.84
N PHE B 598 -19.29 -3.48 7.40
CA PHE B 598 -18.46 -4.43 6.65
C PHE B 598 -18.09 -3.86 5.29
N TRP B 599 -19.07 -3.38 4.55
CA TRP B 599 -18.74 -2.68 3.31
C TRP B 599 -18.15 -1.31 3.54
N ASN B 600 -18.02 -0.83 4.77
CA ASN B 600 -17.23 0.36 5.00
C ASN B 600 -15.75 0.04 5.19
N MET B 601 -15.39 -1.23 5.37
CA MET B 601 -13.98 -1.56 5.32
C MET B 601 -13.57 -2.27 4.03
N LEU B 602 -14.46 -3.08 3.45
CA LEU B 602 -14.15 -3.73 2.19
C LEU B 602 -14.43 -2.82 1.00
N GLY B 603 -15.43 -1.95 1.10
CA GLY B 603 -15.79 -1.12 -0.02
C GLY B 603 -15.07 0.21 -0.07
N ALA B 604 -14.93 0.86 1.08
CA ALA B 604 -14.24 2.13 1.15
C ALA B 604 -12.80 2.03 1.63
N GLY B 605 -12.44 0.97 2.33
CA GLY B 605 -11.10 0.84 2.86
C GLY B 605 -10.15 0.03 1.99
N VAL B 606 -10.50 -1.21 1.67
CA VAL B 606 -9.62 -2.04 0.85
C VAL B 606 -9.65 -1.61 -0.60
N PHE B 607 -10.85 -1.49 -1.18
CA PHE B 607 -10.97 -1.08 -2.56
C PHE B 607 -10.94 0.43 -2.74
N GLY B 608 -10.91 1.18 -1.65
CA GLY B 608 -10.77 2.62 -1.73
C GLY B 608 -9.32 3.03 -1.74
N PHE B 609 -8.45 2.29 -1.06
CA PHE B 609 -7.02 2.55 -1.09
C PHE B 609 -6.30 1.75 -2.16
N MET B 610 -6.95 0.75 -2.75
CA MET B 610 -6.40 0.08 -3.92
C MET B 610 -6.26 1.05 -5.09
N ILE B 611 -7.19 1.98 -5.21
CA ILE B 611 -7.21 2.96 -6.28
C ILE B 611 -6.81 4.35 -5.79
N ASN B 612 -6.43 4.49 -4.54
CA ASN B 612 -6.11 5.82 -4.04
C ASN B 612 -4.74 6.41 -4.41
N PRO B 613 -3.58 5.76 -4.19
CA PRO B 613 -2.31 6.50 -4.26
C PRO B 613 -1.98 6.87 -5.69
N PRO B 614 -1.29 8.00 -5.90
CA PRO B 614 -1.27 8.63 -7.24
C PRO B 614 -0.48 7.87 -8.30
N VAL B 615 0.25 6.82 -7.96
CA VAL B 615 0.84 5.96 -8.97
C VAL B 615 -0.08 4.78 -9.27
N SER B 616 -0.99 4.43 -8.35
CA SER B 616 -1.95 3.39 -8.62
C SER B 616 -3.15 3.92 -9.38
N LEU B 617 -3.62 5.13 -9.03
CA LEU B 617 -4.77 5.72 -9.72
C LEU B 617 -4.41 6.15 -11.13
N TYR B 618 -3.12 6.35 -11.41
CA TYR B 618 -2.66 6.76 -12.73
C TYR B 618 -3.01 5.73 -13.79
N TYR B 619 -2.85 4.45 -13.48
CA TYR B 619 -3.17 3.38 -14.39
C TYR B 619 -4.59 2.87 -14.23
N ILE B 620 -5.40 3.51 -13.38
CA ILE B 620 -6.69 2.98 -12.97
C ILE B 620 -7.83 3.96 -13.21
N GLN B 621 -7.55 5.26 -13.23
CA GLN B 621 -8.60 6.29 -13.31
C GLN B 621 -9.28 6.19 -14.67
N GLY B 622 -10.48 5.64 -14.67
CA GLY B 622 -11.19 5.34 -15.90
C GLY B 622 -11.36 3.87 -16.22
N LEU B 623 -10.98 2.98 -15.30
CA LEU B 623 -11.04 1.55 -15.53
C LEU B 623 -12.15 0.93 -14.67
N ASN B 624 -12.22 -0.41 -14.70
CA ASN B 624 -13.32 -1.13 -14.08
C ASN B 624 -13.04 -1.55 -12.65
N THR B 625 -12.05 -0.95 -12.00
CA THR B 625 -11.93 -1.03 -10.55
C THR B 625 -12.49 0.19 -9.85
N THR B 626 -12.92 1.19 -10.60
CA THR B 626 -13.71 2.29 -10.05
C THR B 626 -15.19 1.92 -9.85
N PRO B 627 -15.88 1.19 -10.75
CA PRO B 627 -17.22 0.72 -10.37
C PRO B 627 -17.22 -0.36 -9.30
N VAL B 628 -16.09 -1.03 -9.06
CA VAL B 628 -15.98 -1.92 -7.90
C VAL B 628 -16.13 -1.12 -6.61
N HIS B 629 -15.32 -0.08 -6.47
CA HIS B 629 -15.36 0.79 -5.29
C HIS B 629 -16.68 1.56 -5.23
N ALA B 630 -17.24 1.93 -6.38
CA ALA B 630 -18.47 2.70 -6.40
C ALA B 630 -19.67 1.85 -6.00
N HIS B 631 -19.77 0.63 -6.52
CA HIS B 631 -20.89 -0.24 -6.15
C HIS B 631 -20.73 -0.78 -4.75
N ALA B 632 -19.50 -0.94 -4.26
CA ALA B 632 -19.32 -1.44 -2.91
C ALA B 632 -19.42 -0.35 -1.85
N ALA B 633 -19.19 0.91 -2.20
CA ALA B 633 -19.20 1.97 -1.22
C ALA B 633 -20.46 2.82 -1.27
N LEU B 634 -21.08 3.02 -2.43
CA LEU B 634 -22.32 3.79 -2.44
C LEU B 634 -23.50 2.93 -2.02
N PHE B 635 -23.54 1.67 -2.44
CA PHE B 635 -24.62 0.81 -1.96
C PHE B 635 -24.28 0.14 -0.65
N GLY B 636 -23.02 -0.25 -0.45
CA GLY B 636 -22.69 -0.99 0.74
C GLY B 636 -22.68 -0.15 2.01
N VAL B 637 -22.46 1.15 1.87
CA VAL B 637 -22.44 2.03 3.03
C VAL B 637 -23.70 2.88 3.06
N TYR B 638 -23.89 3.73 2.06
CA TYR B 638 -25.01 4.65 2.05
C TYR B 638 -26.26 4.09 1.40
N GLY B 639 -26.22 2.83 0.98
CA GLY B 639 -27.40 2.22 0.43
C GLY B 639 -27.93 1.13 1.34
N PHE B 640 -27.15 0.82 2.37
CA PHE B 640 -27.63 0.00 3.48
C PHE B 640 -27.98 0.82 4.70
N LEU B 641 -27.35 1.99 4.88
CA LEU B 641 -27.80 2.95 5.88
C LEU B 641 -29.19 3.47 5.54
N ALA B 642 -29.45 3.72 4.27
CA ALA B 642 -30.76 4.19 3.86
C ALA B 642 -31.81 3.08 3.80
N LEU B 643 -31.38 1.82 3.83
CA LEU B 643 -32.29 0.69 4.01
C LEU B 643 -32.34 0.21 5.45
N GLY B 644 -31.49 0.75 6.32
CA GLY B 644 -31.62 0.51 7.74
C GLY B 644 -32.53 1.57 8.33
N PHE B 645 -32.38 2.80 7.85
CA PHE B 645 -33.26 3.89 8.23
C PHE B 645 -34.64 3.78 7.60
N THR B 646 -34.82 2.91 6.60
CA THR B 646 -36.14 2.64 6.06
C THR B 646 -36.86 1.59 6.87
N LEU B 647 -36.17 0.51 7.26
CA LEU B 647 -36.78 -0.53 8.08
C LEU B 647 -36.84 -0.16 9.55
N LEU B 648 -36.13 0.88 9.99
CA LEU B 648 -36.32 1.39 11.34
C LEU B 648 -37.54 2.31 11.41
N VAL B 649 -37.74 3.13 10.38
CA VAL B 649 -38.93 3.98 10.30
C VAL B 649 -40.13 3.21 9.79
N LEU B 650 -39.94 1.98 9.32
CA LEU B 650 -41.09 1.10 9.08
C LEU B 650 -41.69 0.64 10.40
N ARG B 651 -40.85 0.37 11.40
CA ARG B 651 -41.32 0.36 12.78
C ARG B 651 -41.61 1.78 13.23
N TYR B 652 -42.41 1.91 14.29
CA TYR B 652 -42.88 3.17 14.89
C TYR B 652 -43.73 4.05 13.97
N ILE B 653 -44.02 3.61 12.75
CA ILE B 653 -45.18 4.09 12.01
C ILE B 653 -46.10 2.96 11.60
N ARG B 654 -45.61 1.71 11.58
CA ARG B 654 -46.44 0.51 11.43
C ARG B 654 -46.01 -0.47 12.52
N PRO B 655 -46.33 -0.17 13.79
CA PRO B 655 -45.74 -0.96 14.88
C PRO B 655 -46.33 -2.34 15.05
N GLN B 656 -47.50 -2.62 14.48
CA GLN B 656 -48.13 -3.92 14.59
C GLN B 656 -47.66 -4.91 13.54
N TYR B 657 -46.72 -4.51 12.67
CA TYR B 657 -46.27 -5.35 11.57
C TYR B 657 -44.92 -5.96 11.92
N ALA B 658 -44.89 -7.28 12.06
CA ALA B 658 -43.64 -8.01 12.18
C ALA B 658 -42.95 -8.08 10.83
N LEU B 659 -41.62 -8.02 10.85
CA LEU B 659 -40.85 -7.86 9.62
C LEU B 659 -40.71 -9.14 8.82
N SER B 660 -41.33 -10.25 9.26
CA SER B 660 -41.41 -11.55 8.59
C SER B 660 -40.04 -12.13 8.20
N PRO B 661 -39.28 -12.66 9.15
CA PRO B 661 -38.01 -13.32 8.79
C PRO B 661 -38.26 -14.57 7.95
N GLY B 662 -37.47 -14.70 6.88
CA GLY B 662 -37.72 -15.68 5.86
C GLY B 662 -37.82 -14.98 4.52
N LEU B 663 -38.44 -13.81 4.53
CA LEU B 663 -38.38 -12.88 3.39
C LEU B 663 -37.28 -11.85 3.58
N MET B 664 -37.10 -11.37 4.81
CA MET B 664 -36.02 -10.44 5.10
C MET B 664 -34.66 -11.12 5.08
N LYS B 665 -34.60 -12.43 5.33
CA LYS B 665 -33.37 -13.17 5.12
C LYS B 665 -32.97 -13.15 3.66
N LEU B 666 -33.95 -13.32 2.76
CA LEU B 666 -33.70 -13.18 1.33
C LEU B 666 -33.32 -11.76 0.98
N ALA B 667 -33.99 -10.77 1.58
CA ALA B 667 -33.73 -9.37 1.25
C ALA B 667 -32.37 -8.90 1.74
N PHE B 668 -31.83 -9.53 2.78
CA PHE B 668 -30.51 -9.16 3.26
C PHE B 668 -29.41 -9.96 2.57
N TRP B 669 -29.52 -11.28 2.55
CA TRP B 669 -28.50 -12.14 1.98
C TRP B 669 -28.66 -12.34 0.49
N GLY B 670 -29.53 -11.57 -0.17
CA GLY B 670 -29.49 -11.48 -1.60
C GLY B 670 -28.72 -10.24 -1.97
N LEU B 671 -28.97 -9.14 -1.26
CA LEU B 671 -28.26 -7.90 -1.52
C LEU B 671 -26.78 -8.03 -1.21
N ASN B 672 -26.44 -8.59 -0.03
CA ASN B 672 -25.04 -8.74 0.36
C ASN B 672 -24.30 -9.72 -0.54
N LEU B 673 -24.92 -10.87 -0.81
CA LEU B 673 -24.24 -11.89 -1.60
C LEU B 673 -24.18 -11.50 -3.07
N GLY B 674 -25.18 -10.78 -3.59
CA GLY B 674 -25.10 -10.31 -4.95
C GLY B 674 -24.11 -9.19 -5.13
N LEU B 675 -23.97 -8.31 -4.13
CA LEU B 675 -22.94 -7.28 -4.20
C LEU B 675 -21.54 -7.88 -4.09
N ALA B 676 -21.37 -8.92 -3.28
CA ALA B 676 -20.08 -9.58 -3.23
C ALA B 676 -19.84 -10.53 -4.39
N LEU B 677 -20.87 -10.87 -5.15
CA LEU B 677 -20.75 -11.82 -6.25
C LEU B 677 -20.56 -11.13 -7.60
N MET B 678 -21.20 -9.99 -7.81
CA MET B 678 -21.03 -9.26 -9.07
C MET B 678 -19.82 -8.35 -9.05
N ILE B 679 -19.13 -8.24 -7.92
CA ILE B 679 -17.92 -7.45 -7.81
C ILE B 679 -16.68 -8.33 -7.89
N PHE B 680 -16.66 -9.45 -7.18
CA PHE B 680 -15.48 -10.29 -7.10
C PHE B 680 -15.35 -11.28 -8.24
N THR B 681 -16.42 -11.49 -9.01
CA THR B 681 -16.36 -12.42 -10.14
C THR B 681 -16.47 -11.75 -11.50
N SER B 682 -16.92 -10.51 -11.56
CA SER B 682 -17.02 -9.91 -12.88
C SER B 682 -16.36 -8.56 -13.00
N LEU B 683 -16.48 -7.69 -12.00
CA LEU B 683 -16.00 -6.33 -12.15
C LEU B 683 -14.53 -6.21 -11.79
N LEU B 684 -14.11 -6.82 -10.69
CA LEU B 684 -12.71 -6.79 -10.29
C LEU B 684 -11.76 -7.59 -11.20
N PRO B 685 -12.09 -8.79 -11.72
CA PRO B 685 -11.16 -9.39 -12.68
C PRO B 685 -11.05 -8.65 -14.00
N ILE B 686 -12.16 -8.07 -14.49
CA ILE B 686 -12.10 -7.22 -15.68
C ILE B 686 -11.25 -5.98 -15.41
N GLY B 687 -11.40 -5.41 -14.21
CA GLY B 687 -10.58 -4.25 -13.85
C GLY B 687 -9.11 -4.57 -13.69
N LEU B 688 -8.79 -5.79 -13.26
CA LEU B 688 -7.38 -6.17 -13.12
C LEU B 688 -6.75 -6.51 -14.47
N ILE B 689 -7.52 -7.14 -15.38
CA ILE B 689 -7.03 -7.35 -16.74
C ILE B 689 -6.82 -6.03 -17.45
N GLN B 690 -7.75 -5.08 -17.26
CA GLN B 690 -7.59 -3.73 -17.79
C GLN B 690 -6.41 -3.00 -17.15
N PHE B 691 -6.13 -3.26 -15.87
CA PHE B 691 -5.00 -2.63 -15.20
C PHE B 691 -3.68 -3.16 -15.76
N HIS B 692 -3.62 -4.47 -16.03
CA HIS B 692 -2.44 -5.06 -16.65
C HIS B 692 -2.25 -4.53 -18.08
N ALA B 693 -3.34 -4.33 -18.82
CA ALA B 693 -3.22 -3.78 -20.16
C ALA B 693 -2.89 -2.30 -20.14
N SER B 694 -3.32 -1.57 -19.11
CA SER B 694 -3.03 -0.15 -19.02
C SER B 694 -1.62 0.13 -18.53
N VAL B 695 -1.03 -0.81 -17.77
CA VAL B 695 0.38 -0.66 -17.43
C VAL B 695 1.27 -1.25 -18.52
N SER B 696 0.76 -2.17 -19.33
CA SER B 696 1.58 -2.77 -20.38
C SER B 696 1.71 -1.83 -21.59
N GLU B 697 0.59 -1.53 -22.25
CA GLU B 697 0.62 -0.80 -23.51
C GLU B 697 0.17 0.65 -23.41
N GLY B 698 -0.83 0.95 -22.59
CA GLY B 698 -1.22 2.33 -22.41
C GLY B 698 -2.68 2.44 -22.02
N MET B 699 -3.06 3.68 -21.68
CA MET B 699 -4.43 3.95 -21.26
C MET B 699 -5.41 3.83 -22.41
N TRP B 700 -4.99 4.18 -23.63
CA TRP B 700 -5.80 3.99 -24.81
C TRP B 700 -6.13 2.51 -25.05
N TYR B 701 -5.23 1.62 -24.64
CA TYR B 701 -5.41 0.20 -24.94
C TYR B 701 -6.42 -0.44 -24.03
N ALA B 702 -6.53 0.01 -22.78
CA ALA B 702 -7.44 -0.61 -21.83
C ALA B 702 -8.91 -0.30 -22.14
N ARG B 703 -9.18 0.80 -22.87
CA ARG B 703 -10.54 1.22 -23.15
C ARG B 703 -10.99 0.93 -24.57
N SER B 704 -10.06 0.61 -25.48
CA SER B 704 -10.38 0.43 -26.88
C SER B 704 -11.17 -0.85 -27.11
N GLU B 705 -11.89 -0.88 -28.24
CA GLU B 705 -12.77 -1.99 -28.55
C GLU B 705 -12.02 -3.24 -29.01
N ALA B 706 -10.74 -3.11 -29.38
CA ALA B 706 -9.94 -4.29 -29.66
C ALA B 706 -9.65 -5.08 -28.39
N PHE B 707 -9.71 -4.45 -27.23
CA PHE B 707 -9.43 -5.08 -25.95
C PHE B 707 -10.69 -5.40 -25.15
N MET B 708 -11.74 -4.59 -25.25
CA MET B 708 -12.95 -4.87 -24.49
C MET B 708 -13.83 -5.93 -25.16
N GLN B 709 -13.45 -6.43 -26.32
CA GLN B 709 -14.13 -7.56 -26.95
C GLN B 709 -13.13 -8.70 -27.14
N GLN B 710 -12.34 -8.98 -26.11
CA GLN B 710 -11.21 -9.89 -26.21
C GLN B 710 -11.61 -11.35 -26.02
N ASP B 711 -12.91 -11.63 -25.90
CA ASP B 711 -13.56 -12.95 -25.80
C ASP B 711 -13.32 -13.60 -24.44
N ILE B 712 -12.47 -13.01 -23.61
CA ILE B 712 -12.36 -13.39 -22.20
C ILE B 712 -13.05 -12.30 -21.40
N LEU B 713 -12.99 -11.06 -21.88
CA LEU B 713 -13.75 -9.97 -21.29
C LEU B 713 -15.19 -9.92 -21.78
N LYS B 714 -15.54 -10.75 -22.76
CA LYS B 714 -16.95 -10.88 -23.15
C LYS B 714 -17.69 -11.77 -22.16
N THR B 715 -17.14 -12.96 -21.89
CA THR B 715 -17.76 -13.88 -20.94
C THR B 715 -17.62 -13.39 -19.50
N LEU B 716 -16.63 -12.57 -19.19
CA LEU B 716 -16.46 -12.12 -17.81
C LEU B 716 -17.45 -11.03 -17.44
N ARG B 717 -17.89 -10.22 -18.40
CA ARG B 717 -19.00 -9.32 -18.15
C ARG B 717 -20.34 -9.95 -18.49
N TRP B 718 -20.35 -11.04 -19.23
CA TRP B 718 -21.55 -11.87 -19.34
C TRP B 718 -21.84 -12.58 -18.02
N GLY B 719 -20.81 -12.83 -17.22
CA GLY B 719 -20.93 -13.35 -15.87
C GLY B 719 -21.33 -12.34 -14.81
N ARG B 720 -21.75 -11.13 -15.21
CA ARG B 720 -22.43 -10.25 -14.26
C ARG B 720 -23.77 -10.83 -13.85
N THR B 721 -24.40 -11.63 -14.72
CA THR B 721 -25.79 -12.05 -14.53
C THR B 721 -25.93 -12.99 -13.33
N PHE B 722 -24.93 -13.83 -13.08
CA PHE B 722 -25.02 -14.78 -11.97
C PHE B 722 -24.92 -14.13 -10.61
N GLY B 723 -24.51 -12.86 -10.53
CA GLY B 723 -24.62 -12.09 -9.31
C GLY B 723 -25.76 -11.10 -9.41
N ASP B 724 -26.13 -10.75 -10.64
CA ASP B 724 -27.15 -9.75 -10.89
C ASP B 724 -28.55 -10.25 -10.59
N VAL B 725 -28.85 -11.50 -10.94
CA VAL B 725 -30.14 -12.08 -10.55
C VAL B 725 -30.24 -12.23 -9.05
N VAL B 726 -29.12 -12.52 -8.36
CA VAL B 726 -29.12 -12.62 -6.91
C VAL B 726 -29.37 -11.26 -6.27
N PHE B 727 -28.71 -10.22 -6.80
CA PHE B 727 -28.96 -8.85 -6.33
C PHE B 727 -30.38 -8.40 -6.63
N LEU B 728 -30.93 -8.86 -7.76
CA LEU B 728 -32.30 -8.47 -8.13
C LEU B 728 -33.31 -9.16 -7.23
N LEU B 729 -33.06 -10.41 -6.85
CA LEU B 729 -33.94 -11.10 -5.90
C LEU B 729 -33.85 -10.47 -4.52
N GLY B 730 -32.66 -10.06 -4.10
CA GLY B 730 -32.53 -9.38 -2.81
C GLY B 730 -33.23 -8.02 -2.78
N ALA B 731 -33.03 -7.22 -3.83
CA ALA B 731 -33.68 -5.91 -3.91
C ALA B 731 -35.19 -6.05 -4.05
N LEU B 732 -35.64 -7.07 -4.79
CA LEU B 732 -37.07 -7.30 -4.95
C LEU B 732 -37.71 -7.76 -3.64
N ALA B 733 -37.00 -8.59 -2.86
CA ALA B 733 -37.52 -9.00 -1.57
C ALA B 733 -37.57 -7.83 -0.59
N MET B 734 -36.61 -6.91 -0.66
CA MET B 734 -36.67 -5.70 0.15
C MET B 734 -37.84 -4.81 -0.25
N VAL B 735 -38.09 -4.69 -1.55
CA VAL B 735 -39.20 -3.86 -2.04
C VAL B 735 -40.54 -4.45 -1.62
N VAL B 736 -40.75 -5.76 -1.83
CA VAL B 736 -41.99 -6.41 -1.42
C VAL B 736 -42.17 -6.38 0.09
N GLN B 737 -41.07 -6.47 0.86
CA GLN B 737 -41.17 -6.37 2.31
C GLN B 737 -41.63 -4.99 2.74
N VAL B 738 -41.09 -3.92 2.13
CA VAL B 738 -41.49 -2.57 2.55
C VAL B 738 -42.91 -2.25 2.07
N ILE B 739 -43.31 -2.72 0.89
CA ILE B 739 -44.67 -2.47 0.41
C ILE B 739 -45.70 -3.23 1.25
N LEU B 740 -45.41 -4.50 1.61
CA LEU B 740 -46.30 -5.22 2.50
C LEU B 740 -46.30 -4.65 3.91
N GLY B 741 -45.22 -3.97 4.31
CA GLY B 741 -45.21 -3.28 5.59
C GLY B 741 -46.02 -2.00 5.57
N LEU B 742 -46.07 -1.32 4.43
CA LEU B 742 -46.76 -0.03 4.35
C LEU B 742 -48.27 -0.16 4.19
N LEU B 743 -48.80 -1.38 4.07
CA LEU B 743 -50.24 -1.57 3.94
C LEU B 743 -50.68 -2.88 4.62
CHA HEM C . 24.31 -1.62 9.12
CHB HEM C . 25.41 2.29 11.76
CHC HEM C . 23.46 0.21 15.65
CHD HEM C . 22.31 -3.70 13.02
C1A HEM C . 24.81 -0.40 9.50
C2A HEM C . 25.59 0.50 8.67
C3A HEM C . 25.90 1.57 9.40
C4A HEM C . 25.32 1.39 10.71
CMA HEM C . 26.72 2.78 8.93
CAA HEM C . 26.01 0.24 7.22
CBA HEM C . 25.06 0.93 6.24
CGA HEM C . 25.56 0.59 4.87
O1A HEM C . 25.68 -0.62 4.56
O2A HEM C . 25.86 1.53 4.08
C1B HEM C . 24.99 2.05 13.04
C2B HEM C . 25.13 2.98 14.14
C3B HEM C . 24.60 2.41 15.24
C4B HEM C . 24.10 1.12 14.84
CMB HEM C . 25.82 4.34 13.93
CAB HEM C . 24.45 2.90 16.71
CBB HEM C . 24.83 4.07 17.23
C1C HEM C . 22.98 -1.02 15.27
C2C HEM C . 22.32 -1.94 16.14
C3C HEM C . 21.98 -3.04 15.47
C4C HEM C . 22.43 -2.85 14.09
CMC HEM C . 22.05 -1.69 17.63
CAC HEM C . 21.25 -4.22 16.14
CBC HEM C . 21.08 -5.43 15.61
C1D HEM C . 22.72 -3.45 11.73
C2D HEM C . 22.45 -4.28 10.58
C3D HEM C . 23.00 -3.70 9.51
C4D HEM C . 23.64 -2.48 9.94
CMD HEM C . 21.67 -5.60 10.56
CAD HEM C . 22.94 -4.24 8.08
CBD HEM C . 21.86 -3.54 7.30
CGD HEM C . 21.96 -3.98 5.86
O1D HEM C . 22.99 -4.58 5.48
O2D HEM C . 21.01 -3.72 5.09
NA HEM C . 24.67 0.18 10.74
NB HEM C . 24.35 0.93 13.49
NC HEM C . 23.03 -1.60 14.02
ND HEM C . 23.45 -2.36 11.29
FE HEM C . 23.94 -0.75 12.41
CHA HEM D . 15.08 -7.00 4.57
CHB HEM D . 15.21 -7.92 9.30
CHC HEM D . 10.40 -8.15 9.42
CHD HEM D . 10.24 -6.99 4.70
C1A HEM D . 15.55 -7.16 5.85
C2A HEM D . 16.90 -6.96 6.34
C3A HEM D . 16.91 -7.22 7.64
C4A HEM D . 15.58 -7.59 8.04
CMA HEM D . 18.10 -7.15 8.61
CAA HEM D . 18.15 -6.53 5.52
CBA HEM D . 18.52 -7.58 4.49
CGA HEM D . 19.80 -7.17 3.82
O1A HEM D . 20.59 -6.46 4.49
O2A HEM D . 20.04 -7.56 2.65
C1B HEM D . 13.93 -8.06 9.74
C2B HEM D . 13.55 -8.35 11.09
C3B HEM D . 12.24 -8.42 11.18
C4B HEM D . 11.71 -8.17 9.84
CMB HEM D . 14.55 -8.54 12.24
CAB HEM D . 11.53 -8.73 12.53
CBB HEM D . 10.20 -8.82 12.71
C1C HEM D . 9.96 -7.89 8.15
C2C HEM D . 8.59 -7.96 7.75
C3C HEM D . 8.49 -7.65 6.46
C4C HEM D . 9.84 -7.36 5.98
CMC HEM D . 7.41 -8.34 8.67
CAC HEM D . 7.11 -7.65 5.77
CBC HEM D . 6.89 -7.30 4.51
C1D HEM D . 11.53 -6.96 4.23
C2D HEM D . 11.95 -6.84 2.85
C3D HEM D . 13.28 -6.83 2.81
C4D HEM D . 13.77 -6.96 4.17
CMD HEM D . 11.04 -6.72 1.62
CAD HEM D . 14.12 -6.75 1.52
CBD HEM D . 14.97 -5.49 1.40
CGD HEM D . 16.22 -5.84 0.65
O1D HEM D . 16.48 -7.06 0.45
O2D HEM D . 16.98 -4.91 0.28
NA HEM D . 14.76 -7.54 6.92
NB HEM D . 12.78 -7.96 9.00
NC HEM D . 10.70 -7.52 7.05
ND HEM D . 12.67 -7.03 5.01
FE HEM D . 12.72 -7.53 6.99
FE FE E . 12.26 -11.19 5.03
CA CA F . 21.95 -5.33 3.37
N1 LOP G . 19.33 19.05 -9.07
C1 LOP G . 19.14 19.53 -7.72
C2 LOP G . 17.66 19.87 -7.51
O1 LOP G . 16.89 18.98 -8.25
P1 LOP G . 15.30 18.79 -7.84
O2 LOP G . 15.22 18.01 -6.38
O3 LOP G . 14.60 17.97 -8.88
O4 LOP G . 14.64 20.14 -7.73
C3 LOP G . 14.38 16.89 -6.28
C4 LOP G . 14.82 16.01 -5.12
C5 LOP G . 16.26 16.31 -4.73
O5 LOP G . 13.98 16.25 -4.02
O6 LOP G . 16.31 16.64 -3.37
C6 LOP G . 13.45 15.10 -3.44
O7 LOP G . 13.22 14.14 -4.11
C7 LOP G . 13.16 15.06 -1.95
C8 LOP G . 12.44 13.75 -1.60
C9 LOP G . 11.72 13.90 -0.27
C10 LOP G . 12.69 13.70 0.87
C11 LOP G . 11.90 13.30 2.11
C12 LOP G . 12.40 14.07 3.33
C13 LOP G . 11.42 13.95 4.49
C14 LOP G . 10.90 12.52 4.62
C15 LOP G . 10.67 11.97 5.80
C16 LOP G . 10.89 12.74 7.10
C17 LOP G . 10.39 11.91 8.26
C18 LOP G . 9.61 12.80 9.23
C19 LOP G . 8.76 11.93 10.15
C20 LOP G . 7.93 12.82 11.07
C24 LOP G . 17.24 17.63 -3.04
O8 LOP G . 18.06 17.98 -3.83
C25 LOP G . 17.20 18.25 -1.64
C26 LOP G . 15.80 18.07 -1.08
C27 LOP G . 15.83 18.28 0.43
C28 LOP G . 14.83 17.33 1.08
C29 LOP G . 15.42 16.75 2.36
C30 LOP G . 14.59 17.21 3.55
C31 LOP G . 15.29 16.81 4.85
C32 LOP G . 14.33 16.98 6.01
C33 LOP G . 15.09 16.85 7.33
C34 LOP G . 14.89 15.45 7.91
C35 LOP G . 13.41 15.26 8.26
CHA HEM H . -22.67 2.30 -12.55
CHB HEM H . -24.75 -2.04 -13.07
CHC HEM H . -26.77 -1.58 -8.72
CHD HEM H . -24.64 2.73 -8.13
C1A HEM H . -23.10 1.11 -13.09
C2A HEM H . -22.85 0.65 -14.43
C3A HEM H . -23.42 -0.54 -14.58
C4A HEM H . -24.05 -0.88 -13.33
CMA HEM H . -23.40 -1.42 -15.85
CAA HEM H . -22.06 1.41 -15.51
CBA HEM H . -20.61 0.95 -15.57
CGA HEM H . -19.96 1.76 -16.65
O1A HEM H . -19.99 3.01 -16.54
O2A HEM H . -19.42 1.17 -17.61
C1B HEM H . -25.49 -2.28 -11.94
C2B HEM H . -26.31 -3.45 -11.72
C3B HEM H . -26.89 -3.34 -10.50
C4B HEM H . -26.44 -2.08 -9.94
CMB HEM H . -26.40 -4.55 -12.79
CAB HEM H . -27.86 -4.25 -9.71
CBB HEM H . -28.41 -5.41 -10.10
C1C HEM H . -26.36 -0.38 -8.18
C2C HEM H . -26.74 0.10 -6.89
C3C HEM H . -26.18 1.29 -6.68
C4C HEM H . -25.39 1.61 -7.87
CMC HEM H . -27.66 -0.64 -5.90
CAC HEM H . -26.40 2.08 -5.36
CBC HEM H . -26.07 3.36 -5.16
C1D HEM H . -23.89 2.96 -9.26
C2D HEM H . -22.98 4.06 -9.47
C3D HEM H . -22.44 3.93 -10.67
C4D HEM H . -22.99 2.76 -11.29
CMD HEM H . -22.66 5.19 -8.47
CAD HEM H . -21.42 4.89 -11.30
CBD HEM H . -20.01 4.32 -11.14
CGD HEM H . -19.07 5.21 -11.91
O1D HEM H . -19.55 6.04 -12.71
O2D HEM H . -17.84 5.09 -11.72
NA HEM H . -23.84 0.15 -12.43
NB HEM H . -25.59 -1.47 -10.84
NC HEM H . -25.54 0.56 -8.76
ND HEM H . -23.87 2.18 -10.40
FE HEM H . -24.77 0.39 -10.65
CHA HEM I . -14.16 7.40 -6.52
CHB HEM I . -17.94 6.78 -3.60
CHC HEM I . -14.99 6.22 0.16
CHD HEM I . -11.16 6.61 -2.81
C1A HEM I . -15.45 7.21 -6.08
C2A HEM I . -16.66 7.08 -6.90
C3A HEM I . -17.68 6.90 -6.07
C4A HEM I . -17.18 6.92 -4.72
CMA HEM I . -19.16 6.72 -6.42
CAA HEM I . -16.78 7.11 -8.44
CBA HEM I . -16.38 8.49 -8.98
CGA HEM I . -16.64 8.51 -10.46
O1A HEM I . -17.56 7.78 -10.89
O2A HEM I . -15.95 9.27 -11.19
C1B HEM I . -17.48 6.58 -2.33
C2B HEM I . -18.29 6.37 -1.18
C3B HEM I . -17.53 6.20 -0.11
C4B HEM I . -16.15 6.32 -0.58
CMB HEM I . -19.83 6.34 -1.21
CAB HEM I . -18.12 5.95 1.30
CBB HEM I . -17.43 5.74 2.42
C1C HEM I . -13.71 6.32 -0.32
C2C HEM I . -12.54 6.32 0.51
C3C HEM I . -11.46 6.42 -0.27
C4C HEM I . -11.92 6.50 -1.65
CMC HEM I . -12.53 6.21 2.03
CAC HEM I . -10.06 6.44 0.37
CBC HEM I . -8.91 6.45 -0.30
C1D HEM I . -11.62 6.92 -4.06
C2D HEM I . -10.84 7.31 -5.21
C3D HEM I . -11.65 7.51 -6.24
C4D HEM I . -13.01 7.29 -5.78
CMD HEM I . -9.30 7.45 -5.27
CAD HEM I . -11.20 7.98 -7.64
CBD HEM I . -11.48 6.97 -8.75
CGD HEM I . -11.78 7.74 -10.01
O1D HEM I . -11.95 8.98 -9.93
O2D HEM I . -11.85 7.11 -11.09
NA HEM I . -15.80 7.11 -4.76
NB HEM I . -16.15 6.54 -1.93
NC HEM I . -13.30 6.43 -1.64
ND HEM I . -12.95 6.91 -4.45
FE HEM I . -14.55 6.77 -3.19
FE FE J . -13.29 10.69 -2.81
CA CA K . -17.41 7.27 -12.92
N1 LOP L . 1.57 10.80 24.76
C1 LOP L . 2.03 9.99 25.86
C2 LOP L . 3.50 10.29 26.15
O1 LOP L . 3.98 9.41 27.13
P1 LOP L . 5.42 8.66 26.87
O2 LOP L . 5.35 7.79 25.47
O3 LOP L . 5.72 7.73 28.02
O4 LOP L . 6.53 9.69 26.77
C3 LOP L . 5.01 6.43 25.55
C4 LOP L . 4.58 5.93 24.18
C5 LOP L . 3.27 5.17 24.32
O5 LOP L . 4.38 7.02 23.33
O6 LOP L . 2.37 5.93 25.08
C6 LOP L . 5.03 6.93 22.11
O7 LOP L . 6.21 6.88 22.07
C7 LOP L . 4.22 6.87 20.81
C8 LOP L . 4.50 8.12 19.97
C9 LOP L . 4.58 7.73 18.50
C10 LOP L . 5.07 8.92 17.68
C11 LOP L . 6.43 8.58 17.08
C12 LOP L . 6.46 8.97 15.60
C13 LOP L . 5.41 8.19 14.81
C14 LOP L . 5.60 8.47 13.33
C15 LOP L . 5.39 7.51 12.45
C16 LOP L . 5.57 7.78 10.95
C17 LOP L . 5.04 9.17 10.61
C18 LOP L . 3.96 9.08 9.53
C19 LOP L . 4.61 8.66 8.21
C20 LOP L . 5.59 9.73 7.72
C21 LOP L . 6.70 9.07 6.92
C22 LOP L . 7.36 10.07 5.99
C23 LOP L . 7.95 9.31 4.81
C24 LOP L . 1.10 6.05 24.53
O8 LOP L . 0.28 5.23 24.75
C25 LOP L . 0.75 7.23 23.63
C26 LOP L . -0.21 6.79 22.54
C27 LOP L . -0.53 7.98 21.64
C28 LOP L . 0.03 7.74 20.25
C29 LOP L . 0.35 9.09 19.60
C30 LOP L . -0.23 9.12 18.19
N1 LOP M . -1.65 -7.65 -23.55
C1 LOP M . -2.20 -8.86 -24.13
C2 LOP M . -1.22 -10.02 -23.95
O1 LOP M . -1.07 -10.30 -22.58
P1 LOP M . -1.40 -11.82 -22.04
O2 LOP M . -2.42 -11.75 -20.75
O3 LOP M . -0.12 -12.51 -21.63
O4 LOP M . -2.05 -12.61 -23.15
C3 LOP M . -3.32 -10.68 -20.68
C4 LOP M . -4.14 -10.77 -19.39
C5 LOP M . -5.46 -11.48 -19.69
O5 LOP M . -3.44 -11.49 -18.41
O6 LOP M . -5.29 -12.38 -20.75
C6 LOP M . -3.62 -10.98 -17.12
O7 LOP M . -3.25 -9.88 -16.86
C7 LOP M . -4.28 -11.82 -16.04
C8 LOP M . -4.63 -10.93 -14.85
C9 LOP M . -5.96 -11.41 -14.26
C10 LOP M . -6.02 -11.07 -12.78
C11 LOP M . -7.45 -11.21 -12.29
C12 LOP M . -7.54 -12.31 -11.23
C13 LOP M . -8.31 -11.79 -10.02
C14 LOP M . -9.37 -12.81 -9.64
C15 LOP M . -10.17 -12.63 -8.60
C16 LOP M . -10.07 -11.37 -7.73
C17 LOP M . -10.09 -11.77 -6.26
C18 LOP M . -11.33 -12.61 -5.95
C19 LOP M . -11.06 -13.47 -4.72
C20 LOP M . -12.38 -13.91 -4.10
C24 LOP M . -5.85 -13.66 -20.56
O8 LOP M . -6.26 -14.25 -21.49
C25 LOP M . -5.91 -14.29 -19.18
C26 LOP M . -7.36 -14.59 -18.81
C27 LOP M . -7.40 -15.29 -17.46
C28 LOP M . -7.72 -14.27 -16.37
C29 LOP M . -9.19 -14.38 -15.98
C30 LOP M . -9.33 -14.36 -14.47
C31 LOP M . -10.26 -15.47 -14.03
C32 LOP M . -11.51 -14.86 -13.41
C33 LOP M . -11.82 -15.58 -12.10
C34 LOP M . -12.94 -14.83 -11.36
C35 LOP M . -12.72 -14.96 -9.86
C1B LMT N . 6.20 0.66 -20.22
C2B LMT N . 5.95 -0.30 -21.38
C3B LMT N . 7.23 -0.61 -22.10
C4B LMT N . 7.99 0.60 -22.54
C5B LMT N . 8.16 1.63 -21.42
C6B LMT N . 8.69 2.91 -22.00
O1B LMT N . 7.00 0.01 -19.30
O2B LMT N . 5.39 -1.53 -20.91
O3B LMT N . 6.92 -1.42 -23.26
O4' LMT N . 9.29 0.19 -22.98
O5B LMT N . 6.88 1.90 -20.72
O6B LMT N . 9.66 3.45 -21.15
C1' LMT N . 5.43 0.86 -15.31
C2' LMT N . 6.15 1.96 -16.09
C3' LMT N . 6.55 1.69 -17.51
C4' LMT N . 6.75 0.23 -17.86
C5' LMT N . 5.60 -0.62 -17.32
C6' LMT N . 5.79 -2.04 -17.71
O1' LMT N . 5.94 0.92 -14.05
O2' LMT N . 5.29 3.13 -16.10
O3' LMT N . 7.80 2.39 -17.78
O5' LMT N . 5.60 -0.52 -15.84
O6' LMT N . 5.47 -2.86 -16.62
C1 LMT N . 5.21 0.22 -13.08
C2 LMT N . 3.87 0.92 -12.76
C3 LMT N . 3.78 1.16 -11.26
C4 LMT N . 2.32 1.24 -10.74
C5 LMT N . 2.34 0.81 -9.26
C6 LMT N . 0.90 0.44 -8.78
C7 LMT N . 0.98 0.04 -7.28
C1B LMT O . 11.49 8.63 -16.63
C2B LMT O . 12.58 8.14 -17.58
C3B LMT O . 12.83 9.16 -18.63
C4B LMT O . 13.25 10.50 -18.09
C5B LMT O . 12.47 10.99 -16.86
C6B LMT O . 11.47 12.04 -17.28
O1B LMT O . 11.36 7.72 -15.60
O2B LMT O . 13.80 7.88 -16.85
O3B LMT O . 11.63 9.31 -19.43
O4' LMT O . 14.64 10.46 -17.76
O5B LMT O . 11.79 9.97 -16.02
O6B LMT O . 11.70 13.22 -16.58
C1' LMT O . 8.46 5.40 -13.78
C2' LMT O . 8.66 5.16 -15.26
C3' LMT O . 9.87 5.88 -15.77
C4' LMT O . 9.97 7.32 -15.39
C5' LMT O . 9.60 7.58 -13.92
C6' LMT O . 9.40 9.04 -13.67
O1' LMT O . 7.33 4.77 -13.34
O2' LMT O . 8.85 3.76 -15.49
O3' LMT O . 9.90 5.75 -17.21
O5' LMT O . 8.38 6.86 -13.49
O6' LMT O . 8.93 9.21 -12.35
C1 LMT O . 7.08 4.99 -11.97
C2 LMT O . 6.55 3.70 -11.30
C3 LMT O . 6.98 3.72 -9.84
C4 LMT O . 6.37 2.51 -9.07
C5 LMT O . 6.77 2.53 -7.57
C6 LMT O . 5.49 2.81 -6.71
C7 LMT O . 5.72 2.29 -5.27
C8 LMT O . 4.37 2.33 -4.49
#